data_1Z8Y
#
_entry.id   1Z8Y
#
_cell.length_a   1.0
_cell.length_b   1.0
_cell.length_c   1.0
_cell.angle_alpha   90.0
_cell.angle_beta   90.0
_cell.angle_gamma   90.0
#
_symmetry.space_group_name_H-M   'P 1'
#
loop_
_entity.id
_entity.type
_entity.pdbx_description
1 polymer 'Spike glycoprotein E1'
2 polymer 'Spike glycoprotein E1'
3 polymer 'Spike glycoprotein E1'
4 polymer 'Spike glycoprotein E2'
5 polymer 'Capsid protein C'
#
loop_
_entity_poly.entity_id
_entity_poly.type
_entity_poly.pdbx_seq_one_letter_code
_entity_poly.pdbx_strand_id
1 'polypeptide(L)'
;YEHATTVPNVPQIPYKALVERAGYAPLNLEITVMSSEVLPSTNQEYITCKFTTVVPSPKIKCCGSLECQPAAHADYTCKV
FGGVYPFMWGGAQCFCDSENSQMSEAYVELSADCASDHAQAIKVHTAAMKVGLRIVYGNTTSFLDVYVNGVTPGTSKDLK
VIAGPISASFTPFDHKVVIHRGLVYNYDFPEYGAMKPGAFGDIQATSLTSKDLIASTDIRLLKPSAKNVHVPYTQASSGF
EMWKNNSGRPLQETAPFGCKIAVNPLRAVDCSYGNIPISIDIPNAAFIRT
;
A,C,E,G
2 'polypeptide(L)'
;LVSTVKCEVSECTYSADFGGMATLQYVSDREGQCPVHSHSSTATLQESTVHVLEKGAVTVHFSTASPQANFIVSLCGKKT
TCNAECKPP
;
B,D,F,H
3 'polypeptide(L)' WLFALFGGASSLLIIGLMIFACSMMLTSTRR I,K,M,O
4 'polypeptide(L)' HPVYTILAVASATVAMMIGVTVAVLCACLARRECLT J,L,N,P
5 'polypeptide(L)'
;RLFDVKNEDGDVIGHALAMEGKVMKPLHVKGTIDHPVLSKLKFTKSSAYDMEFAQLPVNMRSEAFTYTSEHPEGFYNWHH
GAVQYSGGRFTIPRGVGGRGDSGRPIMDNSGRVVAIVLGGADEGTRTALSVVTWNSKGKTIKTTPEGTEEW
;
Q,R,S,T
#
# COMPACT_ATOMS: atom_id res chain seq x y z
CA TYR A 1 13.22 -18.80 -32.60
C TYR A 1 14.15 -17.74 -32.11
N GLU A 2 14.24 -17.63 -30.78
CA GLU A 2 15.18 -16.72 -30.21
C GLU A 2 16.15 -17.57 -29.46
N HIS A 3 17.24 -17.99 -30.14
CA HIS A 3 18.19 -18.84 -29.50
C HIS A 3 19.20 -17.98 -28.81
N ALA A 4 19.85 -18.52 -27.75
CA ALA A 4 20.87 -17.77 -27.06
C ALA A 4 21.97 -18.73 -26.76
N THR A 5 23.24 -18.28 -26.90
CA THR A 5 24.34 -19.16 -26.67
C THR A 5 25.49 -18.32 -26.21
N THR A 6 26.65 -18.96 -25.92
CA THR A 6 27.85 -18.27 -25.59
C THR A 6 28.95 -19.09 -26.21
N VAL A 7 30.05 -18.45 -26.65
CA VAL A 7 31.13 -19.21 -27.21
C VAL A 7 32.40 -18.60 -26.73
N PRO A 8 33.41 -19.39 -26.46
CA PRO A 8 34.62 -18.82 -25.94
C PRO A 8 35.33 -17.99 -26.94
N ASN A 9 36.09 -16.98 -26.49
CA ASN A 9 36.76 -16.15 -27.44
C ASN A 9 38.05 -16.86 -27.76
N VAL A 10 38.01 -17.76 -28.77
CA VAL A 10 39.21 -18.45 -29.13
C VAL A 10 39.20 -18.66 -30.62
N PRO A 11 40.26 -18.27 -31.26
CA PRO A 11 40.31 -18.39 -32.68
C PRO A 11 40.46 -19.82 -33.11
N GLN A 12 39.98 -20.13 -34.33
CA GLN A 12 40.14 -21.42 -34.96
C GLN A 12 39.54 -22.53 -34.16
N ILE A 13 38.58 -22.27 -33.25
CA ILE A 13 38.03 -23.42 -32.58
C ILE A 13 36.62 -23.60 -33.04
N PRO A 14 36.36 -24.68 -33.71
CA PRO A 14 35.04 -24.91 -34.25
C PRO A 14 34.02 -25.02 -33.17
N TYR A 15 32.87 -24.33 -33.35
CA TYR A 15 31.87 -24.31 -32.33
C TYR A 15 30.64 -24.92 -32.90
N LYS A 16 29.91 -25.69 -32.07
CA LYS A 16 28.73 -26.31 -32.53
C LYS A 16 27.67 -26.09 -31.49
N ALA A 17 26.47 -25.71 -31.95
CA ALA A 17 25.36 -25.53 -31.07
C ALA A 17 24.31 -26.40 -31.66
N LEU A 18 23.57 -27.12 -30.80
CA LEU A 18 22.55 -27.97 -31.34
C LEU A 18 21.26 -27.40 -30.89
N VAL A 19 20.45 -26.92 -31.86
CA VAL A 19 19.19 -26.37 -31.50
C VAL A 19 18.16 -27.33 -31.99
N GLU A 20 17.38 -27.89 -31.06
CA GLU A 20 16.33 -28.80 -31.40
C GLU A 20 15.17 -28.35 -30.60
N ARG A 21 14.01 -28.10 -31.26
CA ARG A 21 12.90 -27.66 -30.47
C ARG A 21 11.66 -28.03 -31.21
N ALA A 22 10.56 -28.26 -30.46
CA ALA A 22 9.26 -28.48 -31.04
C ALA A 22 9.34 -29.48 -32.15
N GLY A 23 8.32 -29.45 -33.01
CA GLY A 23 8.11 -30.37 -34.10
C GLY A 23 9.28 -30.43 -35.05
N TYR A 24 10.16 -29.42 -35.07
CA TYR A 24 11.21 -29.30 -36.06
C TYR A 24 12.37 -30.23 -35.86
N ALA A 25 12.88 -30.81 -36.97
CA ALA A 25 14.05 -31.63 -36.91
C ALA A 25 15.14 -30.75 -36.37
N PRO A 26 16.00 -31.27 -35.53
CA PRO A 26 16.99 -30.44 -34.89
C PRO A 26 17.90 -29.81 -35.89
N LEU A 27 18.57 -28.70 -35.49
CA LEU A 27 19.40 -27.93 -36.37
C LEU A 27 20.73 -27.70 -35.73
N ASN A 28 21.82 -27.74 -36.54
CA ASN A 28 23.15 -27.55 -36.00
C ASN A 28 23.74 -26.25 -36.51
N LEU A 29 23.97 -25.29 -35.59
CA LEU A 29 24.54 -24.02 -35.99
C LEU A 29 25.97 -23.98 -35.53
N GLU A 30 26.92 -23.85 -36.48
CA GLU A 30 28.31 -23.83 -36.13
C GLU A 30 28.94 -22.52 -36.48
N ILE A 31 29.54 -21.82 -35.49
CA ILE A 31 30.21 -20.58 -35.80
C ILE A 31 31.48 -20.44 -34.98
N THR A 32 32.63 -20.20 -35.66
CA THR A 32 33.93 -20.08 -35.03
C THR A 32 34.57 -18.78 -35.45
N VAL A 33 35.13 -18.02 -34.48
CA VAL A 33 35.72 -16.72 -34.77
C VAL A 33 37.03 -16.86 -35.50
N MET A 34 37.17 -16.10 -36.62
CA MET A 34 38.36 -16.03 -37.44
C MET A 34 39.45 -15.21 -36.80
N SER A 35 39.11 -14.08 -36.14
CA SER A 35 40.15 -13.31 -35.54
C SER A 35 39.53 -12.11 -34.89
N SER A 36 39.92 -11.85 -33.64
CA SER A 36 39.44 -10.72 -32.90
C SER A 36 40.37 -9.60 -33.24
N GLU A 37 40.19 -8.43 -32.60
CA GLU A 37 41.08 -7.33 -32.76
C GLU A 37 40.70 -6.32 -31.72
N VAL A 38 41.51 -6.11 -30.68
CA VAL A 38 41.09 -5.12 -29.73
C VAL A 38 41.74 -3.82 -30.09
N LEU A 39 40.91 -2.82 -30.47
CA LEU A 39 41.46 -1.57 -30.89
C LEU A 39 40.99 -0.51 -29.94
N PRO A 40 41.90 0.02 -29.16
CA PRO A 40 41.51 1.08 -28.27
C PRO A 40 41.37 2.37 -29.00
N SER A 41 40.39 3.21 -28.62
CA SER A 41 40.26 4.47 -29.29
C SER A 41 41.26 5.37 -28.63
N THR A 42 42.17 5.95 -29.44
CA THR A 42 43.23 6.72 -28.85
C THR A 42 43.13 8.14 -29.31
N ASN A 43 43.75 9.06 -28.53
CA ASN A 43 43.77 10.44 -28.90
C ASN A 43 45.17 10.94 -28.72
N GLN A 44 45.80 11.40 -29.81
CA GLN A 44 47.16 11.85 -29.66
C GLN A 44 47.15 13.03 -28.75
N GLU A 45 47.83 12.89 -27.60
CA GLU A 45 47.98 13.97 -26.66
C GLU A 45 49.05 14.90 -27.14
N TYR A 46 50.21 14.33 -27.57
CA TYR A 46 51.27 15.19 -28.03
C TYR A 46 52.36 14.38 -28.69
N ILE A 47 53.44 15.08 -29.11
CA ILE A 47 54.55 14.44 -29.76
C ILE A 47 55.83 14.92 -29.16
N THR A 48 56.87 14.06 -29.17
CA THR A 48 58.13 14.45 -28.63
C THR A 48 59.25 13.88 -29.47
N CYS A 49 60.39 14.60 -29.50
CA CYS A 49 61.59 14.25 -30.22
C CYS A 49 62.67 15.01 -29.54
N LYS A 50 63.87 15.01 -30.14
CA LYS A 50 64.97 15.79 -29.62
C LYS A 50 64.83 17.18 -30.16
N PHE A 51 65.37 18.18 -29.44
CA PHE A 51 65.23 19.56 -29.81
C PHE A 51 66.52 20.12 -30.33
N THR A 52 66.44 21.37 -30.85
CA THR A 52 67.58 22.10 -31.34
C THR A 52 67.57 23.43 -30.63
N THR A 53 68.73 23.84 -30.08
CA THR A 53 68.78 25.06 -29.33
C THR A 53 69.08 26.21 -30.25
N VAL A 54 68.36 27.34 -30.06
CA VAL A 54 68.63 28.47 -30.90
C VAL A 54 69.08 29.60 -30.02
N VAL A 55 70.27 30.17 -30.31
CA VAL A 55 70.75 31.25 -29.48
C VAL A 55 71.06 32.42 -30.38
N PRO A 56 70.34 33.48 -30.21
CA PRO A 56 70.52 34.64 -31.05
C PRO A 56 71.83 35.32 -30.78
N SER A 57 72.17 36.38 -31.56
CA SER A 57 73.39 37.09 -31.33
C SER A 57 73.18 37.97 -30.14
N PRO A 58 74.22 38.13 -29.35
CA PRO A 58 74.12 38.94 -28.17
C PRO A 58 73.97 40.38 -28.52
N LYS A 59 73.28 41.16 -27.66
CA LYS A 59 73.14 42.56 -27.94
C LYS A 59 73.93 43.30 -26.91
N ILE A 60 75.11 43.79 -27.32
CA ILE A 60 75.99 44.50 -26.45
C ILE A 60 75.73 45.96 -26.65
N LYS A 61 75.74 46.75 -25.55
CA LYS A 61 75.51 48.16 -25.69
C LYS A 61 76.33 48.88 -24.67
N CYS A 62 77.31 49.67 -25.11
CA CYS A 62 78.18 50.36 -24.21
C CYS A 62 77.45 51.48 -23.54
N CYS A 63 77.59 51.56 -22.20
CA CYS A 63 77.10 52.64 -21.40
C CYS A 63 75.66 52.90 -21.73
N GLY A 64 74.84 51.83 -21.74
CA GLY A 64 73.45 52.01 -22.03
C GLY A 64 72.70 50.86 -21.40
N SER A 65 71.38 51.03 -21.21
CA SER A 65 70.65 49.97 -20.56
C SER A 65 69.82 49.26 -21.56
N LEU A 66 69.96 47.92 -21.59
CA LEU A 66 69.15 47.08 -22.42
C LEU A 66 68.07 46.53 -21.56
N GLU A 67 67.08 45.87 -22.19
CA GLU A 67 66.04 45.28 -21.39
C GLU A 67 65.27 44.37 -22.29
N CYS A 68 65.34 43.06 -22.02
CA CYS A 68 64.63 42.15 -22.89
C CYS A 68 63.19 42.12 -22.52
N GLN A 69 62.34 41.95 -23.54
CA GLN A 69 60.91 41.90 -23.44
C GLN A 69 60.54 40.45 -23.55
N PRO A 70 59.38 40.09 -23.05
CA PRO A 70 58.98 38.72 -23.09
C PRO A 70 58.74 38.25 -24.49
N ALA A 71 58.96 36.94 -24.75
CA ALA A 71 58.79 36.42 -26.08
C ALA A 71 58.06 35.12 -26.01
N ALA A 72 57.27 34.86 -27.08
CA ALA A 72 56.39 33.76 -27.28
C ALA A 72 57.10 32.43 -27.30
N HIS A 73 58.39 32.42 -27.71
CA HIS A 73 59.18 31.24 -27.96
C HIS A 73 59.18 30.23 -26.85
N ALA A 74 59.47 28.96 -27.22
CA ALA A 74 59.47 27.85 -26.30
C ALA A 74 60.69 27.84 -25.43
N ASP A 75 60.46 27.87 -24.11
CA ASP A 75 61.50 27.87 -23.11
C ASP A 75 62.32 29.12 -23.26
N TYR A 76 61.68 30.19 -23.75
CA TYR A 76 62.35 31.43 -24.04
C TYR A 76 62.99 31.97 -22.80
N THR A 77 64.31 32.25 -22.91
CA THR A 77 65.06 32.80 -21.82
C THR A 77 65.75 34.03 -22.32
N CYS A 78 66.02 34.97 -21.40
CA CYS A 78 66.75 36.16 -21.75
C CYS A 78 67.15 36.80 -20.45
N LYS A 79 68.26 37.56 -20.46
CA LYS A 79 68.66 38.20 -19.25
C LYS A 79 69.60 39.31 -19.61
N VAL A 80 69.40 40.49 -19.01
CA VAL A 80 70.29 41.58 -19.28
C VAL A 80 71.39 41.52 -18.26
N PHE A 81 72.65 41.55 -18.70
CA PHE A 81 73.77 41.47 -17.80
C PHE A 81 74.37 42.84 -17.67
N GLY A 82 75.20 43.05 -16.63
CA GLY A 82 75.82 44.34 -16.44
C GLY A 82 77.23 44.12 -15.93
N GLY A 83 78.09 45.14 -16.07
CA GLY A 83 79.45 45.03 -15.62
C GLY A 83 80.08 43.97 -16.46
N VAL A 84 79.53 43.81 -17.69
CA VAL A 84 79.91 42.78 -18.60
C VAL A 84 81.30 42.89 -19.13
N TYR A 85 81.63 43.98 -19.85
CA TYR A 85 82.94 44.06 -20.41
C TYR A 85 83.51 45.36 -19.97
N PRO A 86 84.34 45.29 -18.96
CA PRO A 86 84.86 46.44 -18.27
C PRO A 86 85.35 47.59 -19.09
N PHE A 87 86.29 47.37 -20.03
CA PHE A 87 86.82 48.49 -20.75
C PHE A 87 86.97 48.04 -22.17
N MET A 88 87.77 48.80 -22.96
CA MET A 88 87.97 48.45 -24.34
C MET A 88 88.63 47.11 -24.37
N TRP A 89 89.57 46.89 -23.46
CA TRP A 89 90.27 45.64 -23.34
C TRP A 89 89.27 44.63 -22.88
N GLY A 90 88.12 45.13 -22.41
CA GLY A 90 87.04 44.38 -21.84
C GLY A 90 86.54 43.33 -22.80
N GLY A 91 86.73 43.53 -24.12
CA GLY A 91 86.34 42.52 -25.08
C GLY A 91 85.27 43.06 -25.97
N ALA A 92 84.53 44.06 -25.46
CA ALA A 92 83.53 44.85 -26.11
C ALA A 92 84.11 46.01 -26.86
N GLN A 93 85.32 46.47 -26.47
CA GLN A 93 85.86 47.67 -27.01
C GLN A 93 84.94 48.79 -26.61
N CYS A 94 84.41 48.70 -25.37
CA CYS A 94 83.51 49.68 -24.80
C CYS A 94 84.28 50.61 -23.90
N PHE A 95 83.72 51.82 -23.70
CA PHE A 95 84.27 52.82 -22.81
C PHE A 95 84.04 52.61 -21.34
N CYS A 96 82.75 52.60 -20.92
CA CYS A 96 82.39 52.64 -19.52
C CYS A 96 82.83 51.42 -18.79
N ASP A 97 83.09 51.57 -17.48
CA ASP A 97 83.58 50.53 -16.63
C ASP A 97 82.58 49.43 -16.46
N SER A 98 81.30 49.75 -16.17
CA SER A 98 80.39 48.67 -15.91
C SER A 98 79.02 49.00 -16.44
N GLU A 99 78.85 50.22 -16.96
CA GLU A 99 77.59 50.75 -17.41
C GLU A 99 77.08 49.92 -18.55
N ASN A 100 77.95 49.06 -19.14
CA ASN A 100 77.63 48.26 -20.28
C ASN A 100 76.66 47.16 -19.91
N SER A 101 75.71 46.86 -20.83
CA SER A 101 74.77 45.80 -20.59
C SER A 101 74.80 44.91 -21.79
N GLN A 102 74.48 43.60 -21.59
CA GLN A 102 74.44 42.68 -22.68
C GLN A 102 73.17 41.93 -22.58
N MET A 103 72.43 41.84 -23.70
CA MET A 103 71.20 41.11 -23.68
C MET A 103 71.51 39.73 -24.17
N SER A 104 71.14 38.71 -23.40
CA SER A 104 71.36 37.37 -23.87
C SER A 104 70.02 36.73 -23.97
N GLU A 105 69.87 35.72 -24.85
CA GLU A 105 68.61 35.08 -25.00
C GLU A 105 68.80 33.81 -25.79
N ALA A 106 67.82 32.88 -25.68
CA ALA A 106 67.90 31.63 -26.40
C ALA A 106 66.59 30.92 -26.21
N TYR A 107 66.29 29.93 -27.08
CA TYR A 107 65.08 29.16 -26.91
C TYR A 107 65.22 27.82 -27.56
N VAL A 108 64.18 26.99 -27.46
CA VAL A 108 64.27 25.66 -28.00
C VAL A 108 63.27 25.48 -29.10
N GLU A 109 63.73 24.83 -30.18
CA GLU A 109 62.90 24.56 -31.33
C GLU A 109 62.98 23.07 -31.53
N LEU A 110 61.92 22.48 -32.11
CA LEU A 110 61.93 21.06 -32.32
C LEU A 110 63.05 20.78 -33.26
N SER A 111 63.77 19.67 -33.04
CA SER A 111 64.88 19.35 -33.89
C SER A 111 64.35 19.14 -35.27
N ALA A 112 65.24 19.18 -36.28
CA ALA A 112 64.87 19.00 -37.65
C ALA A 112 64.40 17.59 -37.92
N ASP A 113 65.11 16.62 -37.32
CA ASP A 113 64.94 15.21 -37.53
C ASP A 113 63.60 14.77 -37.00
N CYS A 114 62.91 15.64 -36.26
CA CYS A 114 61.72 15.24 -35.57
C CYS A 114 60.66 14.67 -36.47
N ALA A 115 60.33 15.34 -37.58
CA ALA A 115 59.25 14.90 -38.42
C ALA A 115 59.54 13.49 -38.86
N SER A 116 60.83 13.18 -39.09
CA SER A 116 61.18 11.86 -39.50
C SER A 116 60.83 10.88 -38.41
N ASP A 117 61.53 10.96 -37.26
CA ASP A 117 61.29 10.01 -36.21
C ASP A 117 60.88 10.74 -34.97
N HIS A 118 59.83 10.23 -34.30
CA HIS A 118 59.36 10.85 -33.09
C HIS A 118 58.53 9.85 -32.34
N ALA A 119 57.88 10.29 -31.24
CA ALA A 119 57.05 9.40 -30.48
C ALA A 119 55.75 10.09 -30.20
N GLN A 120 54.66 9.32 -30.00
CA GLN A 120 53.39 9.93 -29.77
C GLN A 120 52.83 9.50 -28.44
N ALA A 121 52.36 10.48 -27.65
CA ALA A 121 51.75 10.18 -26.38
C ALA A 121 50.28 10.16 -26.65
N ILE A 122 49.63 9.01 -26.34
CA ILE A 122 48.28 8.84 -26.75
C ILE A 122 47.47 8.52 -25.52
N LYS A 123 46.13 8.47 -25.68
CA LYS A 123 45.26 8.15 -24.58
C LYS A 123 44.42 7.00 -25.02
N VAL A 124 44.69 5.80 -24.49
CA VAL A 124 43.90 4.65 -24.85
C VAL A 124 42.59 4.75 -24.14
N HIS A 125 41.48 4.64 -24.88
CA HIS A 125 40.15 4.77 -24.34
C HIS A 125 39.45 3.47 -24.49
N THR A 126 38.25 3.38 -23.89
CA THR A 126 37.42 2.21 -23.85
C THR A 126 37.42 1.59 -25.21
N ALA A 127 38.18 0.48 -25.31
CA ALA A 127 38.41 -0.22 -26.54
C ALA A 127 37.20 -0.95 -26.96
N ALA A 128 37.18 -1.36 -28.25
CA ALA A 128 36.09 -2.09 -28.83
C ALA A 128 36.68 -3.29 -29.50
N MET A 129 35.86 -4.34 -29.71
CA MET A 129 36.40 -5.53 -30.31
C MET A 129 35.79 -5.76 -31.65
N LYS A 130 36.66 -6.14 -32.62
CA LYS A 130 36.24 -6.46 -33.94
C LYS A 130 35.86 -7.90 -33.88
N VAL A 131 35.78 -8.59 -35.04
CA VAL A 131 35.58 -10.01 -35.07
C VAL A 131 35.28 -10.45 -36.47
N GLY A 132 36.08 -11.44 -36.92
CA GLY A 132 36.14 -12.19 -38.15
C GLY A 132 35.12 -13.28 -38.26
N LEU A 133 34.27 -13.48 -37.23
CA LEU A 133 33.40 -14.62 -37.05
C LEU A 133 32.80 -15.20 -38.32
N ARG A 134 32.78 -16.55 -38.39
CA ARG A 134 32.22 -17.25 -39.52
C ARG A 134 31.07 -18.10 -39.04
N ILE A 135 29.84 -17.76 -39.44
CA ILE A 135 28.67 -18.47 -38.99
C ILE A 135 28.22 -19.41 -40.06
N VAL A 136 27.58 -20.53 -39.65
CA VAL A 136 27.08 -21.47 -40.63
C VAL A 136 25.92 -22.23 -40.06
N TYR A 137 24.96 -22.62 -40.92
CA TYR A 137 23.87 -23.46 -40.54
C TYR A 137 23.13 -23.79 -41.80
N GLY A 138 23.10 -25.09 -42.16
CA GLY A 138 22.49 -25.43 -43.41
C GLY A 138 23.44 -25.00 -44.48
N ASN A 139 23.18 -23.84 -45.13
CA ASN A 139 24.11 -23.42 -46.13
C ASN A 139 24.42 -21.97 -45.90
N THR A 140 25.58 -21.67 -45.27
CA THR A 140 25.97 -20.30 -45.08
C THR A 140 27.41 -20.26 -44.65
N THR A 141 28.31 -20.73 -45.53
CA THR A 141 29.72 -20.87 -45.27
C THR A 141 30.31 -19.51 -45.09
N SER A 142 29.51 -18.45 -45.36
CA SER A 142 29.94 -17.08 -45.37
C SER A 142 30.46 -16.58 -44.03
N PHE A 143 31.48 -15.70 -44.11
CA PHE A 143 32.10 -15.09 -42.96
C PHE A 143 31.63 -13.66 -42.88
N LEU A 144 31.65 -13.05 -41.67
CA LEU A 144 31.18 -11.69 -41.57
C LEU A 144 31.81 -10.98 -40.41
N ASP A 145 32.44 -9.81 -40.67
CA ASP A 145 33.06 -9.06 -39.61
C ASP A 145 31.97 -8.35 -38.86
N VAL A 146 32.11 -8.25 -37.51
CA VAL A 146 31.10 -7.57 -36.76
C VAL A 146 31.69 -7.07 -35.48
N TYR A 147 30.95 -6.19 -34.78
CA TYR A 147 31.39 -5.63 -33.54
C TYR A 147 30.90 -6.52 -32.43
N VAL A 148 31.74 -6.76 -31.41
CA VAL A 148 31.31 -7.61 -30.34
C VAL A 148 30.87 -6.79 -29.18
N ASN A 149 29.68 -6.19 -29.30
CA ASN A 149 29.12 -5.37 -28.26
C ASN A 149 27.71 -5.80 -28.10
N GLY A 150 27.05 -5.34 -27.02
CA GLY A 150 25.71 -5.72 -26.72
C GLY A 150 24.76 -5.25 -27.78
N VAL A 151 25.09 -4.13 -28.47
CA VAL A 151 24.20 -3.59 -29.47
C VAL A 151 24.21 -4.14 -30.88
N THR A 152 25.37 -4.02 -31.57
CA THR A 152 25.45 -4.19 -33.00
C THR A 152 24.84 -5.48 -33.45
N PRO A 153 23.84 -5.30 -34.28
CA PRO A 153 23.13 -6.40 -34.90
C PRO A 153 23.85 -6.79 -36.15
N GLY A 154 23.33 -7.80 -36.89
CA GLY A 154 23.91 -8.18 -38.14
C GLY A 154 23.12 -9.33 -38.65
N THR A 155 22.71 -9.30 -39.93
CA THR A 155 21.89 -10.37 -40.40
C THR A 155 22.66 -11.23 -41.34
N SER A 156 22.47 -12.55 -41.17
CA SER A 156 23.05 -13.53 -42.04
C SER A 156 21.99 -14.56 -42.22
N LYS A 157 21.80 -15.02 -43.47
CA LYS A 157 20.85 -16.03 -43.81
C LYS A 157 19.52 -15.70 -43.20
N ASP A 158 19.15 -14.41 -43.24
CA ASP A 158 17.88 -13.93 -42.75
C ASP A 158 17.77 -14.13 -41.26
N LEU A 159 18.90 -14.23 -40.55
CA LEU A 159 18.85 -14.44 -39.12
C LEU A 159 19.59 -13.30 -38.47
N LYS A 160 18.98 -12.65 -37.46
CA LYS A 160 19.63 -11.57 -36.76
C LYS A 160 20.64 -12.17 -35.84
N VAL A 161 21.82 -11.52 -35.73
CA VAL A 161 22.83 -12.02 -34.84
C VAL A 161 23.37 -10.88 -34.04
N ILE A 162 23.70 -11.13 -32.76
CA ILE A 162 24.29 -10.13 -31.92
C ILE A 162 25.34 -10.82 -31.11
N ALA A 163 26.65 -10.51 -31.31
CA ALA A 163 27.58 -11.15 -30.43
C ALA A 163 27.75 -10.21 -29.29
N GLY A 164 27.04 -10.48 -28.18
CA GLY A 164 26.89 -9.59 -27.06
C GLY A 164 28.20 -9.19 -26.47
N PRO A 165 28.10 -8.38 -25.45
CA PRO A 165 29.26 -7.84 -24.79
C PRO A 165 30.22 -8.93 -24.44
N ILE A 166 31.53 -8.69 -24.63
CA ILE A 166 32.51 -9.67 -24.29
C ILE A 166 32.38 -9.89 -22.82
N SER A 167 32.53 -11.15 -22.39
CA SER A 167 32.28 -11.53 -21.03
C SER A 167 33.10 -10.69 -20.10
N ALA A 168 34.17 -10.01 -20.58
CA ALA A 168 34.89 -9.20 -19.64
C ALA A 168 35.48 -8.03 -20.35
N SER A 169 36.05 -7.09 -19.58
CA SER A 169 36.69 -5.96 -20.20
C SER A 169 38.13 -5.95 -19.81
N PHE A 170 38.99 -6.60 -20.63
CA PHE A 170 40.38 -6.62 -20.32
C PHE A 170 41.12 -6.12 -21.52
N THR A 171 42.21 -5.35 -21.31
CA THR A 171 43.00 -4.89 -22.42
C THR A 171 44.44 -4.80 -22.00
N PRO A 172 45.28 -5.02 -22.97
CA PRO A 172 46.70 -4.90 -22.79
C PRO A 172 47.10 -3.46 -22.79
N PHE A 173 46.13 -2.52 -22.97
CA PHE A 173 46.52 -1.15 -23.08
C PHE A 173 46.02 -0.37 -21.91
N ASP A 174 46.91 0.45 -21.31
CA ASP A 174 46.52 1.24 -20.17
C ASP A 174 45.91 2.53 -20.63
N HIS A 175 45.66 3.45 -19.68
CA HIS A 175 45.02 4.69 -20.02
C HIS A 175 45.92 5.48 -20.90
N LYS A 176 47.23 5.52 -20.57
CA LYS A 176 48.14 6.26 -21.40
C LYS A 176 49.08 5.28 -22.01
N VAL A 177 49.38 5.44 -23.31
CA VAL A 177 50.27 4.55 -23.96
C VAL A 177 51.15 5.40 -24.83
N VAL A 178 52.30 4.87 -25.30
CA VAL A 178 53.13 5.66 -26.15
C VAL A 178 53.60 4.79 -27.27
N ILE A 179 53.77 5.38 -28.47
CA ILE A 179 54.22 4.59 -29.57
C ILE A 179 55.41 5.25 -30.19
N HIS A 180 56.49 4.49 -30.35
CA HIS A 180 57.65 4.99 -31.03
C HIS A 180 57.76 4.14 -32.25
N ARG A 181 56.78 4.30 -33.18
CA ARG A 181 56.76 3.62 -34.44
C ARG A 181 57.09 2.16 -34.37
N GLY A 182 56.07 1.28 -34.34
CA GLY A 182 56.33 -0.12 -34.46
C GLY A 182 56.29 -0.77 -33.13
N LEU A 183 56.44 0.00 -32.04
CA LEU A 183 56.37 -0.60 -30.74
C LEU A 183 55.46 0.24 -29.91
N VAL A 184 54.57 -0.41 -29.15
CA VAL A 184 53.66 0.31 -28.31
C VAL A 184 54.15 0.10 -26.91
N TYR A 185 54.12 1.17 -26.08
CA TYR A 185 54.59 1.02 -24.73
C TYR A 185 53.51 1.52 -23.82
N ASN A 186 53.07 0.69 -22.85
CA ASN A 186 52.17 1.23 -21.88
C ASN A 186 53.03 2.20 -21.16
N TYR A 187 52.51 3.41 -20.83
CA TYR A 187 53.42 4.29 -20.17
C TYR A 187 52.63 5.39 -19.56
N ASP A 188 53.28 6.21 -18.71
CA ASP A 188 52.60 7.31 -18.11
C ASP A 188 53.39 8.54 -18.42
N PHE A 189 53.18 9.12 -19.62
CA PHE A 189 53.88 10.30 -20.03
C PHE A 189 53.34 11.48 -19.28
N PRO A 190 54.12 12.53 -19.22
CA PRO A 190 53.65 13.71 -18.53
C PRO A 190 52.61 14.36 -19.39
N GLU A 191 51.75 15.21 -18.80
CA GLU A 191 50.71 15.86 -19.54
C GLU A 191 51.31 16.96 -20.35
N TYR A 192 50.50 17.53 -21.26
CA TYR A 192 50.96 18.57 -22.13
C TYR A 192 51.15 19.80 -21.28
N GLY A 193 52.37 20.39 -21.33
CA GLY A 193 52.71 21.57 -20.58
C GLY A 193 53.32 21.15 -19.27
N ALA A 194 53.21 19.84 -18.96
CA ALA A 194 53.73 19.12 -17.83
C ALA A 194 55.19 18.79 -17.92
N MET A 195 55.67 18.61 -19.17
CA MET A 195 56.98 18.21 -19.60
C MET A 195 58.03 18.47 -18.55
N LYS A 196 58.98 17.52 -18.37
CA LYS A 196 60.02 17.71 -17.38
C LYS A 196 61.35 17.72 -18.08
N PRO A 197 62.33 18.37 -17.50
CA PRO A 197 63.62 18.48 -18.13
C PRO A 197 64.35 17.18 -18.20
N GLY A 198 65.19 17.00 -19.24
CA GLY A 198 66.04 15.85 -19.36
C GLY A 198 65.23 14.61 -19.20
N ALA A 199 64.00 14.58 -19.75
CA ALA A 199 63.22 13.39 -19.61
C ALA A 199 62.20 13.41 -20.72
N PHE A 200 61.55 12.25 -20.95
CA PHE A 200 60.59 12.11 -22.00
C PHE A 200 59.57 13.19 -21.85
N GLY A 201 59.30 13.93 -22.94
CA GLY A 201 58.28 14.93 -22.92
C GLY A 201 58.84 16.29 -22.61
N ASP A 202 60.18 16.46 -22.61
CA ASP A 202 60.77 17.73 -22.28
C ASP A 202 60.24 18.78 -23.23
N ILE A 203 59.96 18.38 -24.47
CA ILE A 203 59.36 19.23 -25.46
C ILE A 203 58.16 18.49 -25.95
N GLN A 204 57.01 19.19 -26.13
CA GLN A 204 55.83 18.49 -26.56
C GLN A 204 55.07 19.39 -27.49
N ALA A 205 54.54 18.81 -28.58
CA ALA A 205 53.73 19.56 -29.51
C ALA A 205 52.60 18.66 -29.89
N THR A 206 51.39 19.22 -30.02
CA THR A 206 50.21 18.43 -30.22
C THR A 206 50.38 17.58 -31.43
N SER A 207 50.93 18.14 -32.53
CA SER A 207 51.09 17.34 -33.71
C SER A 207 52.49 17.54 -34.20
N LEU A 208 52.90 16.68 -35.16
CA LEU A 208 54.21 16.77 -35.70
C LEU A 208 54.31 18.13 -36.32
N THR A 209 53.21 18.60 -36.94
CA THR A 209 53.17 19.88 -37.57
C THR A 209 53.07 21.06 -36.64
N SER A 210 52.08 21.03 -35.70
CA SER A 210 51.62 22.14 -34.91
C SER A 210 52.70 23.12 -34.60
N LYS A 211 52.43 24.37 -34.99
CA LYS A 211 53.35 25.46 -34.93
C LYS A 211 53.75 25.71 -33.52
N ASP A 212 52.94 25.26 -32.55
CA ASP A 212 53.23 25.56 -31.17
C ASP A 212 54.01 24.45 -30.52
N LEU A 213 54.94 24.83 -29.61
CA LEU A 213 55.72 23.84 -28.93
C LEU A 213 55.91 24.26 -27.49
N ILE A 214 55.81 23.28 -26.56
CA ILE A 214 56.04 23.56 -25.17
C ILE A 214 57.30 22.83 -24.81
N ALA A 215 58.26 23.54 -24.18
CA ALA A 215 59.50 22.90 -23.85
C ALA A 215 59.98 23.35 -22.51
N SER A 216 60.60 22.41 -21.77
CA SER A 216 61.18 22.70 -20.49
C SER A 216 62.43 21.88 -20.34
N THR A 217 63.53 22.38 -20.93
CA THR A 217 64.86 21.84 -20.96
C THR A 217 65.70 22.33 -19.82
N ASP A 218 65.19 23.28 -19.01
CA ASP A 218 66.04 23.83 -17.99
C ASP A 218 67.18 24.49 -18.70
N ILE A 219 66.83 25.33 -19.70
CA ILE A 219 67.80 26.09 -20.41
C ILE A 219 68.05 27.29 -19.56
N ARG A 220 69.33 27.55 -19.24
CA ARG A 220 69.62 28.65 -18.36
C ARG A 220 70.72 29.46 -18.96
N LEU A 221 70.54 30.79 -18.97
CA LEU A 221 71.47 31.71 -19.53
C LEU A 221 72.61 31.81 -18.55
N LEU A 222 73.82 32.16 -19.04
CA LEU A 222 74.96 32.29 -18.16
C LEU A 222 75.57 33.65 -18.36
N LYS A 223 76.40 34.08 -17.39
CA LYS A 223 77.03 35.37 -17.47
C LYS A 223 78.28 35.26 -18.28
N PRO A 224 78.53 36.24 -19.12
CA PRO A 224 79.72 36.18 -19.91
C PRO A 224 80.94 36.52 -19.12
N SER A 225 82.06 35.83 -19.35
CA SER A 225 83.26 36.14 -18.65
C SER A 225 83.98 37.09 -19.55
N ALA A 226 84.47 38.23 -19.01
CA ALA A 226 85.10 39.20 -19.88
C ALA A 226 86.23 38.52 -20.57
N LYS A 227 86.28 38.64 -21.91
CA LYS A 227 87.30 38.05 -22.74
C LYS A 227 86.86 38.10 -24.17
N ASN A 228 85.62 37.66 -24.44
CA ASN A 228 85.10 37.71 -25.78
C ASN A 228 83.62 37.69 -25.67
N VAL A 229 82.94 38.65 -26.33
CA VAL A 229 81.53 38.69 -26.16
C VAL A 229 80.93 37.43 -26.72
N HIS A 230 80.09 36.78 -25.89
CA HIS A 230 79.41 35.57 -26.27
C HIS A 230 78.25 35.40 -25.33
N VAL A 231 77.44 34.33 -25.53
CA VAL A 231 76.35 34.08 -24.63
C VAL A 231 76.32 32.62 -24.30
N PRO A 232 76.76 32.28 -23.11
CA PRO A 232 76.80 30.90 -22.65
C PRO A 232 75.52 30.46 -22.01
N TYR A 233 75.30 29.13 -21.91
CA TYR A 233 74.10 28.65 -21.27
C TYR A 233 74.29 27.26 -20.74
N THR A 234 73.36 26.84 -19.85
CA THR A 234 73.37 25.52 -19.28
C THR A 234 72.06 24.91 -19.61
N GLN A 235 72.05 23.65 -20.10
CA GLN A 235 70.82 23.03 -20.49
C GLN A 235 70.90 21.59 -20.12
N ALA A 236 69.75 20.89 -20.15
CA ALA A 236 69.74 19.48 -19.82
C ALA A 236 69.59 18.75 -21.11
N SER A 237 70.30 17.60 -21.23
CA SER A 237 70.31 16.86 -22.45
C SER A 237 68.91 16.55 -22.84
N SER A 238 68.71 16.16 -24.12
CA SER A 238 67.38 15.90 -24.59
C SER A 238 66.81 14.79 -23.77
N GLY A 239 65.55 14.99 -23.36
CA GLY A 239 64.80 14.02 -22.60
C GLY A 239 64.49 12.86 -23.48
N PHE A 240 64.41 13.12 -24.81
CA PHE A 240 64.06 12.12 -25.78
C PHE A 240 65.13 11.07 -25.93
N GLU A 241 66.39 11.49 -26.08
CA GLU A 241 67.44 10.54 -26.28
C GLU A 241 67.51 9.69 -25.05
N MET A 242 67.32 10.32 -23.88
CA MET A 242 67.41 9.63 -22.63
C MET A 242 66.38 8.54 -22.65
N TRP A 243 65.19 8.83 -23.19
CA TRP A 243 64.10 7.90 -23.21
C TRP A 243 64.44 6.72 -24.07
N LYS A 244 65.25 6.94 -25.12
CA LYS A 244 65.56 5.90 -26.04
C LYS A 244 66.14 4.76 -25.27
N ASN A 245 66.89 5.06 -24.20
CA ASN A 245 67.47 4.05 -23.37
C ASN A 245 66.44 3.40 -22.47
N ASN A 246 65.63 4.21 -21.76
CA ASN A 246 64.75 3.62 -20.79
C ASN A 246 63.42 3.35 -21.39
N SER A 247 63.40 2.87 -22.65
CA SER A 247 62.14 2.56 -23.24
C SER A 247 61.53 1.51 -22.37
N GLY A 248 62.15 0.32 -22.24
CA GLY A 248 61.60 -0.64 -21.32
C GLY A 248 60.56 -1.49 -21.97
N ARG A 249 59.67 -2.05 -21.12
CA ARG A 249 58.68 -3.04 -21.46
C ARG A 249 57.88 -2.66 -22.66
N PRO A 250 58.13 -3.38 -23.72
CA PRO A 250 57.38 -3.23 -24.93
C PRO A 250 56.19 -4.15 -24.81
N LEU A 251 55.03 -3.74 -25.34
CA LEU A 251 53.87 -4.61 -25.31
C LEU A 251 54.05 -5.72 -26.29
N GLN A 252 54.89 -5.49 -27.32
CA GLN A 252 55.10 -6.46 -28.36
C GLN A 252 55.66 -7.70 -27.74
N GLU A 253 56.44 -7.57 -26.65
CA GLU A 253 57.03 -8.72 -26.01
C GLU A 253 56.07 -9.53 -25.20
N THR A 254 55.23 -8.88 -24.36
CA THR A 254 54.39 -9.63 -23.47
C THR A 254 53.17 -10.06 -24.23
N ALA A 255 52.98 -11.38 -24.21
CA ALA A 255 52.03 -12.29 -24.81
C ALA A 255 50.64 -12.36 -24.23
N PRO A 256 50.26 -11.79 -23.09
CA PRO A 256 49.05 -12.18 -22.39
C PRO A 256 47.87 -12.67 -23.16
N PHE A 257 47.48 -13.91 -22.86
CA PHE A 257 46.35 -14.58 -23.43
C PHE A 257 46.57 -14.73 -24.91
N GLY A 258 47.83 -14.61 -25.37
CA GLY A 258 48.14 -14.84 -26.75
C GLY A 258 47.96 -13.58 -27.57
N CYS A 259 47.68 -12.44 -26.92
CA CYS A 259 47.46 -11.23 -27.67
C CYS A 259 48.66 -10.94 -28.50
N LYS A 260 48.42 -10.37 -29.71
CA LYS A 260 49.46 -9.95 -30.59
C LYS A 260 49.34 -8.46 -30.64
N ILE A 261 50.42 -7.72 -30.94
CA ILE A 261 50.31 -6.30 -30.93
C ILE A 261 50.79 -5.73 -32.23
N ALA A 262 49.99 -4.82 -32.83
CA ALA A 262 50.37 -4.20 -34.08
C ALA A 262 50.19 -2.72 -33.92
N VAL A 263 51.22 -1.95 -34.35
CA VAL A 263 51.30 -0.52 -34.23
C VAL A 263 50.48 0.29 -35.20
N ASN A 264 50.25 -0.19 -36.44
CA ASN A 264 49.59 0.72 -37.34
C ASN A 264 48.22 1.08 -36.83
N PRO A 265 47.25 0.19 -36.68
CA PRO A 265 46.01 0.64 -36.07
C PRO A 265 46.14 0.68 -34.58
N LEU A 266 47.27 0.20 -34.04
CA LEU A 266 47.48 0.09 -32.62
C LEU A 266 46.39 -0.73 -31.99
N ARG A 267 46.52 -2.08 -32.10
CA ARG A 267 45.53 -2.96 -31.53
C ARG A 267 46.19 -4.21 -31.01
N ALA A 268 45.35 -5.11 -30.42
CA ALA A 268 45.83 -6.39 -29.98
C ALA A 268 45.04 -7.42 -30.73
N VAL A 269 45.75 -8.32 -31.43
CA VAL A 269 45.10 -9.29 -32.26
C VAL A 269 44.93 -10.60 -31.55
N ASP A 270 43.81 -11.28 -31.87
CA ASP A 270 43.51 -12.63 -31.49
C ASP A 270 43.77 -12.90 -30.03
N CYS A 271 43.50 -11.94 -29.13
CA CYS A 271 43.69 -12.26 -27.74
C CYS A 271 42.67 -13.33 -27.45
N SER A 272 42.95 -14.23 -26.48
CA SER A 272 41.96 -15.22 -26.16
C SER A 272 41.41 -14.88 -24.82
N TYR A 273 40.30 -14.11 -24.78
CA TYR A 273 39.80 -13.71 -23.51
C TYR A 273 38.30 -13.67 -23.53
N GLY A 274 37.66 -14.24 -22.50
CA GLY A 274 36.23 -14.14 -22.32
C GLY A 274 35.48 -14.96 -23.33
N ASN A 275 34.14 -14.89 -23.22
CA ASN A 275 33.26 -15.62 -24.10
C ASN A 275 32.37 -14.61 -24.77
N ILE A 276 31.92 -14.91 -26.00
CA ILE A 276 31.04 -14.02 -26.69
C ILE A 276 29.65 -14.55 -26.74
N PRO A 277 28.83 -13.92 -25.97
CA PRO A 277 27.45 -14.32 -25.93
C PRO A 277 26.79 -14.09 -27.24
N ILE A 278 26.55 -15.17 -28.01
CA ILE A 278 25.89 -15.07 -29.27
C ILE A 278 24.42 -14.99 -28.96
N SER A 279 23.63 -14.33 -29.82
CA SER A 279 22.19 -14.30 -29.64
C SER A 279 21.63 -14.20 -31.02
N ILE A 280 20.60 -14.98 -31.34
CA ILE A 280 20.08 -14.96 -32.68
C ILE A 280 18.61 -14.85 -32.63
N ASP A 281 17.99 -14.58 -33.79
CA ASP A 281 16.57 -14.56 -33.93
C ASP A 281 16.30 -15.30 -35.21
N ILE A 282 16.10 -16.63 -35.13
CA ILE A 282 15.93 -17.36 -36.35
C ILE A 282 14.48 -17.53 -36.70
N PRO A 283 14.23 -17.47 -37.98
CA PRO A 283 12.90 -17.63 -38.48
C PRO A 283 12.54 -19.08 -38.55
N ASN A 284 11.23 -19.37 -38.58
CA ASN A 284 10.74 -20.72 -38.65
C ASN A 284 11.25 -21.28 -39.93
N ALA A 285 11.52 -20.39 -40.91
CA ALA A 285 12.00 -20.79 -42.20
C ALA A 285 13.33 -21.47 -42.06
N ALA A 286 14.18 -20.98 -41.13
CA ALA A 286 15.51 -21.46 -40.93
C ALA A 286 15.48 -22.90 -40.49
N PHE A 287 14.47 -23.25 -39.68
CA PHE A 287 14.22 -24.51 -39.07
C PHE A 287 13.89 -25.50 -40.14
N ILE A 288 13.87 -25.02 -41.40
CA ILE A 288 13.64 -25.77 -42.62
C ILE A 288 13.96 -27.23 -42.44
N ARG A 289 13.25 -28.07 -43.22
CA ARG A 289 13.39 -29.48 -43.01
C ARG A 289 12.93 -29.77 -41.62
N THR A 290 11.62 -29.55 -41.39
CA THR A 290 10.98 -29.77 -40.12
C THR A 290 10.50 -31.19 -40.09
N LEU B 1 14.57 -41.52 -44.32
CA LEU B 1 14.35 -41.85 -42.94
C LEU B 1 15.36 -42.86 -42.55
N VAL B 2 15.83 -42.75 -41.29
CA VAL B 2 16.80 -43.64 -40.76
C VAL B 2 16.17 -44.28 -39.56
N SER B 3 16.40 -45.58 -39.35
CA SER B 3 15.75 -46.22 -38.24
C SER B 3 16.77 -46.95 -37.42
N THR B 4 16.48 -47.00 -36.11
CA THR B 4 17.13 -47.63 -35.00
C THR B 4 18.43 -46.96 -34.66
N VAL B 5 19.33 -46.77 -35.64
CA VAL B 5 20.65 -46.17 -35.54
C VAL B 5 21.39 -46.45 -34.26
N LYS B 6 22.58 -47.07 -34.37
CA LYS B 6 23.37 -47.38 -33.20
C LYS B 6 24.74 -46.78 -33.38
N CYS B 7 25.37 -46.37 -32.25
CA CYS B 7 26.65 -45.72 -32.32
C CYS B 7 27.71 -46.64 -31.80
N GLU B 8 28.78 -46.86 -32.61
CA GLU B 8 29.88 -47.68 -32.17
C GLU B 8 31.13 -46.87 -32.36
N VAL B 9 31.78 -46.52 -31.23
CA VAL B 9 32.94 -45.69 -31.20
C VAL B 9 34.13 -46.56 -31.43
N SER B 10 35.32 -45.96 -31.66
CA SER B 10 36.51 -46.71 -31.92
C SER B 10 37.65 -46.12 -31.14
N GLU B 11 37.93 -44.81 -31.34
CA GLU B 11 39.06 -44.23 -30.66
C GLU B 11 38.64 -43.07 -29.81
N CYS B 12 39.50 -42.73 -28.83
CA CYS B 12 39.24 -41.60 -27.98
C CYS B 12 40.55 -41.04 -27.51
N THR B 13 40.73 -39.71 -27.65
CA THR B 13 41.93 -39.07 -27.21
C THR B 13 41.55 -37.75 -26.60
N TYR B 14 42.20 -37.42 -25.46
CA TYR B 14 41.94 -36.23 -24.69
C TYR B 14 42.21 -35.03 -25.52
N SER B 15 43.22 -35.12 -26.42
CA SER B 15 43.72 -34.03 -27.20
C SER B 15 42.61 -33.19 -27.74
N ALA B 16 42.73 -31.87 -27.51
CA ALA B 16 41.75 -30.96 -27.98
C ALA B 16 41.86 -30.96 -29.46
N ASP B 17 40.74 -30.61 -30.12
CA ASP B 17 40.68 -30.62 -31.56
C ASP B 17 40.78 -31.98 -32.19
N PHE B 18 39.67 -32.73 -32.07
CA PHE B 18 39.32 -33.93 -32.77
C PHE B 18 40.27 -35.07 -32.61
N GLY B 19 39.68 -36.28 -32.56
CA GLY B 19 40.35 -37.55 -32.41
C GLY B 19 39.24 -38.57 -32.31
N GLY B 20 39.58 -39.87 -32.20
CA GLY B 20 38.55 -40.85 -32.02
C GLY B 20 37.82 -41.06 -33.33
N MET B 21 37.08 -42.18 -33.44
CA MET B 21 36.33 -42.45 -34.64
C MET B 21 34.97 -42.96 -34.29
N ALA B 22 33.93 -42.11 -34.39
CA ALA B 22 32.60 -42.56 -34.14
C ALA B 22 32.05 -43.10 -35.43
N THR B 23 31.26 -44.18 -35.37
CA THR B 23 30.68 -44.65 -36.59
C THR B 23 29.25 -45.06 -36.33
N LEU B 24 28.29 -44.30 -36.88
CA LEU B 24 26.91 -44.60 -36.70
C LEU B 24 26.55 -45.74 -37.62
N GLN B 25 25.38 -46.38 -37.40
CA GLN B 25 24.93 -47.44 -38.27
C GLN B 25 23.43 -47.41 -38.31
N TYR B 26 22.83 -47.71 -39.48
CA TYR B 26 21.40 -47.65 -39.55
C TYR B 26 20.91 -48.34 -40.80
N VAL B 27 19.57 -48.28 -41.00
CA VAL B 27 18.90 -48.75 -42.17
C VAL B 27 18.05 -47.57 -42.58
N SER B 28 17.97 -47.26 -43.89
CA SER B 28 17.22 -46.09 -44.27
C SER B 28 16.53 -46.31 -45.58
N ASP B 29 15.73 -45.31 -46.02
CA ASP B 29 14.99 -45.43 -47.24
C ASP B 29 15.16 -44.20 -48.10
N ARG B 30 15.27 -44.43 -49.44
CA ARG B 30 15.35 -43.45 -50.51
C ARG B 30 16.66 -42.74 -50.48
N GLU B 31 17.06 -42.33 -49.26
CA GLU B 31 18.29 -41.69 -48.93
C GLU B 31 18.58 -40.41 -49.65
N GLY B 32 19.22 -39.49 -48.89
CA GLY B 32 19.62 -38.17 -49.32
C GLY B 32 20.77 -37.78 -48.44
N GLN B 33 21.07 -36.46 -48.37
CA GLN B 33 22.16 -35.96 -47.60
C GLN B 33 21.69 -35.79 -46.17
N CYS B 34 22.31 -36.50 -45.20
CA CYS B 34 21.88 -36.34 -43.83
C CYS B 34 22.85 -35.49 -43.06
N PRO B 35 22.25 -34.67 -42.24
CA PRO B 35 23.00 -33.79 -41.37
C PRO B 35 23.51 -34.54 -40.17
N VAL B 36 24.39 -33.93 -39.37
CA VAL B 36 24.94 -34.58 -38.21
C VAL B 36 25.10 -33.54 -37.13
N HIS B 37 25.13 -33.97 -35.85
CA HIS B 37 25.29 -33.00 -34.81
C HIS B 37 25.72 -33.70 -33.53
N SER B 38 25.49 -33.03 -32.38
CA SER B 38 25.76 -33.52 -31.06
C SER B 38 24.98 -32.62 -30.14
N HIS B 39 23.83 -33.11 -29.66
CA HIS B 39 22.89 -32.39 -28.84
C HIS B 39 23.38 -32.24 -27.44
N SER B 40 24.37 -33.04 -27.03
CA SER B 40 24.89 -33.06 -25.69
C SER B 40 25.41 -31.69 -25.32
N SER B 41 26.05 -31.60 -24.13
CA SER B 41 26.60 -30.37 -23.68
C SER B 41 27.88 -30.03 -24.40
N THR B 42 28.91 -30.87 -24.20
CA THR B 42 30.22 -30.69 -24.79
C THR B 42 30.32 -31.70 -25.90
N ALA B 43 31.50 -32.35 -26.02
CA ALA B 43 31.72 -33.39 -26.99
C ALA B 43 31.17 -33.07 -28.36
N THR B 44 32.03 -32.50 -29.24
CA THR B 44 31.60 -32.18 -30.58
C THR B 44 32.23 -33.08 -31.59
N LEU B 45 31.95 -32.79 -32.88
CA LEU B 45 32.51 -33.56 -33.95
C LEU B 45 32.56 -32.73 -35.19
N GLN B 46 33.71 -32.77 -35.90
CA GLN B 46 33.84 -31.97 -37.08
C GLN B 46 33.23 -32.72 -38.22
N GLU B 47 31.94 -32.46 -38.46
CA GLU B 47 31.24 -33.00 -39.57
C GLU B 47 29.79 -32.66 -39.44
N SER B 48 29.35 -31.73 -40.32
CA SER B 48 28.01 -31.25 -40.36
C SER B 48 27.11 -32.19 -41.10
N THR B 49 27.63 -32.93 -42.10
CA THR B 49 26.73 -33.77 -42.86
C THR B 49 27.42 -35.00 -43.36
N VAL B 50 26.60 -36.01 -43.75
CA VAL B 50 27.04 -37.26 -44.31
C VAL B 50 25.89 -37.73 -45.16
N HIS B 51 26.14 -38.56 -46.19
CA HIS B 51 25.11 -38.98 -47.11
C HIS B 51 25.01 -40.49 -47.13
N VAL B 52 23.76 -40.96 -47.06
CA VAL B 52 23.16 -42.29 -47.02
C VAL B 52 22.69 -42.95 -48.28
N LEU B 53 22.72 -42.33 -49.48
CA LEU B 53 22.04 -42.85 -50.64
C LEU B 53 22.41 -44.26 -51.01
N GLU B 54 23.63 -44.71 -50.65
CA GLU B 54 24.21 -46.00 -50.95
C GLU B 54 23.43 -47.11 -50.28
N LYS B 55 22.66 -46.81 -49.21
CA LYS B 55 21.97 -47.82 -48.45
C LYS B 55 22.95 -48.61 -47.63
N GLY B 56 23.78 -47.88 -46.84
CA GLY B 56 24.76 -48.50 -45.99
C GLY B 56 24.84 -47.73 -44.70
N ALA B 57 25.89 -48.00 -43.89
CA ALA B 57 26.14 -47.35 -42.63
C ALA B 57 27.00 -46.14 -42.87
N VAL B 58 27.19 -45.30 -41.83
CA VAL B 58 27.93 -44.07 -41.96
C VAL B 58 29.17 -44.16 -41.10
N THR B 59 30.12 -43.22 -41.26
CA THR B 59 31.29 -43.11 -40.44
C THR B 59 31.44 -41.66 -40.07
N VAL B 60 32.11 -41.36 -38.94
CA VAL B 60 32.25 -39.98 -38.57
C VAL B 60 33.50 -39.79 -37.77
N HIS B 61 33.82 -38.51 -37.45
CA HIS B 61 34.98 -38.14 -36.68
C HIS B 61 34.54 -37.15 -35.64
N PHE B 62 35.20 -37.13 -34.46
CA PHE B 62 34.76 -36.26 -33.41
C PHE B 62 35.94 -35.75 -32.63
N SER B 63 35.65 -35.02 -31.52
CA SER B 63 36.66 -34.44 -30.66
C SER B 63 36.30 -34.79 -29.24
N THR B 64 36.83 -34.01 -28.26
CA THR B 64 36.53 -34.06 -26.84
C THR B 64 37.72 -34.61 -26.11
N ALA B 65 37.99 -34.09 -24.90
CA ALA B 65 39.00 -34.62 -24.00
C ALA B 65 38.57 -35.80 -23.16
N SER B 66 37.40 -35.68 -22.51
CA SER B 66 36.91 -36.51 -21.43
C SER B 66 37.33 -37.95 -21.52
N PRO B 67 37.71 -38.42 -20.35
CA PRO B 67 38.20 -39.78 -20.17
C PRO B 67 37.21 -40.75 -20.71
N GLN B 68 35.90 -40.46 -20.57
CA GLN B 68 34.91 -41.31 -21.15
C GLN B 68 33.60 -40.61 -20.97
N ALA B 69 33.05 -40.06 -22.07
CA ALA B 69 31.82 -39.32 -21.94
C ALA B 69 30.87 -39.83 -22.99
N ASN B 70 29.56 -39.55 -22.79
CA ASN B 70 28.54 -39.98 -23.70
C ASN B 70 27.95 -38.74 -24.30
N PHE B 71 27.45 -38.85 -25.55
CA PHE B 71 26.84 -37.72 -26.19
C PHE B 71 25.80 -38.18 -27.17
N ILE B 72 24.76 -37.36 -27.39
CA ILE B 72 23.73 -37.80 -28.28
C ILE B 72 24.02 -37.25 -29.63
N VAL B 73 24.12 -38.15 -30.63
CA VAL B 73 24.47 -37.76 -31.96
C VAL B 73 23.32 -38.07 -32.87
N SER B 74 22.80 -37.03 -33.55
CA SER B 74 21.69 -37.22 -34.43
C SER B 74 22.20 -37.52 -35.81
N LEU B 75 21.34 -38.14 -36.63
CA LEU B 75 21.65 -38.41 -38.00
C LEU B 75 20.40 -38.12 -38.77
N CYS B 76 20.29 -36.87 -39.26
CA CYS B 76 19.16 -36.33 -39.96
C CYS B 76 18.07 -35.95 -39.01
N GLY B 77 17.79 -36.76 -37.99
CA GLY B 77 16.62 -36.54 -37.20
C GLY B 77 16.56 -37.69 -36.26
N LYS B 78 17.09 -38.85 -36.68
CA LYS B 78 17.19 -39.97 -35.79
C LYS B 78 18.20 -39.56 -34.75
N LYS B 79 18.39 -40.38 -33.68
CA LYS B 79 19.35 -40.01 -32.68
C LYS B 79 19.96 -41.24 -32.06
N THR B 80 20.80 -41.06 -31.01
CA THR B 80 21.39 -42.16 -30.32
C THR B 80 22.32 -41.61 -29.27
N THR B 81 22.99 -42.51 -28.50
CA THR B 81 23.95 -42.06 -27.53
C THR B 81 25.24 -42.80 -27.76
N CYS B 82 26.39 -42.11 -27.69
CA CYS B 82 27.66 -42.72 -27.95
C CYS B 82 28.48 -42.62 -26.69
N ASN B 83 29.53 -43.46 -26.57
CA ASN B 83 30.42 -43.42 -25.44
C ASN B 83 31.55 -44.39 -25.67
N ALA B 84 32.67 -44.22 -24.94
CA ALA B 84 33.77 -45.16 -25.08
C ALA B 84 34.88 -44.80 -24.13
N GLU B 85 35.86 -45.72 -23.98
CA GLU B 85 37.01 -45.57 -23.13
C GLU B 85 37.94 -44.59 -23.77
N CYS B 86 38.90 -44.02 -22.99
CA CYS B 86 39.73 -43.05 -23.65
C CYS B 86 41.18 -43.32 -23.36
N LYS B 87 42.07 -42.44 -23.86
CA LYS B 87 43.49 -42.59 -23.67
C LYS B 87 44.11 -41.25 -23.93
N PRO B 88 45.23 -41.00 -23.31
CA PRO B 88 45.91 -39.74 -23.54
C PRO B 88 46.61 -39.78 -24.86
N PRO B 89 46.90 -38.64 -25.41
CA PRO B 89 47.59 -38.59 -26.67
C PRO B 89 49.05 -38.81 -26.44
N TYR C 1 56.57 31.30 2.98
CA TYR C 1 56.73 29.88 3.32
C TYR C 1 55.94 29.04 2.38
N GLU C 2 55.40 27.94 2.91
CA GLU C 2 54.54 27.12 2.11
C GLU C 2 53.21 27.19 2.78
N HIS C 3 52.37 28.16 2.38
CA HIS C 3 51.10 28.31 3.01
C HIS C 3 50.13 27.44 2.29
N ALA C 4 49.03 27.03 2.98
CA ALA C 4 48.03 26.22 2.35
C ALA C 4 46.71 26.73 2.83
N THR C 5 45.70 26.80 1.93
CA THR C 5 44.43 27.32 2.33
C THR C 5 43.40 26.67 1.46
N THR C 6 42.11 27.01 1.68
CA THR C 6 41.04 26.57 0.84
C THR C 6 40.08 27.73 0.77
N VAL C 7 39.38 27.91 -0.36
CA VAL C 7 38.44 28.99 -0.44
C VAL C 7 37.23 28.48 -1.16
N PRO C 8 36.05 28.88 -0.78
CA PRO C 8 34.89 28.36 -1.43
C PRO C 8 34.77 28.81 -2.85
N ASN C 9 34.14 28.00 -3.72
CA ASN C 9 34.04 28.40 -5.08
C ASN C 9 32.84 29.29 -5.16
N VAL C 10 33.03 30.61 -4.92
CA VAL C 10 31.92 31.52 -4.99
C VAL C 10 32.42 32.82 -5.55
N PRO C 11 31.76 33.28 -6.57
CA PRO C 11 32.19 34.51 -7.18
C PRO C 11 31.91 35.70 -6.32
N GLN C 12 32.70 36.77 -6.48
CA GLN C 12 32.52 38.03 -5.83
C GLN C 12 32.54 37.94 -4.34
N ILE C 13 33.15 36.89 -3.75
CA ILE C 13 33.16 36.92 -2.31
C ILE C 13 34.57 37.13 -1.87
N PRO C 14 34.81 38.25 -1.24
CA PRO C 14 36.16 38.58 -0.82
C PRO C 14 36.68 37.60 0.16
N TYR C 15 37.93 37.14 -0.03
CA TYR C 15 38.48 36.13 0.82
C TYR C 15 39.69 36.73 1.49
N LYS C 16 39.88 36.37 2.77
CA LYS C 16 41.00 36.90 3.49
C LYS C 16 41.62 35.75 4.20
N ALA C 17 42.97 35.68 4.14
CA ALA C 17 43.70 34.68 4.84
C ALA C 17 44.68 35.46 5.63
N LEU C 18 44.90 35.07 6.90
CA LEU C 18 45.84 35.81 7.68
C LEU C 18 46.97 34.89 7.95
N VAL C 19 48.15 35.24 7.40
CA VAL C 19 49.29 34.41 7.62
C VAL C 19 50.20 35.18 8.52
N GLU C 20 50.46 34.62 9.71
CA GLU C 20 51.34 35.23 10.65
C GLU C 20 52.21 34.13 11.12
N ARG C 21 53.55 34.30 11.04
CA ARG C 21 54.38 33.23 11.49
C ARG C 21 55.69 33.81 11.88
N ALA C 22 56.38 33.15 12.84
CA ALA C 22 57.71 33.51 13.22
C ALA C 22 57.82 34.98 13.45
N GLY C 23 59.06 35.47 13.38
CA GLY C 23 59.45 36.83 13.66
C GLY C 23 58.71 37.83 12.81
N TYR C 24 58.12 37.41 11.67
CA TYR C 24 57.55 38.33 10.70
C TYR C 24 56.22 38.91 11.10
N ALA C 25 56.03 40.21 10.81
CA ALA C 25 54.76 40.86 11.06
C ALA C 25 53.78 40.10 10.23
N PRO C 26 52.58 39.89 10.72
CA PRO C 26 51.63 39.08 10.00
C PRO C 26 51.29 39.67 8.68
N LEU C 27 50.78 38.84 7.75
CA LEU C 27 50.51 39.24 6.39
C LEU C 27 49.10 38.84 6.03
N ASN C 28 48.39 39.68 5.25
CA ASN C 28 47.03 39.39 4.87
C ASN C 28 46.96 39.15 3.39
N LEU C 29 46.62 37.91 2.98
CA LEU C 29 46.53 37.59 1.58
C LEU C 29 45.07 37.45 1.22
N GLU C 30 44.57 38.31 0.30
CA GLU C 30 43.18 38.27 -0.06
C GLU C 30 43.01 37.91 -1.51
N ILE C 31 42.26 36.81 -1.80
CA ILE C 31 42.03 36.47 -3.18
C ILE C 31 40.61 35.96 -3.37
N THR C 32 39.86 36.58 -4.32
CA THR C 32 38.48 36.22 -4.60
C THR C 32 38.32 35.92 -6.06
N VAL C 33 37.62 34.82 -6.42
CA VAL C 33 37.47 34.40 -7.79
C VAL C 33 36.51 35.29 -8.54
N MET C 34 36.94 35.78 -9.72
CA MET C 34 36.16 36.60 -10.63
C MET C 34 35.12 35.82 -11.36
N SER C 35 35.44 34.59 -11.82
CA SER C 35 34.44 33.84 -12.53
C SER C 35 35.03 32.53 -12.92
N SER C 36 34.28 31.44 -12.67
CA SER C 36 34.70 30.12 -13.03
C SER C 36 34.21 29.92 -14.42
N GLU C 37 34.40 28.69 -14.96
CA GLU C 37 33.89 28.35 -16.26
C GLU C 37 34.09 26.86 -16.40
N VAL C 38 33.01 26.05 -16.36
CA VAL C 38 33.27 24.65 -16.52
C VAL C 38 33.09 24.31 -17.97
N LEU C 39 34.18 23.90 -18.64
CA LEU C 39 34.10 23.61 -20.04
C LEU C 39 34.42 22.16 -20.22
N PRO C 40 33.43 21.39 -20.61
CA PRO C 40 33.70 20.00 -20.86
C PRO C 40 34.35 19.82 -22.19
N SER C 41 35.30 18.86 -22.30
CA SER C 41 35.91 18.64 -23.57
C SER C 41 34.96 17.78 -24.34
N THR C 42 34.55 18.25 -25.53
CA THR C 42 33.54 17.52 -26.26
C THR C 42 34.09 17.06 -27.56
N ASN C 43 33.45 16.02 -28.13
CA ASN C 43 33.86 15.52 -29.41
C ASN C 43 32.62 15.33 -30.25
N GLN C 44 32.54 16.06 -31.37
CA GLN C 44 31.35 15.92 -32.16
C GLN C 44 31.28 14.51 -32.65
N GLU C 45 30.23 13.79 -32.24
CA GLU C 45 29.98 12.46 -32.69
C GLU C 45 29.37 12.49 -34.06
N TYR C 46 28.35 13.36 -34.26
CA TYR C 46 27.74 13.43 -35.55
C TYR C 46 26.81 14.61 -35.65
N ILE C 47 26.13 14.73 -36.80
CA ILE C 47 25.21 15.83 -37.03
C ILE C 47 23.93 15.28 -37.61
N THR C 48 22.80 15.97 -37.32
CA THR C 48 21.54 15.54 -37.83
C THR C 48 20.72 16.74 -38.21
N CYS C 49 19.84 16.55 -39.23
CA CYS C 49 18.92 17.54 -39.74
C CYS C 49 17.86 16.76 -40.42
N LYS C 50 16.98 17.45 -41.16
CA LYS C 50 15.96 16.77 -41.94
C LYS C 50 16.58 16.38 -43.24
N PHE C 51 16.04 15.33 -43.88
CA PHE C 51 16.60 14.81 -45.10
C PHE C 51 15.73 15.12 -46.29
N THR C 52 16.26 14.80 -47.49
CA THR C 52 15.55 14.98 -48.73
C THR C 52 15.59 13.65 -49.44
N THR C 53 14.43 13.18 -49.94
CA THR C 53 14.38 11.89 -50.55
C THR C 53 14.67 12.01 -52.01
N VAL C 54 15.49 11.08 -52.55
CA VAL C 54 15.80 11.15 -53.94
C VAL C 54 15.32 9.88 -54.57
N VAL C 55 14.46 9.99 -55.62
CA VAL C 55 13.96 8.79 -56.24
C VAL C 55 14.24 8.90 -57.71
N PRO C 56 15.06 8.02 -58.20
CA PRO C 56 15.44 8.06 -59.60
C PRO C 56 14.30 7.68 -60.50
N SER C 57 14.50 7.75 -61.83
CA SER C 57 13.45 7.38 -62.74
C SER C 57 13.40 5.89 -62.79
N PRO C 58 12.22 5.36 -62.92
CA PRO C 58 12.08 3.92 -62.95
C PRO C 58 12.63 3.35 -64.20
N LYS C 59 13.12 2.09 -64.14
CA LYS C 59 13.65 1.49 -65.33
C LYS C 59 12.72 0.38 -65.71
N ILE C 60 11.89 0.64 -66.73
CA ILE C 60 10.94 -0.33 -67.20
C ILE C 60 11.55 -1.04 -68.36
N LYS C 61 11.32 -2.37 -68.45
CA LYS C 61 11.88 -3.11 -69.55
C LYS C 61 10.93 -4.20 -69.92
N CYS C 62 10.37 -4.12 -71.13
CA CYS C 62 9.39 -5.09 -71.56
C CYS C 62 10.06 -6.40 -71.85
N CYS C 63 9.47 -7.48 -71.32
CA CYS C 63 9.87 -8.83 -71.61
C CYS C 63 11.35 -8.98 -71.42
N GLY C 64 11.87 -8.50 -70.27
CA GLY C 64 13.28 -8.62 -70.03
C GLY C 64 13.49 -8.59 -68.56
N SER C 65 14.66 -9.08 -68.09
CA SER C 65 14.86 -9.11 -66.67
C SER C 65 15.83 -8.05 -66.27
N LEU C 66 15.42 -7.23 -65.29
CA LEU C 66 16.28 -6.23 -64.73
C LEU C 66 16.84 -6.79 -63.47
N GLU C 67 17.82 -6.09 -62.87
CA GLU C 67 18.36 -6.56 -61.64
C GLU C 67 19.18 -5.46 -61.07
N CYS C 68 18.76 -4.91 -59.92
CA CYS C 68 19.51 -3.83 -59.36
C CYS C 68 20.67 -4.36 -58.62
N GLN C 69 21.77 -3.58 -58.66
CA GLN C 69 23.04 -3.90 -58.03
C GLN C 69 23.11 -3.05 -56.81
N PRO C 70 23.90 -3.43 -55.85
CA PRO C 70 23.98 -2.68 -54.63
C PRO C 70 24.61 -1.34 -54.85
N ALA C 71 24.22 -0.34 -54.02
CA ALA C 71 24.75 0.98 -54.19
C ALA C 71 25.10 1.55 -52.85
N ALA C 72 26.14 2.41 -52.88
CA ALA C 72 26.79 3.05 -51.77
C ALA C 72 25.86 3.96 -51.01
N HIS C 73 24.82 4.51 -51.67
CA HIS C 73 23.94 5.54 -51.17
C HIS C 73 23.34 5.23 -49.82
N ALA C 74 22.92 6.31 -49.12
CA ALA C 74 22.36 6.21 -47.79
C ALA C 74 20.94 5.75 -47.83
N ASP C 75 20.68 4.62 -47.12
CA ASP C 75 19.39 4.00 -47.01
C ASP C 75 18.96 3.56 -48.38
N TYR C 76 19.95 3.23 -49.23
CA TYR C 76 19.71 2.86 -50.59
C TYR C 76 18.80 1.67 -50.67
N THR C 77 17.70 1.82 -51.44
CA THR C 77 16.74 0.78 -51.61
C THR C 77 16.56 0.59 -53.08
N CYS C 78 16.18 -0.64 -53.49
CA CYS C 78 15.90 -0.91 -54.87
C CYS C 78 15.20 -2.24 -54.89
N LYS C 79 14.37 -2.48 -55.92
CA LYS C 79 13.70 -3.74 -55.98
C LYS C 79 13.22 -3.92 -57.38
N VAL C 80 13.43 -5.12 -57.95
CA VAL C 80 12.94 -5.37 -59.28
C VAL C 80 11.58 -5.97 -59.14
N PHE C 81 10.59 -5.40 -59.87
CA PHE C 81 9.24 -5.87 -59.78
C PHE C 81 8.94 -6.66 -61.02
N GLY C 82 7.85 -7.46 -61.00
CA GLY C 82 7.49 -8.24 -62.15
C GLY C 82 5.99 -8.28 -62.26
N GLY C 83 5.47 -8.61 -63.46
CA GLY C 83 4.05 -8.66 -63.66
C GLY C 83 3.55 -7.27 -63.47
N VAL C 84 4.45 -6.30 -63.74
CA VAL C 84 4.22 -4.91 -63.50
C VAL C 84 3.15 -4.30 -64.37
N TYR C 85 3.36 -4.29 -65.70
CA TYR C 85 2.36 -3.66 -66.53
C TYR C 85 1.97 -4.66 -67.56
N PRO C 86 0.84 -5.27 -67.33
CA PRO C 86 0.37 -6.40 -68.09
C PRO C 86 0.45 -6.32 -69.58
N PHE C 87 -0.11 -5.28 -70.22
CA PHE C 87 -0.09 -5.25 -71.64
C PHE C 87 0.18 -3.83 -72.05
N MET C 88 -0.11 -3.48 -73.32
CA MET C 88 0.13 -2.15 -73.79
C MET C 88 -0.74 -1.23 -72.99
N TRP C 89 -1.99 -1.68 -72.73
CA TRP C 89 -2.92 -0.93 -71.95
C TRP C 89 -2.39 -0.89 -70.55
N GLY C 90 -1.40 -1.76 -70.29
CA GLY C 90 -0.78 -1.97 -69.01
C GLY C 90 -0.22 -0.70 -68.46
N GLY C 91 0.12 0.28 -69.32
CA GLY C 91 0.61 1.56 -68.86
C GLY C 91 2.01 1.77 -69.31
N ALA C 92 2.71 0.66 -69.57
CA ALA C 92 4.02 0.54 -70.15
C ALA C 92 4.02 0.58 -71.64
N GLN C 93 2.88 0.22 -72.27
CA GLN C 93 2.83 0.06 -73.69
C GLN C 93 3.77 -1.08 -74.03
N CYS C 94 3.80 -2.10 -73.15
CA CYS C 94 4.61 -3.28 -73.32
C CYS C 94 3.79 -4.39 -73.90
N PHE C 95 4.48 -5.36 -74.55
CA PHE C 95 3.88 -6.54 -75.12
C PHE C 95 3.53 -7.63 -74.14
N CYS C 96 4.54 -8.20 -73.45
CA CYS C 96 4.38 -9.41 -72.66
C CYS C 96 3.46 -9.20 -71.52
N ASP C 97 2.81 -10.30 -71.09
CA ASP C 97 1.83 -10.28 -70.05
C ASP C 97 2.44 -9.96 -68.71
N SER C 98 3.57 -10.60 -68.35
CA SER C 98 4.08 -10.35 -67.02
C SER C 98 5.58 -10.36 -67.04
N GLU C 99 6.18 -10.69 -68.18
CA GLU C 99 7.59 -10.85 -68.35
C GLU C 99 8.29 -9.55 -68.06
N ASN C 100 7.53 -8.45 -68.00
CA ASN C 100 8.06 -7.11 -67.79
C ASN C 100 8.57 -6.96 -66.39
N SER C 101 9.70 -6.22 -66.23
CA SER C 101 10.24 -5.96 -64.93
C SER C 101 10.45 -4.49 -64.81
N GLN C 102 10.39 -3.97 -63.57
CA GLN C 102 10.62 -2.56 -63.35
C GLN C 102 11.59 -2.43 -62.23
N MET C 103 12.62 -1.61 -62.43
CA MET C 103 13.59 -1.43 -61.39
C MET C 103 13.18 -0.19 -60.66
N SER C 104 13.03 -0.28 -59.33
CA SER C 104 12.71 0.90 -58.58
C SER C 104 13.84 1.11 -57.62
N GLU C 105 14.06 2.38 -57.20
CA GLU C 105 15.13 2.64 -56.29
C GLU C 105 14.97 4.02 -55.74
N ALA C 106 15.62 4.30 -54.59
CA ALA C 106 15.55 5.61 -53.99
C ALA C 106 16.51 5.64 -52.84
N TYR C 107 16.88 6.85 -52.37
CA TYR C 107 17.76 6.94 -51.23
C TYR C 107 17.57 8.25 -50.54
N VAL C 108 18.30 8.47 -49.43
CA VAL C 108 18.14 9.68 -48.68
C VAL C 108 19.40 10.48 -48.71
N GLU C 109 19.23 11.80 -48.88
CA GLU C 109 20.32 12.73 -48.91
C GLU C 109 20.01 13.75 -47.86
N LEU C 110 21.05 14.38 -47.29
CA LEU C 110 20.82 15.36 -46.27
C LEU C 110 20.07 16.47 -46.93
N SER C 111 19.10 17.07 -46.21
CA SER C 111 18.32 18.12 -46.79
C SER C 111 19.26 19.24 -47.09
N ALA C 112 18.82 20.19 -47.94
CA ALA C 112 19.60 21.33 -48.34
C ALA C 112 19.81 22.27 -47.18
N ASP C 113 18.75 22.48 -46.38
CA ASP C 113 18.69 23.42 -45.30
C ASP C 113 19.61 23.02 -44.20
N CYS C 114 20.16 21.81 -44.27
CA CYS C 114 20.92 21.26 -43.17
C CYS C 114 22.08 22.12 -42.76
N ALA C 115 22.92 22.57 -43.71
CA ALA C 115 24.10 23.30 -43.36
C ALA C 115 23.69 24.51 -42.58
N SER C 116 22.54 25.11 -42.93
CA SER C 116 22.09 26.26 -42.20
C SER C 116 21.80 25.88 -40.77
N ASP C 117 20.78 25.04 -40.54
CA ASP C 117 20.43 24.70 -39.19
C ASP C 117 20.51 23.22 -39.01
N HIS C 118 21.11 22.79 -37.89
CA HIS C 118 21.24 21.39 -37.61
C HIS C 118 21.52 21.23 -36.15
N ALA C 119 21.81 19.98 -35.71
CA ALA C 119 22.11 19.73 -34.34
C ALA C 119 23.35 18.88 -34.26
N GLN C 120 24.09 18.98 -33.15
CA GLN C 120 25.31 18.21 -33.04
C GLN C 120 25.25 17.31 -31.84
N ALA C 121 25.61 16.02 -32.06
CA ALA C 121 25.65 15.07 -30.98
C ALA C 121 27.07 15.05 -30.54
N ILE C 122 27.30 15.34 -29.24
CA ILE C 122 28.65 15.52 -28.80
C ILE C 122 28.88 14.58 -27.65
N LYS C 123 30.14 14.50 -27.17
CA LYS C 123 30.47 13.65 -26.07
C LYS C 123 31.16 14.51 -25.06
N VAL C 124 30.47 14.83 -23.95
CA VAL C 124 31.06 15.63 -22.92
C VAL C 124 32.03 14.77 -22.17
N HIS C 125 33.28 15.26 -22.02
CA HIS C 125 34.31 14.50 -21.36
C HIS C 125 34.73 15.25 -20.15
N THR C 126 35.59 14.60 -19.34
CA THR C 126 36.08 15.10 -18.08
C THR C 126 36.43 16.54 -18.25
N ALA C 127 35.54 17.39 -17.72
CA ALA C 127 35.62 18.81 -17.84
C ALA C 127 36.73 19.36 -17.01
N ALA C 128 37.10 20.62 -17.31
CA ALA C 128 38.14 21.30 -16.61
C ALA C 128 37.60 22.64 -16.20
N MET C 129 38.19 23.26 -15.17
CA MET C 129 37.66 24.53 -14.72
C MET C 129 38.64 25.63 -14.97
N LYS C 130 38.12 26.77 -15.46
CA LYS C 130 38.90 27.94 -15.69
C LYS C 130 38.91 28.64 -14.38
N VAL C 131 39.26 29.96 -14.38
CA VAL C 131 39.14 30.76 -13.19
C VAL C 131 39.82 32.09 -13.41
N GLY C 132 39.04 33.15 -13.15
CA GLY C 132 39.25 34.58 -13.18
C GLY C 132 40.00 35.11 -11.98
N LEU C 133 40.35 34.26 -11.02
CA LEU C 133 40.84 34.61 -9.70
C LEU C 133 41.71 35.84 -9.63
N ARG C 134 41.46 36.69 -8.58
CA ARG C 134 42.23 37.88 -8.37
C ARG C 134 42.92 37.77 -7.04
N ILE C 135 44.27 37.70 -7.05
CA ILE C 135 45.02 37.53 -5.82
C ILE C 135 45.59 38.85 -5.43
N VAL C 136 45.81 39.06 -4.10
CA VAL C 136 46.40 40.29 -3.65
C VAL C 136 47.09 40.06 -2.34
N TYR C 137 48.19 40.80 -2.09
CA TYR C 137 48.87 40.79 -0.84
C TYR C 137 49.91 41.86 -0.90
N GLY C 138 49.79 42.88 -0.05
CA GLY C 138 50.73 43.97 -0.15
C GLY C 138 50.33 44.75 -1.37
N ASN C 139 51.05 44.56 -2.49
CA ASN C 139 50.64 45.27 -3.67
C ASN C 139 50.59 44.32 -4.82
N THR C 140 49.38 43.84 -5.19
CA THR C 140 49.25 42.98 -6.32
C THR C 140 47.80 42.86 -6.69
N THR C 141 47.18 43.99 -7.08
CA THR C 141 45.78 44.11 -7.37
C THR C 141 45.46 43.29 -8.58
N SER C 142 46.51 42.77 -9.25
CA SER C 142 46.42 42.05 -10.50
C SER C 142 45.58 40.80 -10.43
N PHE C 143 44.87 40.52 -11.55
CA PHE C 143 44.02 39.36 -11.71
C PHE C 143 44.73 38.40 -12.61
N LEU C 144 44.42 37.08 -12.51
CA LEU C 144 45.10 36.14 -13.36
C LEU C 144 44.26 34.91 -13.61
N ASP C 145 44.02 34.56 -14.89
CA ASP C 145 43.25 33.39 -15.20
C ASP C 145 44.12 32.19 -15.00
N VAL C 146 43.55 31.09 -14.46
CA VAL C 146 44.34 29.91 -14.25
C VAL C 146 43.45 28.71 -14.26
N TYR C 147 44.07 27.51 -14.33
CA TYR C 147 43.35 26.28 -14.33
C TYR C 147 43.21 25.82 -12.91
N VAL C 148 42.02 25.28 -12.54
CA VAL C 148 41.86 24.85 -11.18
C VAL C 148 42.02 23.37 -11.11
N ASN C 149 43.28 22.91 -11.19
CA ASN C 149 43.58 21.50 -11.12
C ASN C 149 44.73 21.38 -10.17
N GLY C 150 45.04 20.14 -9.77
CA GLY C 150 46.07 19.88 -8.82
C GLY C 150 47.42 20.29 -9.36
N VAL C 151 47.60 20.26 -10.69
CA VAL C 151 48.88 20.58 -11.27
C VAL C 151 49.24 22.03 -11.54
N THR C 152 48.46 22.71 -12.40
CA THR C 152 48.86 23.96 -12.99
C THR C 152 49.30 24.96 -11.97
N PRO C 153 50.54 25.34 -12.12
CA PRO C 153 51.17 26.34 -11.29
C PRO C 153 50.89 27.70 -11.86
N GLY C 154 51.40 28.77 -11.22
CA GLY C 154 51.24 30.10 -11.76
C GLY C 154 51.89 31.02 -10.79
N THR C 155 52.73 31.95 -11.29
CA THR C 155 53.41 32.81 -10.36
C THR C 155 52.87 34.18 -10.43
N SER C 156 52.70 34.78 -9.24
CA SER C 156 52.26 36.13 -9.10
C SER C 156 53.08 36.68 -7.98
N LYS C 157 53.59 37.92 -8.15
CA LYS C 157 54.36 38.60 -7.16
C LYS C 157 55.44 37.69 -6.62
N ASP C 158 56.06 36.90 -7.52
CA ASP C 158 57.13 36.01 -7.20
C ASP C 158 56.68 34.92 -6.27
N LEU C 159 55.36 34.62 -6.26
CA LEU C 159 54.85 33.58 -5.39
C LEU C 159 54.20 32.54 -6.25
N LYS C 160 54.53 31.25 -6.03
CA LYS C 160 53.93 30.18 -6.79
C LYS C 160 52.55 29.97 -6.25
N VAL C 161 51.58 29.71 -7.15
CA VAL C 161 50.22 29.47 -6.71
C VAL C 161 49.69 28.28 -7.43
N ILE C 162 48.89 27.45 -6.73
CA ILE C 162 48.27 26.31 -7.33
C ILE C 162 46.87 26.25 -6.79
N ALA C 163 45.82 26.46 -7.62
CA ALA C 163 44.52 26.30 -7.05
C ALA C 163 44.17 24.86 -7.30
N GLY C 164 44.35 24.01 -6.27
CA GLY C 164 44.29 22.58 -6.37
C GLY C 164 42.97 22.11 -6.90
N PRO C 165 42.87 20.81 -7.00
CA PRO C 165 41.70 20.18 -7.55
C PRO C 165 40.46 20.69 -6.87
N ILE C 166 39.40 20.94 -7.64
CA ILE C 166 38.18 21.40 -7.08
C ILE C 166 37.73 20.33 -6.13
N SER C 167 37.17 20.75 -4.99
CA SER C 167 36.82 19.84 -3.94
C SER C 167 35.93 18.76 -4.46
N ALA C 168 35.28 18.94 -5.62
CA ALA C 168 34.45 17.85 -6.08
C ALA C 168 34.42 17.85 -7.57
N SER C 169 33.82 16.79 -8.16
CA SER C 169 33.72 16.75 -9.59
C SER C 169 32.26 16.68 -9.95
N PHE C 170 31.64 17.87 -10.15
CA PHE C 170 30.25 17.87 -10.51
C PHE C 170 30.11 18.68 -11.76
N THR C 171 29.20 18.26 -12.67
CA THR C 171 28.99 19.03 -13.87
C THR C 171 27.54 18.89 -14.28
N PRO C 172 27.07 19.94 -14.89
CA PRO C 172 25.74 19.98 -15.44
C PRO C 172 25.70 19.22 -16.73
N PHE C 173 26.84 18.65 -17.17
CA PHE C 173 26.82 18.02 -18.47
C PHE C 173 27.01 16.55 -18.32
N ASP C 174 26.16 15.75 -19.02
CA ASP C 174 26.28 14.33 -18.95
C ASP C 174 27.28 13.84 -19.96
N HIS C 175 27.37 12.51 -20.12
CA HIS C 175 28.34 11.96 -21.03
C HIS C 175 28.00 12.37 -22.42
N LYS C 176 26.70 12.31 -22.78
CA LYS C 176 26.32 12.71 -24.10
C LYS C 176 25.47 13.92 -23.98
N VAL C 177 25.70 14.92 -24.85
CA VAL C 177 24.93 16.12 -24.80
C VAL C 177 24.63 16.47 -26.22
N VAL C 178 23.63 17.35 -26.46
CA VAL C 178 23.34 17.73 -27.82
C VAL C 178 23.12 19.20 -27.85
N ILE C 179 23.52 19.86 -28.95
CA ILE C 179 23.33 21.28 -29.04
C ILE C 179 22.63 21.60 -30.31
N HIS C 180 21.52 22.36 -30.19
CA HIS C 180 20.82 22.81 -31.34
C HIS C 180 20.97 24.30 -31.30
N ARG C 181 22.22 24.77 -31.52
CA ARG C 181 22.55 26.17 -31.59
C ARG C 181 21.91 27.01 -30.52
N GLY C 182 22.65 27.31 -29.44
CA GLY C 182 22.14 28.26 -28.48
C GLY C 182 21.58 27.56 -27.30
N LEU C 183 21.21 26.27 -27.45
CA LEU C 183 20.70 25.57 -26.32
C LEU C 183 21.41 24.26 -26.23
N VAL C 184 21.81 23.87 -25.02
CA VAL C 184 22.47 22.63 -24.82
C VAL C 184 21.50 21.71 -24.17
N TYR C 185 21.46 20.44 -24.60
CA TYR C 185 20.53 19.52 -24.01
C TYR C 185 21.28 18.31 -23.55
N ASN C 186 21.17 17.94 -22.25
CA ASN C 186 21.75 16.70 -21.88
C ASN C 186 20.93 15.71 -22.62
N TYR C 187 21.54 14.66 -23.23
CA TYR C 187 20.66 13.80 -23.94
C TYR C 187 21.41 12.53 -24.22
N ASP C 188 20.68 11.50 -24.69
CA ASP C 188 21.32 10.26 -25.01
C ASP C 188 20.98 9.94 -26.44
N PHE C 189 21.72 10.52 -27.40
CA PHE C 189 21.47 10.31 -28.79
C PHE C 189 21.95 8.94 -29.15
N PRO C 190 21.45 8.42 -30.24
CA PRO C 190 21.88 7.11 -30.67
C PRO C 190 23.27 7.23 -31.21
N GLU C 191 24.02 6.13 -31.27
CA GLU C 191 25.38 6.15 -31.75
C GLU C 191 25.35 6.29 -33.24
N TYR C 192 26.53 6.53 -33.82
CA TYR C 192 26.65 6.70 -35.24
C TYR C 192 26.43 5.35 -35.88
N GLY C 193 25.47 5.28 -36.82
CA GLY C 193 25.16 4.06 -37.51
C GLY C 193 24.03 3.36 -36.78
N ALA C 194 23.74 3.85 -35.56
CA ALA C 194 22.71 3.45 -34.63
C ALA C 194 21.35 3.98 -34.96
N MET C 195 21.32 5.16 -35.59
CA MET C 195 20.19 5.96 -35.99
C MET C 195 18.92 5.16 -36.08
N LYS C 196 17.78 5.72 -35.59
CA LYS C 196 16.53 5.01 -35.65
C LYS C 196 15.57 5.81 -36.50
N PRO C 197 14.61 5.14 -37.10
CA PRO C 197 13.68 5.81 -37.97
C PRO C 197 12.76 6.74 -37.25
N GLY C 198 12.33 7.82 -37.94
CA GLY C 198 11.36 8.73 -37.40
C GLY C 198 11.77 9.18 -36.03
N ALA C 199 13.08 9.42 -35.82
CA ALA C 199 13.50 9.85 -34.52
C ALA C 199 14.81 10.54 -34.69
N PHE C 200 15.24 11.28 -33.65
CA PHE C 200 16.46 12.03 -33.69
C PHE C 200 17.56 11.09 -34.09
N GLY C 201 18.36 11.51 -35.09
CA GLY C 201 19.49 10.73 -35.51
C GLY C 201 19.15 9.80 -36.63
N ASP C 202 17.98 9.94 -37.27
CA ASP C 202 17.59 9.05 -38.34
C ASP C 202 18.63 9.11 -39.42
N ILE C 203 19.25 10.29 -39.60
CA ILE C 203 20.32 10.47 -40.54
C ILE C 203 21.43 11.08 -39.74
N GLN C 204 22.69 10.62 -39.94
CA GLN C 204 23.77 11.16 -39.16
C GLN C 204 24.97 11.25 -40.04
N ALA C 205 25.74 12.35 -39.91
CA ALA C 205 26.96 12.54 -40.64
C ALA C 205 27.93 13.14 -39.69
N THR C 206 29.20 12.70 -39.76
CA THR C 206 30.18 13.12 -38.78
C THR C 206 30.27 14.62 -38.76
N SER C 207 30.27 15.25 -39.95
CA SER C 207 30.38 16.69 -39.95
C SER C 207 29.32 17.22 -40.85
N LEU C 208 29.11 18.54 -40.80
CA LEU C 208 28.13 19.16 -41.64
C LEU C 208 28.54 18.89 -43.05
N THR C 209 29.86 18.92 -43.30
CA THR C 209 30.40 18.68 -44.61
C THR C 209 30.41 17.25 -45.05
N SER C 210 30.97 16.34 -44.20
CA SER C 210 31.35 14.98 -44.51
C SER C 210 30.47 14.37 -45.54
N LYS C 211 31.11 13.91 -46.63
CA LYS C 211 30.49 13.40 -47.80
C LYS C 211 29.68 12.20 -47.46
N ASP C 212 29.98 11.53 -46.33
CA ASP C 212 29.28 10.32 -45.99
C ASP C 212 28.11 10.57 -45.11
N LEU C 213 27.02 9.79 -45.32
CA LEU C 213 25.85 9.95 -44.49
C LEU C 213 25.25 8.60 -44.20
N ILE C 214 24.81 8.40 -42.94
CA ILE C 214 24.17 7.18 -42.56
C ILE C 214 22.74 7.52 -42.29
N ALA C 215 21.79 6.78 -42.90
CA ALA C 215 20.41 7.11 -42.70
C ALA C 215 19.59 5.87 -42.58
N SER C 216 18.56 5.92 -41.71
CA SER C 216 17.64 4.83 -41.55
C SER C 216 16.28 5.41 -41.28
N THR C 217 15.61 5.79 -42.37
CA THR C 217 14.28 6.36 -42.48
C THR C 217 13.22 5.31 -42.62
N ASP C 218 13.58 4.02 -42.78
CA ASP C 218 12.57 3.05 -43.04
C ASP C 218 11.93 3.44 -44.34
N ILE C 219 12.78 3.69 -45.35
CA ILE C 219 12.31 4.00 -46.67
C ILE C 219 12.04 2.67 -47.29
N ARG C 220 10.82 2.49 -47.82
CA ARG C 220 10.49 1.22 -48.37
C ARG C 220 9.85 1.42 -49.71
N LEU C 221 10.32 0.63 -50.69
CA LEU C 221 9.86 0.71 -52.04
C LEU C 221 8.50 0.08 -52.07
N LEU C 222 7.64 0.47 -53.05
CA LEU C 222 6.33 -0.10 -53.16
C LEU C 222 6.13 -0.62 -54.54
N LYS C 223 5.12 -1.49 -54.72
CA LYS C 223 4.85 -2.06 -56.01
C LYS C 223 3.98 -1.11 -56.79
N PRO C 224 4.25 -0.98 -58.07
CA PRO C 224 3.44 -0.09 -58.85
C PRO C 224 2.12 -0.71 -59.20
N SER C 225 1.04 0.08 -59.18
CA SER C 225 -0.23 -0.46 -59.54
C SER C 225 -0.37 -0.16 -61.00
N ALA C 226 -0.76 -1.14 -61.82
CA ALA C 226 -0.82 -0.91 -63.24
C ALA C 226 -1.75 0.24 -63.47
N LYS C 227 -1.28 1.25 -64.23
CA LYS C 227 -2.06 2.44 -64.55
C LYS C 227 -1.14 3.47 -65.11
N ASN C 228 -0.01 3.71 -64.43
CA ASN C 228 0.94 4.66 -64.93
C ASN C 228 2.26 4.33 -64.31
N VAL C 229 3.32 4.17 -65.13
CA VAL C 229 4.55 3.77 -64.55
C VAL C 229 5.02 4.84 -63.60
N HIS C 230 5.36 4.40 -62.37
CA HIS C 230 5.85 5.29 -61.34
C HIS C 230 6.54 4.43 -60.32
N VAL C 231 7.12 5.04 -59.26
CA VAL C 231 7.74 4.27 -58.22
C VAL C 231 7.34 4.86 -56.88
N PRO C 232 6.45 4.17 -56.22
CA PRO C 232 5.95 4.61 -54.92
C PRO C 232 6.80 4.13 -53.78
N TYR C 233 6.67 4.78 -52.59
CA TYR C 233 7.43 4.33 -51.47
C TYR C 233 6.77 4.73 -50.18
N THR C 234 7.21 4.10 -49.06
CA THR C 234 6.71 4.41 -47.75
C THR C 234 7.91 4.80 -46.93
N GLN C 235 7.81 5.90 -46.17
CA GLN C 235 8.94 6.35 -45.42
C GLN C 235 8.43 6.90 -44.12
N ALA C 236 9.34 7.12 -43.15
CA ALA C 236 8.93 7.66 -41.88
C ALA C 236 9.36 9.09 -41.87
N SER C 237 8.51 9.97 -41.28
CA SER C 237 8.78 11.38 -41.30
C SER C 237 10.13 11.62 -40.72
N SER C 238 10.69 12.83 -40.96
CA SER C 238 12.01 13.12 -40.49
C SER C 238 12.00 13.01 -39.00
N GLY C 239 13.04 12.34 -38.47
CA GLY C 239 13.25 12.15 -37.07
C GLY C 239 13.60 13.47 -36.46
N PHE C 240 14.19 14.37 -37.28
CA PHE C 240 14.64 15.65 -36.83
C PHE C 240 13.50 16.56 -36.48
N GLU C 241 12.49 16.67 -37.36
CA GLU C 241 11.41 17.56 -37.09
C GLU C 241 10.72 17.08 -35.85
N MET C 242 10.62 15.75 -35.72
CA MET C 242 9.95 15.17 -34.59
C MET C 242 10.65 15.63 -33.35
N TRP C 243 11.99 15.68 -33.40
CA TRP C 243 12.79 16.04 -32.26
C TRP C 243 12.54 17.46 -31.88
N LYS C 244 12.22 18.31 -32.86
CA LYS C 244 12.04 19.70 -32.61
C LYS C 244 11.00 19.84 -31.55
N ASN C 245 10.00 18.96 -31.56
CA ASN C 245 8.96 18.98 -30.56
C ASN C 245 9.45 18.45 -29.24
N ASN C 246 10.10 17.27 -29.23
CA ASN C 246 10.43 16.68 -27.96
C ASN C 246 11.80 17.08 -27.52
N SER C 247 12.16 18.36 -27.75
CA SER C 247 13.45 18.78 -27.32
C SER C 247 13.47 18.59 -25.85
N GLY C 248 12.61 19.27 -25.08
CA GLY C 248 12.57 18.99 -23.66
C GLY C 248 13.57 19.82 -22.92
N ARG C 249 13.96 19.31 -21.73
CA ARG C 249 14.77 19.97 -20.75
C ARG C 249 15.99 20.57 -21.33
N PRO C 250 15.99 21.87 -21.36
CA PRO C 250 17.14 22.63 -21.80
C PRO C 250 17.98 22.84 -20.57
N LEU C 251 19.32 22.83 -20.70
CA LEU C 251 20.18 23.10 -19.57
C LEU C 251 20.13 24.55 -19.24
N GLN C 252 19.78 25.39 -20.23
CA GLN C 252 19.75 26.81 -20.05
C GLN C 252 18.75 27.14 -18.98
N GLU C 253 17.68 26.32 -18.85
CA GLU C 253 16.68 26.58 -17.85
C GLU C 253 17.08 26.23 -16.45
N THR C 254 17.69 25.04 -16.25
CA THR C 254 17.99 24.60 -14.91
C THR C 254 19.27 25.24 -14.48
N ALA C 255 19.15 25.96 -13.36
CA ALA C 255 20.03 26.78 -12.57
C ALA C 255 21.07 26.12 -11.72
N PRO C 256 21.14 24.81 -11.46
CA PRO C 256 21.91 24.26 -10.37
C PRO C 256 23.15 24.95 -9.92
N PHE C 257 23.14 25.36 -8.64
CA PHE C 257 24.22 25.99 -7.98
C PHE C 257 24.52 27.30 -8.65
N GLY C 258 23.56 27.83 -9.44
CA GLY C 258 23.72 29.12 -10.05
C GLY C 258 24.44 29.01 -11.36
N CYS C 259 24.72 27.79 -11.85
CA CYS C 259 25.43 27.65 -13.09
C CYS C 259 24.70 28.37 -14.17
N LYS C 260 25.47 28.96 -15.11
CA LYS C 260 24.92 29.60 -16.26
C LYS C 260 25.37 28.76 -17.42
N ILE C 261 24.65 28.78 -18.55
CA ILE C 261 25.06 27.91 -19.64
C ILE C 261 25.20 28.72 -20.89
N ALA C 262 26.34 28.54 -21.60
CA ALA C 262 26.57 29.25 -22.84
C ALA C 262 26.99 28.24 -23.87
N VAL C 263 26.37 28.32 -25.07
CA VAL C 263 26.57 27.42 -26.17
C VAL C 263 27.82 27.58 -26.98
N ASN C 264 28.37 28.80 -27.11
CA ASN C 264 29.48 28.89 -28.02
C ASN C 264 30.63 28.02 -27.54
N PRO C 265 31.26 28.24 -26.40
CA PRO C 265 32.28 27.29 -26.00
C PRO C 265 31.64 26.09 -25.35
N LEU C 266 30.31 26.14 -25.14
CA LEU C 266 29.60 25.10 -24.44
C LEU C 266 30.18 24.88 -23.08
N ARG C 267 29.82 25.76 -22.11
CA ARG C 267 30.33 25.64 -20.77
C ARG C 267 29.28 26.05 -19.77
N ALA C 268 29.64 25.96 -18.46
CA ALA C 268 28.78 26.42 -17.41
C ALA C 268 29.55 27.48 -16.67
N VAL C 269 28.95 28.69 -16.57
CA VAL C 269 29.63 29.79 -15.97
C VAL C 269 29.26 29.94 -14.52
N ASP C 270 30.24 30.39 -13.73
CA ASP C 270 30.08 30.81 -12.36
C ASP C 270 29.28 29.85 -11.53
N CYS C 271 29.41 28.53 -11.75
CA CYS C 271 28.67 27.64 -10.89
C CYS C 271 29.26 27.84 -9.53
N SER C 272 28.47 27.63 -8.45
CA SER C 272 29.05 27.77 -7.14
C SER C 272 29.14 26.39 -6.55
N TYR C 273 30.31 25.74 -6.72
CA TYR C 273 30.40 24.40 -6.23
C TYR C 273 31.78 24.13 -5.71
N GLY C 274 31.88 23.52 -4.51
CA GLY C 274 33.13 23.07 -3.98
C GLY C 274 34.00 24.20 -3.54
N ASN C 275 35.20 23.85 -3.04
CA ASN C 275 36.15 24.80 -2.56
C ASN C 275 37.41 24.61 -3.36
N ILE C 276 38.20 25.69 -3.54
CA ILE C 276 39.43 25.57 -4.26
C ILE C 276 40.61 25.67 -3.34
N PRO C 277 41.21 24.53 -3.15
CA PRO C 277 42.37 24.50 -2.30
C PRO C 277 43.50 25.30 -2.87
N ILE C 278 43.75 26.48 -2.30
CA ILE C 278 44.82 27.32 -2.74
C ILE C 278 46.06 26.77 -2.11
N SER C 279 47.23 26.93 -2.75
CA SER C 279 48.48 26.53 -2.15
C SER C 279 49.51 27.46 -2.70
N ILE C 280 50.39 27.99 -1.83
CA ILE C 280 51.34 28.95 -2.32
C ILE C 280 52.69 28.58 -1.82
N ASP C 281 53.72 29.25 -2.36
CA ASP C 281 55.07 29.10 -1.91
C ASP C 281 55.61 30.50 -1.86
N ILE C 282 55.49 31.17 -0.69
CA ILE C 282 55.90 32.53 -0.64
C ILE C 282 57.31 32.65 -0.14
N PRO C 283 58.01 33.59 -0.71
CA PRO C 283 59.37 33.85 -0.32
C PRO C 283 59.40 34.67 0.93
N ASN C 284 60.54 34.64 1.64
CA ASN C 284 60.73 35.38 2.84
C ASN C 284 60.60 36.82 2.47
N ALA C 285 60.90 37.14 1.20
CA ALA C 285 60.83 38.48 0.71
C ALA C 285 59.43 38.99 0.81
N ALA C 286 58.43 38.12 0.55
CA ALA C 286 57.04 38.46 0.53
C ALA C 286 56.61 38.95 1.89
N PHE C 287 57.16 38.31 2.94
CA PHE C 287 56.90 38.52 4.32
C PHE C 287 57.37 39.88 4.71
N ILE C 288 57.95 40.61 3.73
CA ILE C 288 58.42 41.97 3.82
C ILE C 288 57.76 42.73 4.94
N ARG C 289 58.50 43.71 5.50
CA ARG C 289 57.99 44.37 6.66
C ARG C 289 57.86 43.34 7.73
N THR C 290 59.02 42.81 8.15
CA THR C 290 59.10 41.80 9.18
C THR C 290 59.22 42.50 10.50
N LEU D 1 54.68 53.06 13.41
CA LEU D 1 54.23 52.29 14.54
C LEU D 1 52.93 52.87 14.98
N VAL D 2 52.01 51.99 15.42
CA VAL D 2 50.74 52.39 15.89
C VAL D 2 50.64 51.90 17.29
N SER D 3 50.04 52.71 18.18
CA SER D 3 49.98 52.29 19.55
C SER D 3 48.58 52.37 20.06
N THR D 4 48.28 51.45 20.98
CA THR D 4 47.08 51.21 21.75
C THR D 4 45.97 50.69 20.90
N VAL D 5 45.63 51.39 19.78
CA VAL D 5 44.58 51.08 18.84
C VAL D 5 43.31 50.48 19.44
N LYS D 6 42.17 51.17 19.24
CA LYS D 6 40.92 50.70 19.76
C LYS D 6 39.93 50.59 18.63
N CYS D 7 39.00 49.62 18.72
CA CYS D 7 38.07 49.40 17.65
C CYS D 7 36.69 49.84 18.08
N GLU D 8 36.05 50.71 17.28
CA GLU D 8 34.71 51.14 17.57
C GLU D 8 33.88 50.88 16.35
N VAL D 9 32.92 49.95 16.46
CA VAL D 9 32.09 49.52 15.39
C VAL D 9 30.94 50.47 15.29
N SER D 10 30.13 50.37 14.21
CA SER D 10 29.02 51.26 14.01
C SER D 10 27.83 50.46 13.55
N GLU D 11 27.97 49.73 12.42
CA GLU D 11 26.83 49.01 11.91
C GLU D 11 27.12 47.54 11.81
N CYS D 12 26.04 46.74 11.76
CA CYS D 12 26.18 45.32 11.61
C CYS D 12 24.96 44.79 10.91
N THR D 13 25.18 43.98 9.85
CA THR D 13 24.10 43.41 9.12
C THR D 13 24.47 41.99 8.76
N TYR D 14 23.51 41.07 8.90
CA TYR D 14 23.69 39.66 8.67
C TYR D 14 24.08 39.44 7.24
N SER D 15 23.56 40.28 6.33
CA SER D 15 23.71 40.13 4.91
C SER D 15 25.11 39.75 4.55
N ALA D 16 25.20 38.68 3.73
CA ALA D 16 26.48 38.23 3.31
C ALA D 16 27.01 39.28 2.39
N ASP D 17 28.34 39.34 2.29
CA ASP D 17 29.01 40.34 1.48
C ASP D 17 28.86 41.74 1.99
N PHE D 18 29.62 42.02 3.07
CA PHE D 18 29.93 43.31 3.64
C PHE D 18 28.75 44.13 4.05
N GLY D 19 28.97 44.86 5.17
CA GLY D 19 28.02 45.74 5.81
C GLY D 19 28.71 46.22 7.05
N GLY D 20 28.06 47.10 7.84
CA GLY D 20 28.66 47.52 9.08
C GLY D 20 29.79 48.46 8.79
N MET D 21 30.23 49.21 9.83
CA MET D 21 31.32 50.14 9.66
C MET D 21 32.26 50.06 10.83
N ALA D 22 33.41 49.38 10.67
CA ALA D 22 34.36 49.33 11.73
C ALA D 22 35.25 50.52 11.60
N THR D 23 35.66 51.12 12.73
CA THR D 23 36.59 52.21 12.59
C THR D 23 37.62 52.11 13.68
N LEU D 24 38.88 51.83 13.29
CA LEU D 24 39.95 51.71 14.25
C LEU D 24 40.38 53.09 14.63
N GLN D 25 41.16 53.22 15.73
CA GLN D 25 41.67 54.50 16.14
C GLN D 25 43.01 54.29 16.79
N TYR D 26 43.95 55.23 16.59
CA TYR D 26 45.25 55.03 17.16
C TYR D 26 46.04 56.31 17.14
N VAL D 27 47.31 56.21 17.59
CA VAL D 27 48.29 57.26 17.53
C VAL D 27 49.47 56.60 16.89
N SER D 28 50.18 57.28 15.96
CA SER D 28 51.26 56.61 15.30
C SER D 28 52.37 57.57 15.01
N ASP D 29 53.49 57.06 14.45
CA ASP D 29 54.62 57.89 14.15
C ASP D 29 55.12 57.66 12.75
N ARG D 30 55.53 58.77 12.07
CA ARG D 30 56.14 58.85 10.76
C ARG D 30 55.15 58.52 9.70
N GLU D 31 54.39 57.43 9.94
CA GLU D 31 53.32 56.94 9.13
C GLU D 31 53.67 56.58 7.73
N GLY D 32 53.01 55.51 7.26
CA GLY D 32 53.15 54.94 5.94
C GLY D 32 51.87 54.21 5.65
N GLN D 33 51.89 53.29 4.68
CA GLN D 33 50.71 52.55 4.29
C GLN D 33 50.57 51.36 5.21
N CYS D 34 49.46 51.27 5.97
CA CYS D 34 49.29 50.15 6.85
C CYS D 34 48.31 49.16 6.28
N PRO D 35 48.69 47.92 6.47
CA PRO D 35 47.87 46.80 6.05
C PRO D 35 46.75 46.58 7.01
N VAL D 36 45.78 45.71 6.66
CA VAL D 36 44.66 45.45 7.52
C VAL D 36 44.31 43.99 7.38
N HIS D 37 43.64 43.40 8.40
CA HIS D 37 43.29 42.01 8.28
C HIS D 37 42.22 41.68 9.28
N SER D 38 42.10 40.37 9.60
CA SER D 38 41.19 39.82 10.58
C SER D 38 41.69 38.44 10.86
N HIS D 39 42.38 38.28 12.00
CA HIS D 39 43.03 37.07 12.43
C HIS D 39 42.05 36.05 12.91
N SER D 40 40.82 36.49 13.24
CA SER D 40 39.79 35.63 13.78
C SER D 40 39.51 34.49 12.84
N SER D 41 38.48 33.70 13.19
CA SER D 41 38.08 32.59 12.35
C SER D 41 37.35 33.06 11.12
N THR D 42 36.16 33.65 11.32
CA THR D 42 35.31 34.13 10.26
C THR D 42 35.45 35.62 10.25
N ALA D 43 34.32 36.34 10.07
CA ALA D 43 34.28 37.77 10.12
C ALA D 43 35.41 38.42 9.36
N THR D 44 35.17 38.77 8.07
CA THR D 44 36.18 39.41 7.27
C THR D 44 35.84 40.84 7.00
N LEU D 45 36.70 41.50 6.18
CA LEU D 45 36.48 42.86 5.83
C LEU D 45 37.15 43.15 4.52
N GLN D 46 36.42 43.85 3.62
CA GLN D 46 37.00 44.13 2.34
C GLN D 46 37.83 45.36 2.45
N GLU D 47 39.13 45.15 2.73
CA GLU D 47 40.09 46.21 2.77
C GLU D 47 41.37 45.66 3.28
N SER D 48 42.35 45.56 2.36
CA SER D 48 43.67 45.06 2.62
C SER D 48 44.55 46.10 3.24
N THR D 49 44.34 47.40 2.91
CA THR D 49 45.23 48.38 3.46
C THR D 49 44.55 49.70 3.68
N VAL D 50 45.20 50.54 4.51
CA VAL D 50 44.76 51.88 4.82
C VAL D 50 46.01 52.64 5.17
N HIS D 51 46.02 53.98 5.01
CA HIS D 51 47.21 54.76 5.24
C HIS D 51 46.95 55.81 6.29
N VAL D 52 47.92 55.92 7.23
CA VAL D 52 48.11 56.72 8.42
C VAL D 52 48.90 58.02 8.35
N LEU D 53 49.51 58.41 7.23
CA LEU D 53 50.48 59.49 7.21
C LEU D 53 49.98 60.80 7.78
N GLU D 54 48.66 61.03 7.72
CA GLU D 54 47.97 62.23 8.15
C GLU D 54 48.10 62.43 9.64
N LYS D 55 48.40 61.37 10.42
CA LYS D 55 48.45 61.44 11.85
C LYS D 55 47.06 61.56 12.41
N GLY D 56 46.18 60.63 11.99
CA GLY D 56 44.82 60.60 12.46
C GLY D 56 44.39 59.17 12.65
N ALA D 57 43.06 58.97 12.82
CA ALA D 57 42.46 57.66 13.00
C ALA D 57 42.10 57.10 11.65
N VAL D 58 41.69 55.81 11.60
CA VAL D 58 41.38 55.15 10.36
C VAL D 58 39.91 54.81 10.35
N THR D 59 39.38 54.39 9.18
CA THR D 59 38.03 53.90 9.04
C THR D 59 38.08 52.66 8.22
N VAL D 60 37.09 51.76 8.37
CA VAL D 60 37.13 50.56 7.59
C VAL D 60 35.75 50.05 7.36
N HIS D 61 35.64 48.97 6.53
CA HIS D 61 34.39 48.34 6.20
C HIS D 61 34.58 46.86 6.34
N PHE D 62 33.50 46.12 6.70
CA PHE D 62 33.64 44.71 6.92
C PHE D 62 32.40 43.97 6.49
N SER D 63 32.36 42.65 6.78
CA SER D 63 31.25 41.79 6.42
C SER D 63 30.88 40.99 7.64
N THR D 64 30.20 39.84 7.44
CA THR D 64 29.84 38.84 8.44
C THR D 64 28.37 38.90 8.69
N ALA D 65 27.74 37.72 8.92
CA ALA D 65 26.36 37.62 9.33
C ALA D 65 26.10 37.80 10.81
N SER D 66 26.89 37.08 11.64
CA SER D 66 26.66 36.83 13.06
C SER D 66 26.00 37.97 13.78
N PRO D 67 25.06 37.55 14.60
CA PRO D 67 24.23 38.44 15.38
C PRO D 67 25.10 39.36 16.18
N GLN D 68 26.26 38.87 16.67
CA GLN D 68 27.17 39.73 17.36
C GLN D 68 28.41 38.91 17.59
N ALA D 69 29.48 39.20 16.85
CA ALA D 69 30.67 38.43 16.98
C ALA D 69 31.82 39.37 17.16
N ASN D 70 32.95 38.85 17.69
CA ASN D 70 34.13 39.63 17.92
C ASN D 70 35.19 39.10 17.01
N PHE D 71 36.14 39.97 16.58
CA PHE D 71 37.20 39.54 15.73
C PHE D 71 38.41 40.39 15.95
N ILE D 72 39.61 39.81 15.76
CA ILE D 72 40.79 40.60 16.01
C ILE D 72 41.23 41.20 14.72
N VAL D 73 41.36 42.54 14.70
CA VAL D 73 41.70 43.24 13.50
C VAL D 73 43.01 43.92 13.71
N SER D 74 44.00 43.59 12.86
CA SER D 74 45.30 44.18 12.98
C SER D 74 45.36 45.42 12.15
N LEU D 75 46.31 46.32 12.49
CA LEU D 75 46.56 47.50 11.74
C LEU D 75 48.05 47.64 11.67
N CYS D 76 48.64 47.11 10.59
CA CYS D 76 50.06 47.05 10.33
C CYS D 76 50.70 45.95 11.13
N GLY D 77 50.31 45.77 12.40
CA GLY D 77 51.07 44.90 13.24
C GLY D 77 50.46 45.04 14.59
N LYS D 78 49.89 46.23 14.89
CA LYS D 78 49.17 46.39 16.12
C LYS D 78 47.94 45.53 15.97
N LYS D 79 47.13 45.40 17.05
CA LYS D 79 45.96 44.57 16.95
C LYS D 79 44.87 45.10 17.86
N THR D 80 43.75 44.36 17.95
CA THR D 80 42.67 44.73 18.83
C THR D 80 41.53 43.76 18.64
N THR D 81 40.41 43.95 19.39
CA THR D 81 39.28 43.10 19.20
C THR D 81 38.07 43.97 18.98
N CYS D 82 37.20 43.59 18.02
CA CYS D 82 36.05 44.39 17.70
C CYS D 82 34.82 43.56 17.99
N ASN D 83 33.65 44.23 18.15
CA ASN D 83 32.40 43.53 18.36
C ASN D 83 31.28 44.54 18.35
N ALA D 84 30.03 44.08 18.16
CA ALA D 84 28.92 45.00 18.20
C ALA D 84 27.63 44.24 18.00
N GLU D 85 26.49 44.93 18.26
CA GLU D 85 25.15 44.40 18.12
C GLU D 85 24.84 44.29 16.66
N CYS D 86 23.81 43.50 16.28
CA CYS D 86 23.59 43.39 14.87
C CYS D 86 22.12 43.59 14.56
N LYS D 87 21.77 43.46 13.27
CA LYS D 87 20.41 43.63 12.83
C LYS D 87 20.29 42.96 11.49
N PRO D 88 19.11 42.52 11.16
CA PRO D 88 18.91 41.91 9.87
C PRO D 88 18.84 42.95 8.81
N PRO D 89 19.08 42.57 7.58
CA PRO D 89 19.01 43.52 6.51
C PRO D 89 17.59 43.73 6.12
N TYR E 1 -27.47 -45.81 -45.71
CA TYR E 1 -28.52 -45.89 -44.70
C TYR E 1 -29.07 -44.54 -44.43
N GLU E 2 -29.46 -44.31 -43.16
CA GLU E 2 -29.89 -43.00 -42.79
C GLU E 2 -28.89 -42.53 -41.78
N HIS E 3 -27.82 -41.85 -42.26
CA HIS E 3 -26.80 -41.40 -41.37
C HIS E 3 -27.20 -40.06 -40.84
N ALA E 4 -26.69 -39.69 -39.65
CA ALA E 4 -26.99 -38.39 -39.10
C ALA E 4 -25.72 -37.88 -38.50
N THR E 5 -25.44 -36.57 -38.65
CA THR E 5 -24.21 -36.04 -38.13
C THR E 5 -24.45 -34.59 -37.83
N THR E 6 -23.43 -33.89 -37.30
CA THR E 6 -23.47 -32.49 -37.08
C THR E 6 -22.09 -31.98 -37.40
N VAL E 7 -21.97 -30.74 -37.91
CA VAL E 7 -20.66 -30.22 -38.19
C VAL E 7 -20.66 -28.79 -37.79
N PRO E 8 -19.58 -28.29 -37.26
CA PRO E 8 -19.58 -26.92 -36.82
C PRO E 8 -19.67 -25.96 -37.96
N ASN E 9 -20.25 -24.77 -37.73
CA ASN E 9 -20.35 -23.84 -38.80
C ASN E 9 -19.05 -23.11 -38.85
N VAL E 10 -18.06 -23.66 -39.60
CA VAL E 10 -16.80 -22.99 -39.69
C VAL E 10 -16.26 -23.20 -41.07
N PRO E 11 -15.90 -22.12 -41.71
CA PRO E 11 -15.41 -22.25 -43.05
C PRO E 11 -14.04 -22.86 -43.10
N GLN E 12 -13.71 -23.51 -44.23
CA GLN E 12 -12.41 -24.05 -44.50
C GLN E 12 -11.98 -25.08 -43.50
N ILE E 13 -12.90 -25.72 -42.75
CA ILE E 13 -12.39 -26.71 -41.84
C ILE E 13 -12.84 -28.05 -42.33
N PRO E 14 -11.88 -28.86 -42.73
CA PRO E 14 -12.21 -30.15 -43.28
C PRO E 14 -12.90 -31.01 -42.28
N TYR E 15 -13.99 -31.68 -42.70
CA TYR E 15 -14.76 -32.46 -41.79
C TYR E 15 -14.73 -33.88 -42.27
N LYS E 16 -14.66 -34.82 -41.33
CA LYS E 16 -14.61 -36.20 -41.69
C LYS E 16 -15.58 -36.92 -40.82
N ALA E 17 -16.37 -37.81 -41.43
CA ALA E 17 -17.30 -38.61 -40.70
C ALA E 17 -16.96 -40.00 -41.12
N LEU E 18 -16.94 -40.95 -40.16
CA LEU E 18 -16.60 -42.28 -40.54
C LEU E 18 -17.83 -43.09 -40.33
N VAL E 19 -18.38 -43.61 -41.43
CA VAL E 19 -19.55 -44.41 -41.31
C VAL E 19 -19.14 -45.81 -41.62
N GLU E 20 -19.29 -46.70 -40.63
CA GLU E 20 -18.97 -48.08 -40.81
C GLU E 20 -20.13 -48.81 -40.22
N ARG E 21 -20.74 -49.73 -40.99
CA ARG E 21 -21.86 -50.43 -40.43
C ARG E 21 -21.98 -51.73 -41.12
N ALA E 22 -22.52 -52.75 -40.42
CA ALA E 22 -22.84 -54.02 -41.01
C ALA E 22 -21.69 -54.53 -41.81
N GLY E 23 -22.00 -55.45 -42.74
CA GLY E 23 -21.07 -56.17 -43.56
C GLY E 23 -20.21 -55.25 -44.38
N TYR E 24 -20.60 -53.98 -44.59
CA TYR E 24 -19.93 -53.09 -45.51
C TYR E 24 -18.63 -52.54 -45.00
N ALA E 25 -17.62 -52.44 -45.90
CA ALA E 25 -16.37 -51.84 -45.55
C ALA E 25 -16.70 -50.43 -45.18
N PRO E 26 -16.04 -49.88 -44.19
CA PRO E 26 -16.40 -48.57 -43.71
C PRO E 26 -16.23 -47.53 -44.77
N LEU E 27 -16.92 -46.38 -44.63
CA LEU E 27 -16.93 -45.34 -45.62
C LEU E 27 -16.61 -44.02 -44.96
N ASN E 28 -15.84 -43.16 -45.66
CA ASN E 28 -15.47 -41.88 -45.10
C ASN E 28 -16.13 -40.76 -45.87
N LEU E 29 -17.04 -40.01 -45.22
CA LEU E 29 -17.72 -38.93 -45.88
C LEU E 29 -17.17 -37.63 -45.36
N GLU E 30 -16.56 -36.81 -46.24
CA GLU E 30 -15.97 -35.58 -45.81
C GLU E 30 -16.65 -34.40 -46.45
N ILE E 31 -17.19 -33.47 -45.63
CA ILE E 31 -17.82 -32.30 -46.20
C ILE E 31 -17.52 -31.07 -45.37
N THR E 32 -16.96 -30.00 -46.00
CA THR E 32 -16.59 -28.78 -45.32
C THR E 32 -17.23 -27.61 -46.01
N VAL E 33 -17.84 -26.67 -45.24
CA VAL E 33 -18.55 -25.54 -45.80
C VAL E 33 -17.61 -24.53 -46.39
N MET E 34 -17.88 -24.11 -47.65
CA MET E 34 -17.15 -23.10 -48.37
C MET E 34 -17.44 -21.71 -47.90
N SER E 35 -18.71 -21.40 -47.58
CA SER E 35 -19.00 -20.07 -47.12
C SER E 35 -20.46 -19.97 -46.83
N SER E 36 -20.80 -19.40 -45.66
CA SER E 36 -22.16 -19.21 -45.27
C SER E 36 -22.54 -17.88 -45.82
N GLU E 37 -23.77 -17.42 -45.51
CA GLU E 37 -24.21 -16.11 -45.89
C GLU E 37 -25.50 -15.87 -45.17
N VAL E 38 -25.53 -14.99 -44.14
CA VAL E 38 -26.80 -14.79 -43.51
C VAL E 38 -27.47 -13.61 -44.15
N LEU E 39 -28.60 -13.85 -44.82
CA LEU E 39 -29.27 -12.79 -45.52
C LEU E 39 -30.62 -12.61 -44.89
N PRO E 40 -30.81 -11.51 -44.22
CA PRO E 40 -32.11 -11.26 -43.64
C PRO E 40 -33.07 -10.79 -44.69
N SER E 41 -34.34 -11.19 -44.60
CA SER E 41 -35.29 -10.73 -45.56
C SER E 41 -35.70 -9.37 -45.10
N THR E 42 -35.53 -8.36 -45.96
CA THR E 42 -35.80 -7.01 -45.52
C THR E 42 -36.90 -6.42 -46.33
N ASN E 43 -37.56 -5.38 -45.77
CA ASN E 43 -38.61 -4.70 -46.47
C ASN E 43 -38.37 -3.24 -46.33
N GLN E 44 -38.16 -2.53 -47.45
CA GLN E 44 -37.90 -1.13 -47.34
C GLN E 44 -39.12 -0.48 -46.76
N GLU E 45 -38.96 0.12 -45.56
CA GLU E 45 -40.01 0.84 -44.92
C GLU E 45 -40.13 2.21 -45.55
N TYR E 46 -38.99 2.89 -45.74
CA TYR E 46 -39.04 4.20 -46.34
C TYR E 46 -37.67 4.70 -46.70
N ILE E 47 -37.61 5.95 -47.20
CA ILE E 47 -36.37 6.55 -47.60
C ILE E 47 -36.29 7.94 -47.04
N THR E 48 -35.05 8.41 -46.76
CA THR E 48 -34.88 9.75 -46.26
C THR E 48 -33.65 10.36 -46.86
N CYS E 49 -33.67 11.70 -47.00
CA CYS E 49 -32.60 12.51 -47.51
C CYS E 49 -32.86 13.88 -46.98
N LYS E 50 -32.11 14.89 -47.48
CA LYS E 50 -32.36 16.25 -47.10
C LYS E 50 -33.44 16.77 -47.99
N PHE E 51 -34.19 17.79 -47.50
CA PHE E 51 -35.31 18.33 -48.22
C PHE E 51 -35.01 19.69 -48.78
N THR E 52 -35.95 20.20 -49.60
CA THR E 52 -35.87 21.52 -50.18
C THR E 52 -37.16 22.22 -49.84
N THR E 53 -37.07 23.47 -49.33
CA THR E 53 -38.25 24.17 -48.91
C THR E 53 -38.82 24.93 -50.06
N VAL E 54 -40.16 24.88 -50.21
CA VAL E 54 -40.75 25.62 -51.30
C VAL E 54 -41.70 26.62 -50.70
N VAL E 55 -41.51 27.91 -51.05
CA VAL E 55 -42.37 28.92 -50.49
C VAL E 55 -42.95 29.71 -51.62
N PRO E 56 -44.24 29.63 -51.78
CA PRO E 56 -44.91 30.31 -52.88
C PRO E 56 -44.89 31.79 -52.70
N SER E 57 -45.40 32.55 -53.69
CA SER E 57 -45.44 33.98 -53.57
C SER E 57 -46.58 34.33 -52.65
N PRO E 58 -46.40 35.35 -51.88
CA PRO E 58 -47.42 35.74 -50.95
C PRO E 58 -48.61 36.31 -51.65
N LYS E 59 -49.81 36.16 -51.07
CA LYS E 59 -50.97 36.70 -51.70
C LYS E 59 -51.46 37.83 -50.85
N ILE E 60 -51.17 39.07 -51.29
CA ILE E 60 -51.55 40.24 -50.56
C ILE E 60 -52.83 40.73 -51.15
N LYS E 61 -53.76 41.21 -50.28
CA LYS E 61 -55.01 41.69 -50.79
C LYS E 61 -55.47 42.83 -49.93
N CYS E 62 -55.53 44.04 -50.50
CA CYS E 62 -55.89 45.20 -49.73
C CYS E 62 -57.36 45.17 -49.42
N CYS E 63 -57.68 45.42 -48.14
CA CYS E 63 -59.04 45.60 -47.68
C CYS E 63 -59.88 44.45 -48.16
N GLY E 64 -59.39 43.21 -47.95
CA GLY E 64 -60.16 42.07 -48.36
C GLY E 64 -59.74 40.90 -47.53
N SER E 65 -60.58 39.85 -47.47
CA SER E 65 -60.23 38.75 -46.62
C SER E 65 -59.80 37.60 -47.46
N LEU E 66 -58.60 37.05 -47.15
CA LEU E 66 -58.10 35.88 -47.79
C LEU E 66 -58.39 34.73 -46.89
N GLU E 67 -58.18 33.50 -47.40
CA GLU E 67 -58.40 32.37 -46.55
C GLU E 67 -57.80 31.19 -47.24
N CYS E 68 -56.74 30.61 -46.64
CA CYS E 68 -56.13 29.49 -47.29
C CYS E 68 -56.91 28.25 -47.02
N GLN E 69 -56.93 27.37 -48.03
CA GLN E 69 -57.62 26.11 -48.01
C GLN E 69 -56.58 25.05 -47.77
N PRO E 70 -56.98 23.91 -47.28
CA PRO E 70 -56.03 22.88 -47.00
C PRO E 70 -55.40 22.34 -48.24
N ALA E 71 -54.14 21.87 -48.16
CA ALA E 71 -53.46 21.36 -49.32
C ALA E 71 -52.76 20.09 -48.97
N ALA E 72 -52.66 19.22 -49.99
CA ALA E 72 -52.14 17.89 -49.96
C ALA E 72 -50.68 17.85 -49.61
N HIS E 73 -49.93 18.93 -49.90
CA HIS E 73 -48.48 19.01 -49.80
C HIS E 73 -47.92 18.59 -48.47
N ALA E 74 -46.62 18.19 -48.48
CA ALA E 74 -45.94 17.71 -47.32
C ALA E 74 -45.55 18.82 -46.40
N ASP E 75 -46.01 18.73 -45.13
CA ASP E 75 -45.77 19.69 -44.10
C ASP E 75 -46.35 21.00 -44.51
N TYR E 76 -47.43 20.95 -45.30
CA TYR E 76 -48.06 22.12 -45.85
C TYR E 76 -48.50 23.03 -44.75
N THR E 77 -48.06 24.30 -44.83
CA THR E 77 -48.41 25.30 -43.87
C THR E 77 -48.96 26.47 -44.61
N CYS E 78 -49.84 27.24 -43.95
CA CYS E 78 -50.39 28.44 -44.53
C CYS E 78 -51.04 29.18 -43.42
N LYS E 79 -51.13 30.52 -43.54
CA LYS E 79 -51.76 31.28 -42.51
C LYS E 79 -52.13 32.61 -43.08
N VAL E 80 -53.36 33.07 -42.81
CA VAL E 80 -53.75 34.36 -43.29
C VAL E 80 -53.42 35.34 -42.21
N PHE E 81 -52.71 36.43 -42.57
CA PHE E 81 -52.31 37.42 -41.60
C PHE E 81 -53.18 38.63 -41.78
N GLY E 82 -53.21 39.53 -40.77
CA GLY E 82 -54.02 40.72 -40.87
C GLY E 82 -53.27 41.86 -40.23
N GLY E 83 -53.66 43.10 -40.56
CA GLY E 83 -53.01 44.25 -40.01
C GLY E 83 -51.60 44.21 -40.51
N VAL E 84 -51.43 43.57 -41.69
CA VAL E 84 -50.16 43.33 -42.28
C VAL E 84 -49.42 44.56 -42.73
N TYR E 85 -49.98 45.32 -43.68
CA TYR E 85 -49.25 46.46 -44.15
C TYR E 85 -50.17 47.63 -44.01
N PRO E 86 -49.95 48.38 -42.97
CA PRO E 86 -50.83 49.45 -42.55
C PRO E 86 -51.33 50.39 -43.61
N PHE E 87 -50.45 51.03 -44.40
CA PHE E 87 -50.92 52.00 -45.35
C PHE E 87 -50.13 51.81 -46.60
N MET E 88 -50.15 52.81 -47.49
CA MET E 88 -49.42 52.71 -48.72
C MET E 88 -47.97 52.61 -48.36
N TRP E 89 -47.55 53.39 -47.36
CA TRP E 89 -46.20 53.39 -46.89
C TRP E 89 -45.97 52.06 -46.26
N GLY E 90 -47.08 51.34 -46.00
CA GLY E 90 -47.13 50.07 -45.33
C GLY E 90 -46.27 49.05 -46.03
N GLY E 91 -45.99 49.22 -47.34
CA GLY E 91 -45.11 48.32 -48.04
C GLY E 91 -45.87 47.59 -49.11
N ALA E 92 -47.19 47.48 -48.91
CA ALA E 92 -48.18 46.98 -49.82
C ALA E 92 -48.67 47.99 -50.79
N GLN E 93 -48.55 49.29 -50.45
CA GLN E 93 -49.14 50.32 -51.24
C GLN E 93 -50.63 50.11 -51.20
N CYS E 94 -51.13 49.68 -50.02
CA CYS E 94 -52.53 49.44 -49.78
C CYS E 94 -53.15 50.62 -49.09
N PHE E 95 -54.49 50.76 -49.24
CA PHE E 95 -55.27 51.79 -48.61
C PHE E 95 -55.57 51.58 -47.14
N CYS E 96 -56.31 50.49 -46.81
CA CYS E 96 -56.88 50.30 -45.50
C CYS E 96 -55.83 50.13 -44.46
N ASP E 97 -56.18 50.51 -43.21
CA ASP E 97 -55.27 50.48 -42.11
C ASP E 97 -54.89 49.08 -41.73
N SER E 98 -55.87 48.16 -41.62
CA SER E 98 -55.49 46.85 -41.15
C SER E 98 -56.30 45.80 -41.84
N GLU E 99 -57.28 46.21 -42.65
CA GLU E 99 -58.22 45.36 -43.31
C GLU E 99 -57.50 44.42 -44.24
N ASN E 100 -56.22 44.72 -44.53
CA ASN E 100 -55.41 43.94 -45.45
C ASN E 100 -55.08 42.60 -44.88
N SER E 101 -55.07 41.57 -45.75
CA SER E 101 -54.71 40.25 -45.31
C SER E 101 -53.65 39.73 -46.24
N GLN E 102 -52.78 38.84 -45.74
CA GLN E 102 -51.76 38.26 -46.56
C GLN E 102 -51.79 36.79 -46.37
N MET E 103 -51.79 36.03 -47.47
CA MET E 103 -51.80 34.61 -47.35
C MET E 103 -50.38 34.16 -47.46
N SER E 104 -49.90 33.38 -46.48
CA SER E 104 -48.57 32.88 -46.57
C SER E 104 -48.68 31.39 -46.60
N GLU E 105 -47.68 30.70 -47.21
CA GLU E 105 -47.74 29.27 -47.27
C GLU E 105 -46.40 28.76 -47.70
N ALA E 106 -46.13 27.47 -47.42
CA ALA E 106 -44.89 26.86 -47.80
C ALA E 106 -44.99 25.39 -47.54
N TYR E 107 -44.09 24.58 -48.14
CA TYR E 107 -44.10 23.16 -47.87
C TYR E 107 -42.75 22.59 -48.14
N VAL E 108 -42.59 21.26 -47.89
CA VAL E 108 -41.31 20.64 -48.08
C VAL E 108 -41.38 19.62 -49.17
N GLU E 109 -40.35 19.61 -50.02
CA GLU E 109 -40.23 18.69 -51.10
C GLU E 109 -38.92 18.00 -50.92
N LEU E 110 -38.80 16.75 -51.40
CA LEU E 110 -37.56 16.04 -51.25
C LEU E 110 -36.54 16.81 -52.00
N SER E 111 -35.30 16.89 -51.46
CA SER E 111 -34.28 17.65 -52.13
C SER E 111 -34.03 16.98 -53.44
N ALA E 112 -33.36 17.69 -54.36
CA ALA E 112 -33.05 17.20 -55.67
C ALA E 112 -32.04 16.08 -55.60
N ASP E 113 -31.02 16.25 -54.73
CA ASP E 113 -29.89 15.38 -54.58
C ASP E 113 -30.32 14.04 -54.06
N CYS E 114 -31.58 13.93 -53.60
CA CYS E 114 -32.01 12.75 -52.92
C CYS E 114 -31.84 11.49 -53.71
N ALA E 115 -32.27 11.46 -54.98
CA ALA E 115 -32.23 10.24 -55.75
C ALA E 115 -30.81 9.77 -55.79
N SER E 116 -29.85 10.72 -55.86
CA SER E 116 -28.47 10.33 -55.89
C SER E 116 -28.11 9.63 -54.61
N ASP E 117 -28.13 10.35 -53.47
CA ASP E 117 -27.72 9.73 -52.24
C ASP E 117 -28.84 9.84 -51.25
N HIS E 118 -29.11 8.72 -50.55
CA HIS E 118 -30.16 8.70 -49.57
C HIS E 118 -29.92 7.54 -48.65
N ALA E 119 -30.89 7.28 -47.74
CA ALA E 119 -30.76 6.17 -46.84
C ALA E 119 -32.05 5.41 -46.84
N GLN E 120 -31.99 4.09 -46.52
CA GLN E 120 -33.19 3.30 -46.54
C GLN E 120 -33.44 2.71 -45.19
N ALA E 121 -34.70 2.84 -44.70
CA ALA E 121 -35.07 2.25 -43.45
C ALA E 121 -35.70 0.94 -43.79
N ILE E 122 -35.16 -0.15 -43.25
CA ILE E 122 -35.58 -1.44 -43.69
C ILE E 122 -36.03 -2.22 -42.48
N LYS E 123 -36.61 -3.41 -42.70
CA LYS E 123 -37.06 -4.24 -41.62
C LYS E 123 -36.40 -5.58 -41.81
N VAL E 124 -35.41 -5.91 -40.98
CA VAL E 124 -34.75 -7.18 -41.08
C VAL E 124 -35.67 -8.21 -40.52
N HIS E 125 -35.93 -9.29 -41.29
CA HIS E 125 -36.84 -10.33 -40.88
C HIS E 125 -36.06 -11.59 -40.75
N THR E 126 -36.74 -12.64 -40.22
CA THR E 126 -36.18 -13.93 -39.94
C THR E 126 -35.33 -14.34 -41.10
N ALA E 127 -34.01 -14.23 -40.86
CA ALA E 127 -33.00 -14.45 -41.85
C ALA E 127 -32.89 -15.92 -42.16
N ALA E 128 -32.23 -16.21 -43.31
CA ALA E 128 -32.02 -17.55 -43.74
C ALA E 128 -30.57 -17.69 -44.06
N MET E 129 -30.04 -18.93 -44.05
CA MET E 129 -28.64 -19.10 -44.28
C MET E 129 -28.40 -19.83 -45.57
N LYS E 130 -27.41 -19.34 -46.35
CA LYS E 130 -27.03 -19.95 -47.58
C LYS E 130 -26.03 -20.99 -47.17
N VAL E 131 -25.21 -21.48 -48.12
CA VAL E 131 -24.12 -22.36 -47.80
C VAL E 131 -23.54 -22.93 -49.07
N GLY E 132 -22.22 -22.77 -49.20
CA GLY E 132 -21.26 -23.16 -50.20
C GLY E 132 -20.82 -24.61 -50.09
N LEU E 133 -21.34 -25.36 -49.11
CA LEU E 133 -20.87 -26.67 -48.69
C LEU E 133 -20.37 -27.56 -49.81
N ARG E 134 -19.23 -28.25 -49.54
CA ARG E 134 -18.65 -29.17 -50.49
C ARG E 134 -18.64 -30.55 -49.89
N ILE E 135 -19.42 -31.47 -50.45
CA ILE E 135 -19.52 -32.80 -49.92
C ILE E 135 -18.69 -33.73 -50.73
N VAL E 136 -18.19 -34.82 -50.11
CA VAL E 136 -17.40 -35.78 -50.84
C VAL E 136 -17.50 -37.12 -50.16
N TYR E 137 -17.43 -38.21 -50.98
CA TYR E 137 -17.36 -39.54 -50.46
C TYR E 137 -17.14 -40.43 -51.65
N GLY E 138 -15.99 -41.13 -51.67
CA GLY E 138 -15.70 -41.91 -52.83
C GLY E 138 -15.31 -40.95 -53.90
N ASN E 139 -16.23 -40.65 -54.84
CA ASN E 139 -15.88 -39.70 -55.85
C ASN E 139 -16.98 -38.70 -55.98
N THR E 140 -16.82 -37.51 -55.37
CA THR E 140 -17.80 -36.48 -55.51
C THR E 140 -17.24 -35.18 -55.01
N THR E 141 -16.18 -34.69 -55.67
CA THR E 141 -15.43 -33.53 -55.30
C THR E 141 -16.31 -32.32 -55.43
N SER E 142 -17.52 -32.51 -56.01
CA SER E 142 -18.44 -31.46 -56.34
C SER E 142 -18.93 -30.67 -55.13
N PHE E 143 -19.15 -29.36 -55.36
CA PHE E 143 -19.63 -28.44 -54.36
C PHE E 143 -21.07 -28.14 -54.67
N LEU E 144 -21.88 -27.73 -53.66
CA LEU E 144 -23.27 -27.46 -53.95
C LEU E 144 -23.84 -26.47 -52.96
N ASP E 145 -24.43 -25.36 -53.47
CA ASP E 145 -25.02 -24.39 -52.59
C ASP E 145 -26.34 -24.92 -52.12
N VAL E 146 -26.68 -24.67 -50.84
CA VAL E 146 -27.95 -25.16 -50.34
C VAL E 146 -28.39 -24.30 -49.20
N TYR E 147 -29.67 -24.46 -48.80
CA TYR E 147 -30.23 -23.71 -47.72
C TYR E 147 -30.00 -24.50 -46.46
N VAL E 148 -29.65 -23.81 -45.35
CA VAL E 148 -29.42 -24.54 -44.13
C VAL E 148 -30.62 -24.43 -43.25
N ASN E 149 -31.68 -25.18 -43.60
CA ASN E 149 -32.89 -25.18 -42.84
C ASN E 149 -33.28 -26.60 -42.67
N GLY E 150 -34.25 -26.86 -41.79
CA GLY E 150 -34.69 -28.20 -41.49
C GLY E 150 -35.28 -28.86 -42.70
N VAL E 151 -35.86 -28.07 -43.63
CA VAL E 151 -36.52 -28.65 -44.79
C VAL E 151 -35.69 -29.00 -46.01
N THR E 152 -35.04 -27.98 -46.62
CA THR E 152 -34.50 -28.10 -47.96
C THR E 152 -33.62 -29.30 -48.12
N PRO E 153 -34.06 -30.14 -49.02
CA PRO E 153 -33.33 -31.33 -49.39
C PRO E 153 -32.34 -31.00 -50.46
N GLY E 154 -31.56 -31.99 -50.93
CA GLY E 154 -30.65 -31.77 -52.02
C GLY E 154 -29.95 -33.06 -52.27
N THR E 155 -29.87 -33.49 -53.53
CA THR E 155 -29.26 -34.76 -53.77
C THR E 155 -27.93 -34.59 -54.42
N SER E 156 -26.97 -35.39 -53.94
CA SER E 156 -25.65 -35.43 -54.48
C SER E 156 -25.28 -36.88 -54.47
N LYS E 157 -24.66 -37.35 -55.56
CA LYS E 157 -24.21 -38.70 -55.71
C LYS E 157 -25.30 -39.65 -55.29
N ASP E 158 -26.55 -39.34 -55.68
CA ASP E 158 -27.71 -40.15 -55.42
C ASP E 158 -27.97 -40.25 -53.94
N LEU E 159 -27.49 -39.28 -53.14
CA LEU E 159 -27.71 -39.32 -51.71
C LEU E 159 -28.46 -38.07 -51.33
N LYS E 160 -29.55 -38.21 -50.55
CA LYS E 160 -30.30 -37.07 -50.11
C LYS E 160 -29.54 -36.42 -49.00
N VAL E 161 -29.52 -35.06 -48.98
CA VAL E 161 -28.83 -34.37 -47.93
C VAL E 161 -29.71 -33.28 -47.41
N ILE E 162 -29.65 -33.04 -46.08
CA ILE E 162 -30.42 -31.97 -45.49
C ILE E 162 -29.52 -31.35 -44.46
N ALA E 163 -29.08 -30.08 -44.65
CA ALA E 163 -28.31 -29.51 -43.58
C ALA E 163 -29.30 -28.83 -42.70
N GLY E 164 -29.70 -29.50 -41.61
CA GLY E 164 -30.80 -29.12 -40.77
C GLY E 164 -30.63 -27.74 -40.21
N PRO E 165 -31.61 -27.35 -39.42
CA PRO E 165 -31.65 -26.03 -38.86
C PRO E 165 -30.37 -25.72 -38.17
N ILE E 166 -29.87 -24.48 -38.33
CA ILE E 166 -28.65 -24.10 -37.69
C ILE E 166 -28.90 -24.22 -36.23
N SER E 167 -27.88 -24.68 -35.48
CA SER E 167 -28.04 -24.99 -34.09
C SER E 167 -28.56 -23.79 -33.35
N ALA E 168 -28.47 -22.57 -33.92
CA ALA E 168 -29.02 -21.48 -33.16
C ALA E 168 -29.52 -20.44 -34.10
N SER E 169 -30.22 -19.42 -33.56
CA SER E 169 -30.69 -18.36 -34.40
C SER E 169 -30.08 -17.07 -33.93
N PHE E 170 -28.91 -16.72 -34.50
CA PHE E 170 -28.28 -15.49 -34.10
C PHE E 170 -28.03 -14.69 -35.33
N THR E 171 -28.17 -13.34 -35.25
CA THR E 171 -27.88 -12.51 -36.39
C THR E 171 -27.35 -11.20 -35.91
N PRO E 172 -26.50 -10.64 -36.74
CA PRO E 172 -25.95 -9.34 -36.50
C PRO E 172 -26.96 -8.29 -36.84
N PHE E 173 -28.16 -8.68 -37.31
CA PHE E 173 -29.09 -7.66 -37.73
C PHE E 173 -30.28 -7.62 -36.83
N ASP E 174 -30.66 -6.40 -36.41
CA ASP E 174 -31.80 -6.26 -35.54
C ASP E 174 -33.06 -6.20 -36.34
N HIS E 175 -34.19 -5.90 -35.67
CA HIS E 175 -35.44 -5.85 -36.36
C HIS E 175 -35.44 -4.74 -37.35
N LYS E 176 -34.91 -3.57 -36.96
CA LYS E 176 -34.86 -2.47 -37.88
C LYS E 176 -33.42 -2.18 -38.16
N VAL E 177 -33.08 -1.94 -39.43
CA VAL E 177 -31.72 -1.66 -39.78
C VAL E 177 -31.79 -0.53 -40.77
N VAL E 178 -30.66 0.17 -41.01
CA VAL E 178 -30.68 1.23 -41.98
C VAL E 178 -29.45 1.12 -42.81
N ILE E 179 -29.55 1.47 -44.11
CA ILE E 179 -28.39 1.40 -44.94
C ILE E 179 -28.21 2.71 -45.63
N HIS E 180 -26.98 3.27 -45.52
CA HIS E 180 -26.65 4.46 -46.21
C HIS E 180 -25.59 4.05 -47.17
N ARG E 181 -25.98 3.23 -48.17
CA ARG E 181 -25.10 2.78 -49.21
C ARG E 181 -23.74 2.35 -48.76
N GLY E 182 -23.53 1.03 -48.58
CA GLY E 182 -22.20 0.55 -48.32
C GLY E 182 -22.01 0.28 -46.87
N LEU E 183 -22.86 0.88 -46.01
CA LEU E 183 -22.72 0.61 -44.61
C LEU E 183 -24.08 0.29 -44.09
N VAL E 184 -24.17 -0.75 -43.24
CA VAL E 184 -25.42 -1.12 -42.67
C VAL E 184 -25.37 -0.70 -41.23
N TYR E 185 -26.47 -0.15 -40.71
CA TYR E 185 -26.47 0.29 -39.34
C TYR E 185 -27.65 -0.34 -38.66
N ASN E 186 -27.42 -1.07 -37.54
CA ASN E 186 -28.56 -1.51 -36.80
C ASN E 186 -29.13 -0.23 -36.30
N TYR E 187 -30.47 -0.06 -36.32
CA TYR E 187 -30.91 1.21 -35.85
C TYR E 187 -32.38 1.12 -35.58
N ASP E 188 -32.95 2.15 -34.93
CA ASP E 188 -34.36 2.14 -34.67
C ASP E 188 -34.91 3.42 -35.23
N PHE E 189 -35.19 3.44 -36.55
CA PHE E 189 -35.71 4.60 -37.20
C PHE E 189 -37.14 4.77 -36.81
N PRO E 190 -37.66 5.96 -36.97
CA PRO E 190 -39.03 6.19 -36.63
C PRO E 190 -39.88 5.56 -37.69
N GLU E 191 -41.16 5.28 -37.40
CA GLU E 191 -42.03 4.64 -38.34
C GLU E 191 -42.43 5.65 -39.37
N TYR E 192 -43.09 5.17 -40.44
CA TYR E 192 -43.51 6.03 -41.51
C TYR E 192 -44.65 6.86 -40.99
N GLY E 193 -44.52 8.19 -41.11
CA GLY E 193 -45.52 9.13 -40.66
C GLY E 193 -45.20 9.54 -39.24
N ALA E 194 -44.24 8.82 -38.63
CA ALA E 194 -43.67 8.99 -37.31
C ALA E 194 -42.65 10.09 -37.22
N MET E 195 -41.95 10.32 -38.35
CA MET E 195 -40.86 11.24 -38.58
C MET E 195 -40.82 12.34 -37.56
N LYS E 196 -39.60 12.71 -37.07
CA LYS E 196 -39.50 13.77 -36.10
C LYS E 196 -38.67 14.87 -36.70
N PRO E 197 -38.87 16.08 -36.23
CA PRO E 197 -38.16 17.22 -36.77
C PRO E 197 -36.70 17.19 -36.46
N GLY E 198 -35.87 17.77 -37.36
CA GLY E 198 -34.47 17.92 -37.13
C GLY E 198 -33.87 16.62 -36.72
N ALA E 199 -34.31 15.50 -37.32
CA ALA E 199 -33.75 14.24 -36.95
C ALA E 199 -34.00 13.29 -38.09
N PHE E 200 -33.30 12.15 -38.07
CA PHE E 200 -33.40 11.18 -39.11
C PHE E 200 -34.85 10.84 -39.29
N GLY E 201 -35.31 10.88 -40.57
CA GLY E 201 -36.65 10.51 -40.87
C GLY E 201 -37.58 11.68 -40.86
N ASP E 202 -37.06 12.93 -40.82
CA ASP E 202 -37.91 14.10 -40.79
C ASP E 202 -38.80 14.08 -42.00
N ILE E 203 -38.29 13.55 -43.12
CA ILE E 203 -39.05 13.39 -44.32
C ILE E 203 -38.91 11.95 -44.69
N GLN E 204 -40.00 11.29 -45.12
CA GLN E 204 -39.90 9.89 -45.44
C GLN E 204 -40.79 9.62 -46.62
N ALA E 205 -40.31 8.78 -47.56
CA ALA E 205 -41.09 8.40 -48.71
C ALA E 205 -40.81 6.95 -48.91
N THR E 206 -41.84 6.16 -49.27
CA THR E 206 -41.73 4.74 -49.34
C THR E 206 -40.62 4.38 -50.29
N SER E 207 -40.54 5.06 -51.44
CA SER E 207 -39.50 4.73 -52.37
C SER E 207 -38.84 5.99 -52.80
N LEU E 208 -37.69 5.85 -53.48
CA LEU E 208 -36.98 7.01 -53.94
C LEU E 208 -37.90 7.72 -54.88
N THR E 209 -38.68 6.95 -55.66
CA THR E 209 -39.60 7.51 -56.60
C THR E 209 -40.86 8.07 -56.00
N SER E 210 -41.57 7.27 -55.16
CA SER E 210 -42.92 7.47 -54.70
C SER E 210 -43.27 8.92 -54.58
N LYS E 211 -44.34 9.27 -55.29
CA LYS E 211 -44.82 10.61 -55.45
C LYS E 211 -45.18 11.17 -54.12
N ASP E 212 -45.46 10.32 -53.13
CA ASP E 212 -45.90 10.81 -51.85
C ASP E 212 -44.76 10.99 -50.89
N LEU E 213 -44.84 12.05 -50.05
CA LEU E 213 -43.81 12.28 -49.08
C LEU E 213 -44.42 12.75 -47.79
N ILE E 214 -43.89 12.24 -46.65
CA ILE E 214 -44.36 12.67 -45.37
C ILE E 214 -43.23 13.43 -44.74
N ALA E 215 -43.50 14.66 -44.25
CA ALA E 215 -42.43 15.43 -43.70
C ALA E 215 -42.90 16.17 -42.48
N SER E 216 -42.01 16.30 -41.48
CA SER E 216 -42.29 17.04 -40.28
C SER E 216 -41.01 17.71 -39.85
N THR E 217 -40.74 18.87 -40.47
CA THR E 217 -39.63 19.77 -40.28
C THR E 217 -39.91 20.80 -39.24
N ASP E 218 -41.15 20.90 -38.73
CA ASP E 218 -41.44 21.98 -37.84
C ASP E 218 -41.24 23.23 -38.61
N ILE E 219 -41.86 23.28 -39.81
CA ILE E 219 -41.83 24.46 -40.63
C ILE E 219 -42.92 25.32 -40.10
N ARG E 220 -42.59 26.58 -39.77
CA ARG E 220 -43.58 27.42 -39.17
C ARG E 220 -43.54 28.74 -39.87
N LEU E 221 -44.75 29.24 -40.24
CA LEU E 221 -44.90 30.47 -40.94
C LEU E 221 -44.66 31.58 -39.96
N LEU E 222 -44.23 32.76 -40.43
CA LEU E 222 -44.00 33.88 -39.54
C LEU E 222 -44.79 35.06 -40.03
N LYS E 223 -44.97 36.06 -39.15
CA LYS E 223 -45.71 37.24 -39.52
C LYS E 223 -44.79 38.21 -40.19
N PRO E 224 -45.27 38.85 -41.23
CA PRO E 224 -44.43 39.81 -41.90
C PRO E 224 -44.31 41.08 -41.14
N SER E 225 -43.12 41.68 -41.11
CA SER E 225 -42.97 42.94 -40.43
C SER E 225 -43.18 43.97 -41.50
N ALA E 226 -44.01 44.99 -41.23
CA ALA E 226 -44.28 45.95 -42.26
C ALA E 226 -42.98 46.55 -42.68
N LYS E 227 -42.72 46.56 -44.02
CA LYS E 227 -41.51 47.10 -44.58
C LYS E 227 -41.40 46.64 -46.01
N ASN E 228 -41.59 45.33 -46.24
CA ASN E 228 -41.55 44.82 -47.58
C ASN E 228 -42.30 43.53 -47.57
N VAL E 229 -43.27 43.38 -48.49
CA VAL E 229 -44.05 42.17 -48.44
C VAL E 229 -43.16 40.99 -48.69
N HIS E 230 -43.24 40.00 -47.79
CA HIS E 230 -42.48 38.79 -47.89
C HIS E 230 -43.15 37.77 -47.04
N VAL E 231 -42.61 36.52 -46.99
CA VAL E 231 -43.18 35.51 -46.14
C VAL E 231 -42.05 34.79 -45.45
N PRO E 232 -41.86 35.09 -44.19
CA PRO E 232 -40.81 34.47 -43.40
C PRO E 232 -41.23 33.18 -42.75
N TYR E 233 -40.25 32.34 -42.34
CA TYR E 233 -40.61 31.11 -41.68
C TYR E 233 -39.51 30.63 -40.79
N THR E 234 -39.84 29.67 -39.89
CA THR E 234 -38.88 29.07 -39.02
C THR E 234 -38.93 27.60 -39.28
N GLN E 235 -37.77 26.94 -39.42
CA GLN E 235 -37.78 25.54 -39.72
C GLN E 235 -36.64 24.92 -38.99
N ALA E 236 -36.61 23.57 -38.92
CA ALA E 236 -35.53 22.90 -38.25
C ALA E 236 -34.66 22.32 -39.31
N SER E 237 -33.34 22.34 -39.10
CA SER E 237 -32.40 21.90 -40.09
C SER E 237 -32.75 20.51 -40.49
N SER E 238 -32.20 20.05 -41.63
CA SER E 238 -32.52 18.75 -42.11
C SER E 238 -32.09 17.76 -41.07
N GLY E 239 -32.98 16.79 -40.80
CA GLY E 239 -32.74 15.72 -39.89
C GLY E 239 -31.71 14.81 -40.47
N PHE E 240 -31.62 14.78 -41.81
CA PHE E 240 -30.72 13.91 -42.52
C PHE E 240 -29.29 14.31 -42.33
N GLU E 241 -28.98 15.60 -42.50
CA GLU E 241 -27.61 16.02 -42.37
C GLU E 241 -27.18 15.75 -40.97
N MET E 242 -28.09 15.98 -40.02
CA MET E 242 -27.79 15.79 -38.63
C MET E 242 -27.39 14.37 -38.43
N TRP E 243 -28.09 13.44 -39.11
CA TRP E 243 -27.85 12.03 -38.98
C TRP E 243 -26.49 11.68 -39.47
N LYS E 244 -26.01 12.42 -40.49
CA LYS E 244 -24.75 12.11 -41.10
C LYS E 244 -23.71 12.10 -40.03
N ASN E 245 -23.86 12.98 -39.03
CA ASN E 245 -22.94 13.03 -37.92
C ASN E 245 -23.13 11.89 -36.97
N ASN E 246 -24.39 11.63 -36.53
CA ASN E 246 -24.58 10.65 -35.51
C ASN E 246 -24.86 9.32 -36.11
N SER E 247 -24.16 8.97 -37.20
CA SER E 247 -24.37 7.68 -37.78
C SER E 247 -24.03 6.69 -36.71
N GLY E 248 -22.76 6.65 -36.25
CA GLY E 248 -22.46 5.77 -35.15
C GLY E 248 -22.12 4.40 -35.64
N ARG E 249 -22.31 3.41 -34.74
CA ARG E 249 -21.89 2.05 -34.88
C ARG E 249 -22.30 1.46 -36.18
N PRO E 250 -21.31 1.24 -37.01
CA PRO E 250 -21.50 0.58 -38.27
C PRO E 250 -21.35 -0.89 -38.00
N LEU E 251 -22.13 -1.74 -38.69
CA LEU E 251 -21.99 -3.17 -38.52
C LEU E 251 -20.74 -3.63 -39.19
N GLN E 252 -20.25 -2.86 -40.17
CA GLN E 252 -19.09 -3.24 -40.91
C GLN E 252 -17.92 -3.32 -39.96
N GLU E 253 -17.93 -2.50 -38.89
CA GLU E 253 -16.84 -2.51 -37.95
C GLU E 253 -16.84 -3.70 -37.02
N THR E 254 -18.02 -4.04 -36.44
CA THR E 254 -18.04 -5.08 -35.44
C THR E 254 -18.09 -6.40 -36.14
N ALA E 255 -17.08 -7.22 -35.80
CA ALA E 255 -16.66 -8.53 -36.21
C ALA E 255 -17.43 -9.72 -35.73
N PRO E 256 -18.38 -9.69 -34.80
CA PRO E 256 -18.83 -10.89 -34.11
C PRO E 256 -18.82 -12.21 -34.81
N PHE E 257 -18.05 -13.14 -34.23
CA PHE E 257 -17.92 -14.47 -34.70
C PHE E 257 -17.31 -14.48 -36.06
N GLY E 258 -16.67 -13.36 -36.45
CA GLY E 258 -15.97 -13.30 -37.72
C GLY E 258 -16.90 -12.89 -38.82
N CYS E 259 -18.16 -12.51 -38.51
CA CYS E 259 -19.09 -12.16 -39.55
C CYS E 259 -18.51 -11.04 -40.35
N LYS E 260 -18.81 -11.05 -41.67
CA LYS E 260 -18.41 -10.00 -42.56
C LYS E 260 -19.71 -9.37 -42.99
N ILE E 261 -19.69 -8.09 -43.40
CA ILE E 261 -20.95 -7.48 -43.75
C ILE E 261 -20.85 -6.87 -45.12
N ALA E 262 -21.85 -7.15 -46.00
CA ALA E 262 -21.86 -6.60 -47.32
C ALA E 262 -23.22 -6.01 -47.56
N VAL E 263 -23.25 -4.77 -48.09
CA VAL E 263 -24.42 -3.99 -48.34
C VAL E 263 -25.25 -4.36 -49.54
N ASN E 264 -24.65 -4.89 -50.63
CA ASN E 264 -25.51 -5.07 -51.77
C ASN E 264 -26.62 -6.06 -51.45
N PRO E 265 -26.41 -7.32 -51.15
CA PRO E 265 -27.53 -8.12 -50.77
C PRO E 265 -27.89 -7.89 -49.33
N LEU E 266 -27.06 -7.11 -48.61
CA LEU E 266 -27.22 -6.88 -47.20
C LEU E 266 -27.25 -8.18 -46.46
N ARG E 267 -26.04 -8.75 -46.20
CA ARG E 267 -25.93 -10.00 -45.51
C ARG E 267 -24.70 -10.02 -44.64
N ALA E 268 -24.51 -11.15 -43.91
CA ALA E 268 -23.33 -11.34 -43.11
C ALA E 268 -22.67 -12.59 -43.64
N VAL E 269 -21.39 -12.47 -44.04
CA VAL E 269 -20.71 -13.57 -44.64
C VAL E 269 -19.88 -14.32 -43.63
N ASP E 270 -19.79 -15.64 -43.85
CA ASP E 270 -18.91 -16.54 -43.15
C ASP E 270 -18.92 -16.35 -41.66
N CYS E 271 -20.08 -16.05 -41.05
CA CYS E 271 -20.07 -15.94 -39.62
C CYS E 271 -19.77 -17.33 -39.13
N SER E 272 -19.13 -17.47 -37.95
CA SER E 272 -18.87 -18.79 -37.45
C SER E 272 -19.77 -19.00 -36.28
N TYR E 273 -20.96 -19.59 -36.52
CA TYR E 273 -21.87 -19.73 -35.42
C TYR E 273 -22.63 -21.02 -35.56
N GLY E 274 -22.74 -21.78 -34.45
CA GLY E 274 -23.58 -22.95 -34.41
C GLY E 274 -23.02 -24.08 -35.23
N ASN E 275 -23.76 -25.20 -35.23
CA ASN E 275 -23.39 -26.38 -35.95
C ASN E 275 -24.49 -26.69 -36.91
N ILE E 276 -24.15 -27.32 -38.06
CA ILE E 276 -25.15 -27.68 -39.02
C ILE E 276 -25.39 -29.15 -39.02
N PRO E 277 -26.52 -29.51 -38.48
CA PRO E 277 -26.87 -30.90 -38.44
C PRO E 277 -27.07 -31.45 -39.81
N ILE E 278 -26.09 -32.24 -40.28
CA ILE E 278 -26.19 -32.85 -41.58
C ILE E 278 -27.05 -34.06 -41.40
N SER E 279 -27.78 -34.48 -42.45
CA SER E 279 -28.55 -35.69 -42.38
C SER E 279 -28.58 -36.23 -43.78
N ILE E 280 -28.36 -37.54 -43.95
CA ILE E 280 -28.30 -38.05 -45.29
C ILE E 280 -29.13 -39.28 -45.37
N ASP E 281 -29.36 -39.76 -46.60
CA ASP E 281 -30.06 -41.00 -46.83
C ASP E 281 -29.25 -41.68 -47.90
N ILE E 282 -28.27 -42.52 -47.50
CA ILE E 282 -27.43 -43.11 -48.50
C ILE E 282 -27.92 -44.46 -48.89
N PRO E 283 -27.78 -44.74 -50.16
CA PRO E 283 -28.17 -46.02 -50.69
C PRO E 283 -27.13 -47.05 -50.41
N ASN E 284 -27.53 -48.32 -50.45
CA ASN E 284 -26.64 -49.41 -50.21
C ASN E 284 -25.59 -49.34 -51.28
N ALA E 285 -25.95 -48.75 -52.43
CA ALA E 285 -25.05 -48.62 -53.54
C ALA E 285 -23.86 -47.79 -53.15
N ALA E 286 -24.09 -46.74 -52.32
CA ALA E 286 -23.08 -45.82 -51.91
C ALA E 286 -22.01 -46.52 -51.12
N PHE E 287 -22.43 -47.51 -50.32
CA PHE E 287 -21.65 -48.32 -49.44
C PHE E 287 -20.73 -49.16 -50.24
N ILE E 288 -20.82 -49.04 -51.58
CA ILE E 288 -20.00 -49.69 -52.57
C ILE E 288 -18.67 -50.13 -52.02
N ARG E 289 -18.12 -51.21 -52.60
CA ARG E 289 -16.94 -51.77 -52.03
C ARG E 289 -17.29 -52.21 -50.65
N THR E 290 -18.17 -53.23 -50.58
CA THR E 290 -18.62 -53.79 -49.33
C THR E 290 -17.69 -54.91 -48.97
N LEU F 1 -6.34 -56.63 -49.70
CA LEU F 1 -6.48 -56.89 -48.30
C LEU F 1 -5.22 -56.43 -47.64
N VAL F 2 -5.36 -55.88 -46.43
CA VAL F 2 -4.26 -55.41 -45.67
C VAL F 2 -4.27 -56.17 -44.39
N SER F 3 -3.09 -56.56 -43.88
CA SER F 3 -3.09 -57.34 -42.68
C SER F 3 -2.16 -56.73 -41.68
N THR F 4 -2.55 -56.90 -40.40
CA THR F 4 -1.94 -56.55 -39.16
C THR F 4 -1.98 -55.07 -38.92
N VAL F 5 -1.50 -54.25 -39.89
CA VAL F 5 -1.42 -52.81 -39.87
C VAL F 5 -1.10 -52.19 -38.52
N LYS F 6 0.00 -51.43 -38.46
CA LYS F 6 0.39 -50.80 -37.22
C LYS F 6 0.56 -49.33 -37.47
N CYS F 7 0.27 -48.50 -36.44
CA CYS F 7 0.34 -47.07 -36.61
C CYS F 7 1.51 -46.53 -35.85
N GLU F 8 2.37 -45.76 -36.55
CA GLU F 8 3.49 -45.13 -35.90
C GLU F 8 3.43 -43.67 -36.21
N VAL F 9 3.20 -42.84 -35.17
CA VAL F 9 3.02 -41.43 -35.29
C VAL F 9 4.39 -40.80 -35.27
N SER F 10 4.48 -39.49 -35.57
CA SER F 10 5.73 -38.81 -35.62
C SER F 10 5.59 -37.48 -34.94
N GLU F 11 4.67 -36.63 -35.42
CA GLU F 11 4.55 -35.31 -34.85
C GLU F 11 3.18 -35.08 -34.31
N CYS F 12 3.07 -34.09 -33.39
CA CYS F 12 1.80 -33.73 -32.83
C CYS F 12 1.84 -32.29 -32.46
N THR F 13 0.80 -31.52 -32.88
CA THR F 13 0.73 -30.13 -32.56
C THR F 13 -0.70 -29.79 -32.27
N TYR F 14 -0.93 -28.99 -31.22
CA TYR F 14 -2.22 -28.61 -30.73
C TYR F 14 -2.95 -27.86 -31.81
N SER F 15 -2.20 -27.09 -32.62
CA SER F 15 -2.73 -26.20 -33.61
C SER F 15 -3.85 -26.82 -34.37
N ALA F 16 -4.96 -26.08 -34.43
CA ALA F 16 -6.11 -26.56 -35.13
C ALA F 16 -5.74 -26.56 -36.57
N ASP F 17 -6.42 -27.43 -37.34
CA ASP F 17 -6.13 -27.60 -38.74
C ASP F 17 -4.78 -28.19 -39.05
N PHE F 18 -4.69 -29.51 -38.80
CA PHE F 18 -3.67 -30.44 -39.22
C PHE F 18 -2.29 -30.11 -38.77
N GLY F 19 -1.53 -31.19 -38.47
CA GLY F 19 -0.18 -31.19 -38.02
C GLY F 19 0.15 -32.63 -37.74
N GLY F 20 1.39 -32.93 -37.32
CA GLY F 20 1.71 -34.30 -36.96
C GLY F 20 1.83 -35.12 -38.21
N MET F 21 2.46 -36.31 -38.09
CA MET F 21 2.61 -37.18 -39.23
C MET F 21 2.33 -38.60 -38.83
N ALA F 22 1.12 -39.12 -39.16
CA ALA F 22 0.84 -40.49 -38.87
C ALA F 22 1.31 -41.31 -40.02
N THR F 23 1.85 -42.52 -39.74
CA THR F 23 2.23 -43.34 -40.85
C THR F 23 1.86 -44.76 -40.56
N LEU F 24 0.88 -45.30 -41.31
CA LEU F 24 0.44 -46.65 -41.11
C LEU F 24 1.44 -47.55 -41.78
N GLN F 25 1.40 -48.88 -41.46
CA GLN F 25 2.28 -49.82 -42.08
C GLN F 25 1.56 -51.14 -42.18
N TYR F 26 1.78 -51.89 -43.28
CA TYR F 26 1.07 -53.13 -43.42
C TYR F 26 1.71 -53.98 -44.48
N VAL F 27 1.07 -55.14 -44.74
CA VAL F 27 1.40 -56.04 -45.81
C VAL F 27 0.09 -56.27 -46.51
N SER F 28 0.07 -56.29 -47.86
CA SER F 28 -1.21 -56.43 -48.51
C SER F 28 -1.05 -57.24 -49.77
N ASP F 29 -2.19 -57.51 -50.45
CA ASP F 29 -2.18 -58.30 -51.65
C ASP F 29 -2.95 -57.64 -52.76
N ARG F 30 -2.42 -57.75 -53.99
CA ARG F 30 -2.98 -57.31 -55.26
C ARG F 30 -2.98 -55.81 -55.34
N GLU F 31 -3.41 -55.18 -54.24
CA GLU F 31 -3.44 -53.77 -54.01
C GLU F 31 -4.25 -52.97 -54.99
N GLY F 32 -4.89 -51.93 -54.44
CA GLY F 32 -5.74 -50.99 -55.13
C GLY F 32 -5.73 -49.73 -54.33
N GLN F 33 -6.73 -48.85 -54.54
CA GLN F 33 -6.80 -47.59 -53.85
C GLN F 33 -7.50 -47.82 -52.53
N CYS F 34 -6.81 -47.54 -51.40
CA CYS F 34 -7.44 -47.74 -50.11
C CYS F 34 -7.87 -46.43 -49.52
N PRO F 35 -9.04 -46.51 -48.93
CA PRO F 35 -9.62 -45.38 -48.25
C PRO F 35 -9.00 -45.20 -46.90
N VAL F 36 -9.28 -44.06 -46.22
CA VAL F 36 -8.72 -43.81 -44.93
C VAL F 36 -9.76 -43.10 -44.11
N HIS F 37 -9.67 -43.19 -42.76
CA HIS F 37 -10.64 -42.51 -41.95
C HIS F 37 -10.13 -42.36 -40.54
N SER F 38 -11.06 -42.17 -39.58
CA SER F 38 -10.80 -42.06 -38.17
C SER F 38 -12.13 -42.26 -37.51
N HIS F 39 -12.36 -43.47 -36.98
CA HIS F 39 -13.59 -43.91 -36.38
C HIS F 39 -13.80 -43.29 -35.03
N SER F 40 -12.72 -42.77 -34.41
CA SER F 40 -12.76 -42.22 -33.08
C SER F 40 -13.76 -41.09 -33.01
N SER F 41 -13.81 -40.41 -31.85
CA SER F 41 -14.70 -39.31 -31.67
C SER F 41 -14.22 -38.08 -32.40
N THR F 42 -13.06 -37.54 -31.97
CA THR F 42 -12.47 -36.35 -32.54
C THR F 42 -11.33 -36.81 -33.39
N ALA F 43 -10.18 -36.09 -33.31
CA ALA F 43 -8.98 -36.45 -34.01
C ALA F 43 -9.21 -36.89 -35.44
N THR F 44 -9.10 -35.94 -36.39
CA THR F 44 -9.29 -36.26 -37.78
C THR F 44 -8.00 -36.19 -38.54
N LEU F 45 -8.10 -36.40 -39.87
CA LEU F 45 -6.94 -36.35 -40.72
C LEU F 45 -7.37 -36.01 -42.11
N GLN F 46 -6.63 -35.07 -42.75
CA GLN F 46 -7.00 -34.66 -44.07
C GLN F 46 -6.40 -35.63 -45.04
N GLU F 47 -7.18 -36.67 -45.37
CA GLU F 47 -6.80 -37.62 -46.37
C GLU F 47 -7.81 -38.71 -46.37
N SER F 48 -8.61 -38.75 -47.45
CA SER F 48 -9.66 -39.71 -47.66
C SER F 48 -9.11 -40.99 -48.19
N THR F 49 -8.02 -40.96 -48.99
CA THR F 49 -7.56 -42.20 -49.56
C THR F 49 -6.07 -42.19 -49.74
N VAL F 50 -5.52 -43.41 -49.92
CA VAL F 50 -4.12 -43.66 -50.18
C VAL F 50 -4.07 -44.95 -50.94
N HIS F 51 -3.01 -45.19 -51.75
CA HIS F 51 -2.94 -46.37 -52.59
C HIS F 51 -1.70 -47.16 -52.26
N VAL F 52 -1.90 -48.48 -52.14
CA VAL F 52 -1.06 -49.62 -51.82
C VAL F 52 -0.43 -50.45 -52.92
N LEU F 53 -0.69 -50.21 -54.22
CA LEU F 53 -0.32 -51.14 -55.27
C LEU F 53 1.15 -51.49 -55.29
N GLU F 54 2.02 -50.61 -54.80
CA GLU F 54 3.45 -50.73 -54.77
C GLU F 54 3.91 -51.87 -53.90
N LYS F 55 3.06 -52.34 -52.96
CA LYS F 55 3.42 -53.37 -52.02
C LYS F 55 4.38 -52.80 -51.00
N GLY F 56 3.98 -51.67 -50.37
CA GLY F 56 4.78 -51.04 -49.35
C GLY F 56 3.88 -50.52 -48.28
N ALA F 57 4.43 -49.66 -47.39
CA ALA F 57 3.72 -49.04 -46.30
C ALA F 57 3.14 -47.74 -46.77
N VAL F 58 2.29 -47.09 -45.94
CA VAL F 58 1.62 -45.88 -46.31
C VAL F 58 2.09 -44.77 -45.41
N THR F 59 1.76 -43.51 -45.75
CA THR F 59 2.04 -42.35 -44.93
C THR F 59 0.80 -41.52 -44.89
N VAL F 60 0.62 -40.71 -43.82
CA VAL F 60 -0.58 -39.91 -43.77
C VAL F 60 -0.33 -38.67 -42.98
N HIS F 61 -1.34 -37.77 -42.95
CA HIS F 61 -1.28 -36.52 -42.24
C HIS F 61 -2.56 -36.37 -41.47
N PHE F 62 -2.51 -35.69 -40.31
CA PHE F 62 -3.70 -35.58 -39.49
C PHE F 62 -3.75 -34.25 -38.80
N SER F 63 -4.75 -34.09 -37.90
CA SER F 63 -4.95 -32.86 -37.16
C SER F 63 -5.13 -33.23 -35.71
N THR F 64 -5.77 -32.33 -34.91
CA THR F 64 -6.17 -32.51 -33.53
C THR F 64 -5.29 -31.67 -32.65
N ALA F 65 -5.88 -31.10 -31.57
CA ALA F 65 -5.15 -30.38 -30.55
C ALA F 65 -4.52 -31.26 -29.49
N SER F 66 -5.32 -32.19 -28.92
CA SER F 66 -5.08 -32.92 -27.69
C SER F 66 -3.63 -33.24 -27.44
N PRO F 67 -3.29 -33.04 -26.18
CA PRO F 67 -1.95 -33.22 -25.69
C PRO F 67 -1.47 -34.59 -26.04
N GLN F 68 -2.35 -35.60 -26.01
CA GLN F 68 -1.98 -36.91 -26.42
C GLN F 68 -3.23 -37.73 -26.46
N ALA F 69 -3.73 -38.03 -27.66
CA ALA F 69 -4.95 -38.76 -27.76
C ALA F 69 -4.75 -39.91 -28.69
N ASN F 70 -5.64 -40.92 -28.61
CA ASN F 70 -5.56 -42.09 -29.44
C ASN F 70 -6.76 -42.08 -30.33
N PHE F 71 -6.64 -42.66 -31.55
CA PHE F 71 -7.76 -42.72 -32.43
C PHE F 71 -7.63 -43.92 -33.33
N ILE F 72 -8.78 -44.48 -33.77
CA ILE F 72 -8.69 -45.65 -34.58
C ILE F 72 -8.74 -45.24 -36.01
N VAL F 73 -7.70 -45.64 -36.76
CA VAL F 73 -7.57 -45.25 -38.15
C VAL F 73 -7.66 -46.47 -39.00
N SER F 74 -8.64 -46.50 -39.92
CA SER F 74 -8.81 -47.63 -40.78
C SER F 74 -8.02 -47.41 -42.03
N LEU F 75 -7.71 -48.53 -42.72
CA LEU F 75 -7.04 -48.49 -43.99
C LEU F 75 -7.72 -49.51 -44.85
N CYS F 76 -8.72 -49.05 -45.61
CA CYS F 76 -9.57 -49.85 -46.46
C CYS F 76 -10.62 -50.55 -45.66
N GLY F 77 -10.27 -51.11 -44.49
CA GLY F 77 -11.19 -51.98 -43.83
C GLY F 77 -10.44 -52.50 -42.65
N LYS F 78 -9.10 -52.61 -42.78
CA LYS F 78 -8.29 -52.97 -41.65
C LYS F 78 -8.40 -51.82 -40.69
N LYS F 79 -7.83 -51.96 -39.47
CA LYS F 79 -7.91 -50.86 -38.52
C LYS F 79 -6.72 -50.86 -37.63
N THR F 80 -6.71 -49.95 -36.62
CA THR F 80 -5.62 -49.89 -35.66
C THR F 80 -5.88 -48.74 -34.72
N THR F 81 -4.96 -48.52 -33.76
CA THR F 81 -5.12 -47.39 -32.88
C THR F 81 -3.82 -46.62 -32.88
N CYS F 82 -3.89 -45.28 -32.93
CA CYS F 82 -2.71 -44.46 -32.99
C CYS F 82 -2.68 -43.59 -31.76
N ASN F 83 -1.48 -43.06 -31.41
CA ASN F 83 -1.36 -42.17 -30.28
C ASN F 83 0.06 -41.65 -30.25
N ALA F 84 0.29 -40.52 -29.53
CA ALA F 84 1.63 -40.00 -29.42
C ALA F 84 1.64 -38.79 -28.53
N GLU F 85 2.85 -38.35 -28.14
CA GLU F 85 3.09 -37.19 -27.30
C GLU F 85 2.83 -35.97 -28.10
N CYS F 86 2.63 -34.80 -27.45
CA CYS F 86 2.33 -33.66 -28.27
C CYS F 86 3.19 -32.50 -27.86
N LYS F 87 2.96 -31.34 -28.52
CA LYS F 87 3.71 -30.14 -28.25
C LYS F 87 2.92 -28.98 -28.78
N PRO F 88 3.09 -27.83 -28.19
CA PRO F 88 2.40 -26.67 -28.68
C PRO F 88 3.04 -26.16 -29.92
N PRO F 89 2.31 -25.41 -30.70
CA PRO F 89 2.88 -24.87 -31.91
C PRO F 89 3.71 -23.67 -31.59
N TYR G 1 -62.70 57.75 9.04
CA TYR G 1 -61.93 57.85 10.29
C TYR G 1 -60.48 57.88 9.97
N GLU G 2 -59.68 57.28 10.87
CA GLU G 2 -58.29 57.17 10.60
C GLU G 2 -58.03 55.69 10.51
N HIS G 3 -58.12 55.14 9.28
CA HIS G 3 -57.94 53.74 9.12
C HIS G 3 -56.48 53.48 8.91
N ALA G 4 -56.00 52.26 9.24
CA ALA G 4 -54.63 51.93 9.02
C ALA G 4 -54.60 50.53 8.50
N THR G 5 -53.71 50.24 7.53
CA THR G 5 -53.68 48.92 6.97
C THR G 5 -52.28 48.69 6.47
N THR G 6 -52.01 47.50 5.92
CA THR G 6 -50.76 47.19 5.30
C THR G 6 -51.12 46.32 4.13
N VAL G 7 -50.33 46.39 3.03
CA VAL G 7 -50.62 45.55 1.91
C VAL G 7 -49.31 45.07 1.36
N PRO G 8 -49.23 43.87 0.90
CA PRO G 8 -47.96 43.37 0.41
C PRO G 8 -47.53 44.06 -0.83
N ASN G 9 -46.21 44.16 -1.06
CA ASN G 9 -45.77 44.83 -2.24
C ASN G 9 -45.79 43.80 -3.33
N VAL G 10 -46.96 43.65 -4.00
CA VAL G 10 -47.04 42.70 -5.07
C VAL G 10 -47.94 43.25 -6.13
N PRO G 11 -47.45 43.27 -7.33
CA PRO G 11 -48.23 43.82 -8.40
C PRO G 11 -49.39 42.94 -8.76
N GLN G 12 -50.46 43.53 -9.32
CA GLN G 12 -51.60 42.84 -9.83
C GLN G 12 -52.30 42.00 -8.80
N ILE G 13 -52.12 42.26 -7.49
CA ILE G 13 -52.87 41.43 -6.59
C ILE G 13 -53.93 42.28 -5.94
N PRO G 14 -55.17 41.96 -6.22
CA PRO G 14 -56.25 42.74 -5.70
C PRO G 14 -56.29 42.70 -4.21
N TYR G 15 -56.47 43.87 -3.57
CA TYR G 15 -56.43 43.94 -2.15
C TYR G 15 -57.76 44.44 -1.70
N LYS G 16 -58.25 43.89 -0.57
CA LYS G 16 -59.51 44.30 -0.06
C LYS G 16 -59.35 44.52 1.41
N ALA G 17 -59.91 45.65 1.89
CA ALA G 17 -59.89 45.94 3.29
C ALA G 17 -61.32 46.16 3.61
N LEU G 18 -61.77 45.65 4.77
CA LEU G 18 -63.15 45.84 5.10
C LEU G 18 -63.17 46.71 6.30
N VAL G 19 -63.70 47.94 6.14
CA VAL G 19 -63.77 48.82 7.25
C VAL G 19 -65.21 48.92 7.63
N GLU G 20 -65.52 48.49 8.86
CA GLU G 20 -66.86 48.57 9.36
C GLU G 20 -66.71 49.13 10.73
N ARG G 21 -67.44 50.22 11.04
CA ARG G 21 -67.29 50.76 12.36
C ARG G 21 -68.54 51.50 12.69
N ALA G 22 -68.87 51.57 13.99
CA ALA G 22 -69.96 52.38 14.47
C ALA G 22 -71.19 52.15 13.66
N GLY G 23 -72.11 53.11 13.73
CA GLY G 23 -73.41 53.08 13.12
C GLY G 23 -73.35 52.87 11.63
N TYR G 24 -72.20 53.13 10.97
CA TYR G 24 -72.10 53.13 9.53
C TYR G 24 -72.08 51.75 8.91
N ALA G 25 -72.78 51.59 7.76
CA ALA G 25 -72.76 50.35 7.03
C ALA G 25 -71.32 50.15 6.65
N PRO G 26 -70.85 48.94 6.68
CA PRO G 26 -69.46 48.70 6.44
C PRO G 26 -69.05 49.13 5.06
N LEU G 27 -67.73 49.38 4.85
CA LEU G 27 -67.22 49.90 3.62
C LEU G 27 -66.07 49.04 3.16
N ASN G 28 -65.96 48.82 1.83
CA ASN G 28 -64.91 47.99 1.30
C ASN G 28 -63.95 48.84 0.49
N LEU G 29 -62.70 48.97 0.95
CA LEU G 29 -61.71 49.75 0.24
C LEU G 29 -60.74 48.81 -0.42
N GLU G 30 -60.65 48.85 -1.77
CA GLU G 30 -59.77 47.95 -2.47
C GLU G 30 -58.71 48.71 -3.21
N ILE G 31 -57.42 48.42 -2.92
CA ILE G 31 -56.38 49.09 -3.65
C ILE G 31 -55.23 48.14 -3.94
N THR G 32 -54.83 48.01 -5.22
CA THR G 32 -53.78 47.11 -5.66
C THR G 32 -52.76 47.88 -6.45
N VAL G 33 -51.45 47.68 -6.17
CA VAL G 33 -50.39 48.41 -6.82
C VAL G 33 -50.20 47.97 -8.25
N MET G 34 -50.16 48.95 -9.18
CA MET G 34 -49.93 48.75 -10.59
C MET G 34 -48.50 48.45 -10.91
N SER G 35 -47.54 49.12 -10.24
CA SER G 35 -46.16 48.84 -10.54
C SER G 35 -45.30 49.71 -9.68
N SER G 36 -44.29 49.10 -9.06
CA SER G 36 -43.35 49.81 -8.24
C SER G 36 -42.28 50.27 -9.16
N GLU G 37 -41.22 50.89 -8.60
CA GLU G 37 -40.07 51.28 -9.38
C GLU G 37 -39.03 51.72 -8.39
N VAL G 38 -37.95 50.93 -8.19
CA VAL G 38 -36.98 51.41 -7.25
C VAL G 38 -35.93 52.15 -8.00
N LEU G 39 -35.82 53.47 -7.75
CA LEU G 39 -34.87 54.26 -8.47
C LEU G 39 -33.88 54.82 -7.48
N PRO G 40 -32.66 54.35 -7.57
CA PRO G 40 -31.66 54.88 -6.69
C PRO G 40 -31.18 56.21 -7.18
N SER G 41 -30.89 57.14 -6.25
CA SER G 41 -30.39 58.42 -6.69
C SER G 41 -28.93 58.21 -6.93
N THR G 42 -28.48 58.53 -8.16
CA THR G 42 -27.12 58.24 -8.49
C THR G 42 -26.39 59.50 -8.81
N ASN G 43 -25.04 59.46 -8.70
CA ASN G 43 -24.23 60.60 -9.03
C ASN G 43 -23.10 60.12 -9.87
N GLN G 44 -23.01 60.62 -11.11
CA GLN G 44 -21.95 60.16 -11.95
C GLN G 44 -20.65 60.57 -11.33
N GLU G 45 -19.84 59.57 -10.95
CA GLU G 45 -18.53 59.81 -10.42
C GLU G 45 -17.58 60.12 -11.54
N TYR G 46 -17.62 59.31 -12.62
CA TYR G 46 -16.73 59.57 -13.72
C TYR G 46 -17.08 58.73 -14.92
N ILE G 47 -16.27 58.85 -15.98
CA ILE G 47 -16.50 58.12 -17.19
C ILE G 47 -15.21 57.50 -17.65
N THR G 48 -15.31 56.35 -18.35
CA THR G 48 -14.13 55.69 -18.84
C THR G 48 -14.41 55.10 -20.20
N CYS G 49 -13.35 55.02 -21.03
CA CYS G 49 -13.37 54.47 -22.36
C CYS G 49 -11.95 54.11 -22.64
N LYS G 50 -11.65 53.75 -23.91
CA LYS G 50 -10.29 53.47 -24.30
C LYS G 50 -9.66 54.79 -24.65
N PHE G 51 -8.31 54.87 -24.52
CA PHE G 51 -7.59 56.10 -24.75
C PHE G 51 -6.82 56.06 -26.03
N THR G 52 -6.24 57.23 -26.40
CA THR G 52 -5.40 57.37 -27.56
C THR G 52 -4.11 57.98 -27.09
N THR G 53 -2.97 57.40 -27.50
CA THR G 53 -1.70 57.88 -27.03
C THR G 53 -1.20 58.96 -27.93
N VAL G 54 -0.67 60.05 -27.35
CA VAL G 54 -0.17 61.10 -28.19
C VAL G 54 1.31 61.26 -27.89
N VAL G 55 2.16 61.16 -28.93
CA VAL G 55 3.58 61.28 -28.70
C VAL G 55 4.10 62.35 -29.61
N PRO G 56 4.58 63.42 -29.03
CA PRO G 56 5.07 64.53 -29.81
C PRO G 56 6.33 64.20 -30.53
N SER G 57 6.85 65.12 -31.36
CA SER G 57 8.08 64.87 -32.06
C SER G 57 9.20 65.05 -31.09
N PRO G 58 10.22 64.24 -31.24
CA PRO G 58 11.34 64.32 -30.34
C PRO G 58 12.11 65.58 -30.53
N LYS G 59 12.75 66.09 -29.46
CA LYS G 59 13.52 67.29 -29.62
C LYS G 59 14.96 66.92 -29.44
N ILE G 60 15.69 66.82 -30.57
CA ILE G 60 17.07 66.44 -30.56
C ILE G 60 17.87 67.71 -30.58
N LYS G 61 18.98 67.75 -29.82
CA LYS G 61 19.80 68.93 -29.82
C LYS G 61 21.22 68.52 -29.65
N CYS G 62 22.05 68.78 -30.68
CA CYS G 62 23.42 68.37 -30.64
C CYS G 62 24.19 69.24 -29.70
N CYS G 63 24.99 68.60 -28.82
CA CYS G 63 25.92 69.26 -27.95
C CYS G 63 25.22 70.35 -27.20
N GLY G 64 24.05 70.03 -26.61
CA GLY G 64 23.34 71.03 -25.87
C GLY G 64 22.47 70.33 -24.86
N SER G 65 22.03 71.05 -23.82
CA SER G 65 21.25 70.39 -22.81
C SER G 65 19.82 70.79 -22.93
N LEU G 66 18.94 69.78 -23.02
CA LEU G 66 17.53 70.01 -23.04
C LEU G 66 17.03 69.79 -21.64
N GLU G 67 15.75 70.15 -21.39
CA GLU G 67 15.23 69.90 -20.08
C GLU G 67 13.75 70.09 -20.18
N CYS G 68 12.98 68.99 -19.98
CA CYS G 68 11.56 69.14 -20.08
C CYS G 68 11.01 69.70 -18.83
N GLN G 69 9.95 70.51 -18.98
CA GLN G 69 9.25 71.18 -17.92
C GLN G 69 7.99 70.42 -17.69
N PRO G 70 7.42 70.54 -16.53
CA PRO G 70 6.23 69.80 -16.24
C PRO G 70 5.06 70.25 -17.07
N ALA G 71 4.11 69.34 -17.36
CA ALA G 71 3.00 69.69 -18.19
C ALA G 71 1.75 69.11 -17.59
N ALA G 72 0.64 69.85 -17.82
CA ALA G 72 -0.69 69.63 -17.32
C ALA G 72 -1.27 68.34 -17.78
N HIS G 73 -0.84 67.82 -18.96
CA HIS G 73 -1.41 66.70 -19.65
C HIS G 73 -1.57 65.46 -18.81
N ALA G 74 -2.51 64.58 -19.24
CA ALA G 74 -2.83 63.36 -18.54
C ALA G 74 -1.79 62.31 -18.75
N ASP G 75 -1.21 61.82 -17.62
CA ASP G 75 -0.19 60.81 -17.60
C ASP G 75 1.01 61.33 -18.32
N TYR G 76 1.20 62.66 -18.28
CA TYR G 76 2.27 63.31 -19.00
C TYR G 76 3.59 62.77 -18.56
N THR G 77 4.39 62.32 -19.54
CA THR G 77 5.70 61.79 -19.29
C THR G 77 6.66 62.54 -20.16
N CYS G 78 7.93 62.63 -19.72
CA CYS G 78 8.95 63.25 -20.51
C CYS G 78 10.25 62.88 -19.87
N LYS G 79 11.34 62.84 -20.67
CA LYS G 79 12.61 62.50 -20.09
C LYS G 79 13.67 62.97 -21.03
N VAL G 80 14.71 63.62 -20.49
CA VAL G 80 15.78 64.04 -21.35
C VAL G 80 16.80 62.94 -21.35
N PHE G 81 17.23 62.51 -22.55
CA PHE G 81 18.18 61.44 -22.66
C PHE G 81 19.51 62.02 -23.02
N GLY G 82 20.61 61.24 -22.85
CA GLY G 82 21.91 61.73 -23.18
C GLY G 82 22.71 60.60 -23.77
N GLY G 83 23.80 60.93 -24.50
CA GLY G 83 24.63 59.92 -25.09
C GLY G 83 23.75 59.23 -26.11
N VAL G 84 22.76 59.98 -26.62
CA VAL G 84 21.76 59.47 -27.50
C VAL G 84 22.26 59.07 -28.85
N TYR G 85 22.83 60.00 -29.63
CA TYR G 85 23.26 59.61 -30.95
C TYR G 85 24.69 60.04 -31.06
N PRO G 86 25.55 59.08 -30.90
CA PRO G 86 26.97 59.28 -30.79
C PRO G 86 27.61 60.22 -31.77
N PHE G 87 27.45 60.02 -33.09
CA PHE G 87 28.14 60.86 -34.01
C PHE G 87 27.19 61.13 -35.13
N MET G 88 27.71 61.60 -36.28
CA MET G 88 26.87 61.90 -37.40
C MET G 88 26.23 60.63 -37.83
N TRP G 89 27.02 59.54 -37.81
CA TRP G 89 26.54 58.23 -38.17
C TRP G 89 25.55 57.83 -37.11
N GLY G 90 25.58 58.57 -35.99
CA GLY G 90 24.79 58.35 -34.80
C GLY G 90 23.32 58.31 -35.12
N GLY G 91 22.89 58.97 -36.22
CA GLY G 91 21.50 58.93 -36.62
C GLY G 91 20.89 60.29 -36.54
N ALA G 92 21.49 61.15 -35.69
CA ALA G 92 21.23 62.54 -35.51
C ALA G 92 21.96 63.40 -36.49
N GLN G 93 23.07 62.91 -37.06
CA GLN G 93 23.93 63.73 -37.86
C GLN G 93 24.46 64.82 -36.98
N CYS G 94 24.75 64.45 -35.71
CA CYS G 94 25.29 65.35 -34.72
C CYS G 94 26.78 65.18 -34.62
N PHE G 95 27.47 66.24 -34.13
CA PHE G 95 28.89 66.23 -33.91
C PHE G 95 29.36 65.52 -32.66
N CYS G 96 28.93 66.00 -31.47
CA CYS G 96 29.49 65.57 -30.21
C CYS G 96 29.21 64.12 -29.95
N ASP G 97 30.11 63.49 -29.18
CA ASP G 97 30.05 62.09 -28.87
C ASP G 97 28.85 61.76 -28.01
N SER G 98 28.59 62.53 -26.94
CA SER G 98 27.50 62.13 -26.08
C SER G 98 26.79 63.33 -25.55
N GLU G 99 27.32 64.53 -25.83
CA GLU G 99 26.84 65.78 -25.32
C GLU G 99 25.42 66.00 -25.77
N ASN G 100 24.96 65.22 -26.76
CA ASN G 100 23.64 65.35 -27.34
C ASN G 100 22.58 64.91 -26.37
N SER G 101 21.43 65.63 -26.37
CA SER G 101 20.33 65.27 -25.52
C SER G 101 19.11 65.18 -26.38
N GLN G 102 18.14 64.34 -25.96
CA GLN G 102 16.92 64.22 -26.70
C GLN G 102 15.79 64.32 -25.73
N MET G 103 14.80 65.16 -26.03
CA MET G 103 13.69 65.29 -25.15
C MET G 103 12.63 64.39 -25.67
N SER G 104 12.09 63.50 -24.81
CA SER G 104 11.03 62.66 -25.26
C SER G 104 9.86 62.95 -24.39
N GLU G 105 8.63 62.73 -24.90
CA GLU G 105 7.47 63.02 -24.11
C GLU G 105 6.27 62.40 -24.77
N ALA G 106 5.19 62.20 -23.99
CA ALA G 106 3.98 61.62 -24.53
C ALA G 106 2.92 61.73 -23.46
N TYR G 107 1.64 61.59 -23.85
CA TYR G 107 0.58 61.61 -22.88
C TYR G 107 -0.62 60.89 -23.40
N VAL G 108 -1.69 60.80 -22.57
CA VAL G 108 -2.85 60.07 -22.98
C VAL G 108 -4.03 60.99 -23.09
N GLU G 109 -4.81 60.80 -24.17
CA GLU G 109 -5.98 61.57 -24.43
C GLU G 109 -7.10 60.58 -24.56
N LEU G 110 -8.34 60.99 -24.24
CA LEU G 110 -9.43 60.08 -24.36
C LEU G 110 -9.55 59.73 -25.80
N SER G 111 -9.87 58.46 -26.10
CA SER G 111 -9.97 58.05 -27.47
C SER G 111 -11.07 58.83 -28.09
N ALA G 112 -11.12 58.86 -29.44
CA ALA G 112 -12.12 59.57 -30.18
C ALA G 112 -13.48 58.95 -29.99
N ASP G 113 -13.52 57.60 -30.02
CA ASP G 113 -14.71 56.79 -30.00
C ASP G 113 -15.41 56.94 -28.69
N CYS G 114 -14.76 57.57 -27.70
CA CYS G 114 -15.29 57.60 -26.37
C CYS G 114 -16.68 58.19 -26.27
N ALA G 115 -16.92 59.35 -26.88
CA ALA G 115 -18.20 60.00 -26.73
C ALA G 115 -19.27 59.06 -27.20
N SER G 116 -18.96 58.28 -28.24
CA SER G 116 -19.94 57.35 -28.73
C SER G 116 -20.24 56.32 -27.67
N ASP G 117 -19.25 55.47 -27.31
CA ASP G 117 -19.53 54.44 -26.35
C ASP G 117 -18.59 54.58 -25.20
N HIS G 118 -19.12 54.47 -23.97
CA HIS G 118 -18.32 54.59 -22.79
C HIS G 118 -19.07 53.97 -21.65
N ALA G 119 -18.52 54.11 -20.42
CA ALA G 119 -19.17 53.56 -19.26
C ALA G 119 -19.19 54.62 -18.19
N GLN G 120 -20.18 54.54 -17.28
CA GLN G 120 -20.25 55.55 -16.25
C GLN G 120 -20.17 54.91 -14.89
N ALA G 121 -19.32 55.49 -14.02
CA ALA G 121 -19.19 55.02 -12.68
C ALA G 121 -20.08 55.88 -11.86
N ILE G 122 -21.05 55.28 -11.15
CA ILE G 122 -22.05 56.07 -10.51
C ILE G 122 -22.06 55.70 -9.05
N LYS G 123 -22.83 56.44 -8.24
CA LYS G 123 -22.93 56.16 -6.83
C LYS G 123 -24.39 56.00 -6.54
N VAL G 124 -24.84 54.77 -6.29
CA VAL G 124 -26.22 54.54 -5.98
C VAL G 124 -26.44 54.97 -4.56
N HIS G 125 -27.45 55.82 -4.34
CA HIS G 125 -27.75 56.36 -3.03
C HIS G 125 -29.09 55.90 -2.62
N THR G 126 -29.44 56.18 -1.35
CA THR G 126 -30.66 55.78 -0.72
C THR G 126 -31.79 55.97 -1.67
N ALA G 127 -32.24 54.84 -2.24
CA ALA G 127 -33.23 54.79 -3.27
C ALA G 127 -34.58 55.12 -2.70
N ALA G 128 -35.53 55.45 -3.62
CA ALA G 128 -36.86 55.77 -3.26
C ALA G 128 -37.77 54.93 -4.12
N MET G 129 -39.02 54.72 -3.67
CA MET G 129 -39.89 53.88 -4.43
C MET G 129 -41.04 54.66 -4.99
N LYS G 130 -41.37 54.39 -6.27
CA LYS G 130 -42.47 55.01 -6.93
C LYS G 130 -43.64 54.16 -6.57
N VAL G 131 -44.75 54.27 -7.34
CA VAL G 131 -45.86 53.37 -7.17
C VAL G 131 -47.04 53.88 -7.97
N GLY G 132 -47.57 52.97 -8.81
CA GLY G 132 -48.68 52.99 -9.73
C GLY G 132 -50.02 52.80 -9.06
N LEU G 133 -50.05 52.63 -7.73
CA LEU G 133 -51.21 52.20 -6.96
C LEU G 133 -52.55 52.69 -7.44
N ARG G 134 -53.55 51.78 -7.43
CA ARG G 134 -54.89 52.12 -7.84
C ARG G 134 -55.81 51.91 -6.68
N ILE G 135 -56.40 52.99 -6.14
CA ILE G 135 -57.25 52.89 -4.98
C ILE G 135 -58.68 52.96 -5.42
N VAL G 136 -59.58 52.33 -4.63
CA VAL G 136 -60.98 52.38 -4.97
C VAL G 136 -61.81 52.19 -3.73
N TYR G 137 -62.99 52.84 -3.69
CA TYR G 137 -63.95 52.63 -2.63
C TYR G 137 -65.18 53.38 -3.03
N GLY G 138 -66.29 52.65 -3.23
CA GLY G 138 -67.47 53.31 -3.69
C GLY G 138 -67.23 53.62 -5.14
N ASN G 139 -66.88 54.88 -5.47
CA ASN G 139 -66.62 55.16 -6.85
C ASN G 139 -65.32 55.91 -6.95
N THR G 140 -64.21 55.22 -7.30
CA THR G 140 -62.96 55.89 -7.48
C THR G 140 -62.00 54.95 -8.16
N THR G 141 -62.32 54.56 -9.39
CA THR G 141 -61.59 53.58 -10.17
C THR G 141 -60.24 54.16 -10.49
N SER G 142 -60.03 55.44 -10.19
CA SER G 142 -58.85 56.19 -10.52
C SER G 142 -57.58 55.64 -9.94
N PHE G 143 -56.48 55.76 -10.71
CA PHE G 143 -55.16 55.32 -10.33
C PHE G 143 -54.34 56.54 -9.99
N LEU G 144 -53.29 56.40 -9.15
CA LEU G 144 -52.52 57.57 -8.80
C LEU G 144 -51.11 57.19 -8.42
N ASP G 145 -50.10 57.80 -9.08
CA ASP G 145 -48.74 57.51 -8.76
C ASP G 145 -48.39 58.24 -7.50
N VAL G 146 -47.58 57.60 -6.61
CA VAL G 146 -47.22 58.27 -5.40
C VAL G 146 -45.92 57.70 -4.89
N TYR G 147 -45.33 58.40 -3.91
CA TYR G 147 -44.08 57.98 -3.33
C TYR G 147 -44.40 57.09 -2.16
N VAL G 148 -43.63 55.99 -1.99
CA VAL G 148 -43.91 55.11 -0.89
C VAL G 148 -42.95 55.39 0.23
N ASN G 149 -43.18 56.50 0.95
CA ASN G 149 -42.36 56.89 2.05
C ASN G 149 -43.29 57.25 3.15
N GLY G 150 -42.74 57.42 4.37
CA GLY G 150 -43.53 57.73 5.52
C GLY G 150 -44.20 59.06 5.39
N VAL G 151 -43.61 60.00 4.62
CA VAL G 151 -44.16 61.32 4.50
C VAL G 151 -45.24 61.58 3.48
N THR G 152 -44.93 61.37 2.18
CA THR G 152 -45.74 61.89 1.10
C THR G 152 -47.19 61.51 1.23
N PRO G 153 -47.97 62.56 1.31
CA PRO G 153 -49.41 62.44 1.38
C PRO G 153 -49.97 62.37 0.00
N GLY G 154 -51.31 62.27 -0.15
CA GLY G 154 -51.91 62.29 -1.45
C GLY G 154 -53.38 62.13 -1.23
N THR G 155 -54.21 62.98 -1.87
CA THR G 155 -55.61 62.87 -1.61
C THR G 155 -56.30 62.30 -2.80
N SER G 156 -57.25 61.39 -2.51
CA SER G 156 -58.08 60.79 -3.49
C SER G 156 -59.44 60.71 -2.86
N LYS G 157 -60.48 61.07 -3.62
CA LYS G 157 -61.84 61.02 -3.18
C LYS G 157 -61.97 61.67 -1.84
N ASP G 158 -61.26 62.80 -1.65
CA ASP G 158 -61.29 63.58 -0.45
C ASP G 158 -60.75 62.80 0.72
N LEU G 159 -59.90 61.79 0.46
CA LEU G 159 -59.34 61.00 1.53
C LEU G 159 -57.85 61.12 1.46
N LYS G 160 -57.19 61.42 2.59
CA LYS G 160 -55.75 61.51 2.63
C LYS G 160 -55.20 60.12 2.61
N VAL G 161 -54.10 59.91 1.87
CA VAL G 161 -53.50 58.60 1.83
C VAL G 161 -52.02 58.74 1.99
N ILE G 162 -51.40 57.79 2.71
CA ILE G 162 -49.97 57.79 2.88
C ILE G 162 -49.52 56.37 2.77
N ALA G 163 -48.76 55.99 1.71
CA ALA G 163 -48.30 54.63 1.72
C ALA G 163 -46.99 54.68 2.41
N GLY G 164 -46.97 54.33 3.71
CA GLY G 164 -45.85 54.52 4.60
C GLY G 164 -44.61 53.84 4.11
N PRO G 165 -43.58 53.97 4.90
CA PRO G 165 -42.29 53.44 4.56
C PRO G 165 -42.41 52.00 4.20
N ILE G 166 -41.68 51.56 3.14
CA ILE G 166 -41.72 50.19 2.76
C ILE G 166 -41.20 49.42 3.92
N SER G 167 -41.79 48.24 4.16
CA SER G 167 -41.50 47.47 5.33
C SER G 167 -40.03 47.19 5.41
N ALA G 168 -39.28 47.34 4.31
CA ALA G 168 -37.87 47.08 4.47
C ALA G 168 -37.10 47.93 3.51
N SER G 169 -35.76 47.92 3.64
CA SER G 169 -34.96 48.69 2.72
C SER G 169 -34.04 47.74 2.01
N PHE G 170 -34.49 47.21 0.85
CA PHE G 170 -33.65 46.32 0.11
C PHE G 170 -33.53 46.84 -1.28
N THR G 171 -32.34 46.70 -1.90
CA THR G 171 -32.18 47.14 -3.27
C THR G 171 -31.20 46.24 -3.96
N PRO G 172 -31.42 46.08 -5.23
CA PRO G 172 -30.53 45.33 -6.08
C PRO G 172 -29.33 46.16 -6.40
N PHE G 173 -29.24 47.40 -5.90
CA PHE G 173 -28.13 48.22 -6.30
C PHE G 173 -27.22 48.49 -5.13
N ASP G 174 -25.91 48.31 -5.34
CA ASP G 174 -24.98 48.55 -4.27
C ASP G 174 -24.59 49.99 -4.23
N HIS G 175 -23.59 50.33 -3.39
CA HIS G 175 -23.21 51.71 -3.24
C HIS G 175 -22.65 52.20 -4.53
N LYS G 176 -21.81 51.39 -5.19
CA LYS G 176 -21.24 51.81 -6.44
C LYS G 176 -21.77 50.90 -7.50
N VAL G 177 -22.16 51.46 -8.66
CA VAL G 177 -22.69 50.67 -9.71
C VAL G 177 -22.08 51.22 -10.97
N VAL G 178 -22.12 50.46 -12.08
CA VAL G 178 -21.58 50.96 -13.30
C VAL G 178 -22.52 50.62 -14.41
N ILE G 179 -22.63 51.52 -15.42
CA ILE G 179 -23.53 51.24 -16.50
C ILE G 179 -22.78 51.38 -17.79
N HIS G 180 -22.86 50.32 -18.62
CA HIS G 180 -22.27 50.39 -19.92
C HIS G 180 -23.43 50.30 -20.86
N ARG G 181 -24.27 51.36 -20.86
CA ARG G 181 -25.40 51.49 -21.74
C ARG G 181 -26.23 50.25 -21.87
N GLY G 182 -27.34 50.16 -21.11
CA GLY G 182 -28.26 49.08 -21.33
C GLY G 182 -28.08 48.01 -20.30
N LEU G 183 -26.90 47.98 -19.65
CA LEU G 183 -26.71 46.98 -18.65
C LEU G 183 -26.15 47.67 -17.45
N VAL G 184 -26.67 47.32 -16.26
CA VAL G 184 -26.19 47.91 -15.05
C VAL G 184 -25.38 46.85 -14.36
N TYR G 185 -24.23 47.23 -13.78
CA TYR G 185 -23.42 46.26 -13.11
C TYR G 185 -23.14 46.75 -11.73
N ASN G 186 -23.46 45.94 -10.69
CA ASN G 186 -23.04 46.35 -9.39
C ASN G 186 -21.55 46.24 -9.49
N TYR G 187 -20.80 47.22 -8.94
CA TYR G 187 -19.40 47.05 -9.12
C TYR G 187 -18.70 47.96 -8.16
N ASP G 188 -17.37 47.79 -8.02
CA ASP G 188 -16.62 48.65 -7.15
C ASP G 188 -15.52 49.25 -7.98
N PHE G 189 -15.82 50.33 -8.71
CA PHE G 189 -14.85 50.99 -9.54
C PHE G 189 -13.91 51.75 -8.66
N PRO G 190 -12.74 52.06 -9.19
CA PRO G 190 -11.79 52.81 -8.41
C PRO G 190 -12.28 54.23 -8.34
N GLU G 191 -11.81 55.01 -7.34
CA GLU G 191 -12.24 56.37 -7.19
C GLU G 191 -11.58 57.20 -8.23
N TYR G 192 -12.04 58.46 -8.35
CA TYR G 192 -11.51 59.37 -9.33
C TYR G 192 -10.11 59.73 -8.90
N GLY G 193 -9.13 59.52 -9.79
CA GLY G 193 -7.75 59.83 -9.51
C GLY G 193 -7.07 58.60 -8.96
N ALA G 194 -7.90 57.58 -8.63
CA ALA G 194 -7.58 56.27 -8.14
C ALA G 194 -7.14 55.30 -9.20
N MET G 195 -7.66 55.50 -10.42
CA MET G 195 -7.50 54.73 -11.63
C MET G 195 -6.27 53.87 -11.59
N LYS G 196 -6.37 52.60 -12.08
CA LYS G 196 -5.23 51.73 -12.08
C LYS G 196 -4.91 51.36 -13.51
N PRO G 197 -3.67 51.03 -13.78
CA PRO G 197 -3.27 50.71 -15.13
C PRO G 197 -3.87 49.44 -15.63
N GLY G 198 -4.09 49.35 -16.96
CA GLY G 198 -4.55 48.15 -17.60
C GLY G 198 -5.74 47.62 -16.88
N ALA G 199 -6.66 48.51 -16.43
CA ALA G 199 -7.83 48.03 -15.75
C ALA G 199 -8.86 49.09 -15.86
N PHE G 200 -10.12 48.73 -15.56
CA PHE G 200 -11.22 49.64 -15.64
C PHE G 200 -10.89 50.87 -14.86
N GLY G 201 -11.06 52.05 -15.49
CA GLY G 201 -10.84 53.29 -14.82
C GLY G 201 -9.45 53.78 -15.02
N ASP G 202 -8.66 53.21 -15.94
CA ASP G 202 -7.30 53.64 -16.16
C ASP G 202 -7.31 55.10 -16.52
N ILE G 203 -8.36 55.56 -17.22
CA ILE G 203 -8.54 56.94 -17.55
C ILE G 203 -9.91 57.28 -17.05
N GLN G 204 -10.08 58.46 -16.41
CA GLN G 204 -11.38 58.80 -15.90
C GLN G 204 -11.58 60.27 -16.08
N ALA G 205 -12.82 60.67 -16.48
CA ALA G 205 -13.16 62.05 -16.63
C ALA G 205 -14.55 62.19 -16.09
N THR G 206 -14.82 63.30 -15.37
CA THR G 206 -16.06 63.46 -14.68
C THR G 206 -17.18 63.33 -15.65
N SER G 207 -17.06 63.95 -16.85
CA SER G 207 -18.15 63.86 -17.78
C SER G 207 -17.57 63.47 -19.11
N LEU G 208 -18.45 63.11 -20.05
CA LEU G 208 -18.00 62.73 -21.36
C LEU G 208 -17.31 63.93 -21.93
N THR G 209 -17.84 65.13 -21.61
CA THR G 209 -17.27 66.36 -22.10
C THR G 209 -16.02 66.80 -21.39
N SER G 210 -16.05 66.86 -20.05
CA SER G 210 -15.10 67.51 -19.17
C SER G 210 -13.72 67.49 -19.74
N LYS G 211 -13.17 68.72 -19.87
CA LYS G 211 -11.91 68.97 -20.50
C LYS G 211 -10.82 68.27 -19.76
N ASP G 212 -11.06 67.92 -18.48
CA ASP G 212 -10.00 67.33 -17.70
C ASP G 212 -10.07 65.83 -17.72
N LEU G 213 -8.88 65.19 -17.72
CA LEU G 213 -8.84 63.74 -17.72
C LEU G 213 -7.73 63.27 -16.82
N ILE G 214 -8.01 62.20 -16.04
CA ILE G 214 -7.00 61.62 -15.21
C ILE G 214 -6.70 60.26 -15.78
N ALA G 215 -5.40 59.96 -16.01
CA ALA G 215 -5.08 58.70 -16.61
C ALA G 215 -3.85 58.13 -15.97
N SER G 216 -3.83 56.79 -15.84
CA SER G 216 -2.68 56.10 -15.31
C SER G 216 -2.58 54.78 -16.03
N THR G 217 -1.98 54.83 -17.23
CA THR G 217 -1.71 53.77 -18.16
C THR G 217 -0.37 53.13 -17.92
N ASP G 218 0.46 53.68 -17.01
CA ASP G 218 1.79 53.15 -16.88
C ASP G 218 2.46 53.34 -18.20
N ILE G 219 2.36 54.58 -18.71
CA ILE G 219 3.04 54.94 -19.92
C ILE G 219 4.43 55.27 -19.51
N ARG G 220 5.41 54.63 -20.18
CA ARG G 220 6.77 54.84 -19.77
C ARG G 220 7.59 55.10 -20.99
N LEU G 221 8.43 56.15 -20.92
CA LEU G 221 9.27 56.56 -22.00
C LEU G 221 10.40 55.56 -22.08
N LEU G 222 11.01 55.40 -23.28
CA LEU G 222 12.10 54.49 -23.43
C LEU G 222 13.26 55.21 -24.03
N LYS G 223 14.47 54.62 -23.91
CA LYS G 223 15.66 55.23 -24.45
C LYS G 223 15.78 54.87 -25.90
N PRO G 224 16.18 55.83 -26.70
CA PRO G 224 16.33 55.53 -28.10
C PRO G 224 17.58 54.75 -28.37
N SER G 225 17.53 53.77 -29.29
CA SER G 225 18.71 53.03 -29.61
C SER G 225 19.28 53.75 -30.79
N ALA G 226 20.60 54.04 -30.78
CA ALA G 226 21.15 54.79 -31.88
C ALA G 226 20.89 54.04 -33.14
N LYS G 227 20.32 54.73 -34.14
CA LYS G 227 20.00 54.16 -35.42
C LYS G 227 19.09 55.09 -36.17
N ASN G 228 18.03 55.56 -35.49
CA ASN G 228 17.14 56.51 -36.10
C ASN G 228 16.44 57.23 -35.02
N VAL G 229 16.45 58.57 -35.05
CA VAL G 229 15.86 59.28 -33.96
C VAL G 229 14.39 58.96 -33.90
N HIS G 230 13.92 58.56 -32.71
CA HIS G 230 12.54 58.23 -32.48
C HIS G 230 12.32 58.29 -31.00
N VAL G 231 11.07 58.06 -30.55
CA VAL G 231 10.80 58.04 -29.12
C VAL G 231 9.91 56.86 -28.82
N PRO G 232 10.50 55.84 -28.24
CA PRO G 232 9.78 54.63 -27.89
C PRO G 232 9.15 54.69 -26.54
N TYR G 233 8.15 53.82 -26.26
CA TYR G 233 7.54 53.82 -24.97
C TYR G 233 6.92 52.48 -24.66
N THR G 234 6.61 52.26 -23.36
CA THR G 234 5.97 51.06 -22.91
C THR G 234 4.71 51.49 -22.22
N GLN G 235 3.58 50.82 -22.53
CA GLN G 235 2.33 51.22 -21.95
C GLN G 235 1.54 49.98 -21.68
N ALA G 236 0.45 50.11 -20.89
CA ALA G 236 -0.37 48.98 -20.59
C ALA G 236 -1.62 49.13 -21.41
N SER G 237 -2.13 48.00 -21.94
CA SER G 237 -3.27 48.05 -22.81
C SER G 237 -4.38 48.76 -22.11
N SER G 238 -5.41 49.18 -22.89
CA SER G 238 -6.48 49.93 -22.32
C SER G 238 -7.14 49.06 -21.29
N GLY G 239 -7.42 49.67 -20.13
CA GLY G 239 -8.08 49.03 -19.03
C GLY G 239 -9.51 48.79 -19.43
N PHE G 240 -10.03 49.63 -20.33
CA PHE G 240 -11.41 49.57 -20.77
C PHE G 240 -11.68 48.34 -21.57
N GLU G 241 -10.83 48.03 -22.57
CA GLU G 241 -11.09 46.89 -23.40
C GLU G 241 -11.03 45.68 -22.53
N MET G 242 -10.09 45.69 -21.57
CA MET G 242 -9.91 44.56 -20.70
C MET G 242 -11.20 44.34 -19.97
N TRP G 243 -11.85 45.43 -19.55
CA TRP G 243 -13.08 45.36 -18.78
C TRP G 243 -14.16 44.75 -19.59
N LYS G 244 -14.13 44.97 -20.92
CA LYS G 244 -15.19 44.50 -21.77
C LYS G 244 -15.31 43.03 -21.57
N ASN G 245 -14.18 42.34 -21.33
CA ASN G 245 -14.20 40.93 -21.08
C ASN G 245 -14.71 40.60 -19.71
N ASN G 246 -14.18 41.26 -18.66
CA ASN G 246 -14.55 40.86 -17.34
C ASN G 246 -15.71 41.65 -16.84
N SER G 247 -16.68 41.91 -17.72
CA SER G 247 -17.83 42.64 -17.27
C SER G 247 -18.44 41.81 -16.19
N GLY G 248 -18.91 40.59 -16.48
CA GLY G 248 -19.39 39.76 -15.41
C GLY G 248 -20.83 40.02 -15.13
N ARG G 249 -21.25 39.69 -13.88
CA ARG G 249 -22.60 39.67 -13.42
C ARG G 249 -23.34 40.94 -13.75
N PRO G 250 -24.26 40.79 -14.66
CA PRO G 250 -25.14 41.86 -15.04
C PRO G 250 -26.31 41.79 -14.10
N LEU G 251 -26.88 42.94 -13.69
CA LEU G 251 -28.04 42.92 -12.85
C LEU G 251 -29.24 42.51 -13.65
N GLN G 252 -29.17 42.71 -14.98
CA GLN G 252 -30.27 42.39 -15.84
C GLN G 252 -30.56 40.93 -15.73
N GLU G 253 -29.53 40.10 -15.48
CA GLU G 253 -29.73 38.68 -15.39
C GLU G 253 -30.37 38.23 -14.11
N THR G 254 -29.91 38.74 -12.95
CA THR G 254 -30.40 38.24 -11.69
C THR G 254 -31.69 38.93 -11.39
N ALA G 255 -32.72 38.09 -11.21
CA ALA G 255 -34.13 38.23 -10.95
C ALA G 255 -34.58 38.65 -9.58
N PRO G 256 -33.80 38.72 -8.51
CA PRO G 256 -34.32 38.76 -7.16
C PRO G 256 -35.64 39.41 -6.89
N PHE G 257 -36.56 38.59 -6.36
CA PHE G 257 -37.87 38.99 -5.97
C PHE G 257 -38.62 39.45 -7.19
N GLY G 258 -38.14 39.08 -8.40
CA GLY G 258 -38.84 39.41 -9.61
C GLY G 258 -38.46 40.77 -10.12
N CYS G 259 -37.47 41.43 -9.49
CA CYS G 259 -37.09 42.74 -9.92
C CYS G 259 -36.72 42.71 -11.37
N LYS G 260 -37.04 43.80 -12.09
CA LYS G 260 -36.68 43.96 -13.46
C LYS G 260 -35.70 45.11 -13.47
N ILE G 261 -34.80 45.20 -14.46
CA ILE G 261 -33.83 46.25 -14.41
C ILE G 261 -33.85 47.01 -15.71
N ALA G 262 -33.92 48.36 -15.64
CA ALA G 262 -33.91 49.18 -16.81
C ALA G 262 -32.88 50.25 -16.64
N VAL G 263 -32.04 50.45 -17.67
CA VAL G 263 -30.94 51.36 -17.70
C VAL G 263 -31.26 52.81 -17.87
N ASN G 264 -32.33 53.18 -18.59
CA ASN G 264 -32.47 54.59 -18.82
C ASN G 264 -32.64 55.34 -17.51
N PRO G 265 -33.66 55.15 -16.71
CA PRO G 265 -33.67 55.85 -15.44
C PRO G 265 -32.82 55.12 -14.45
N LEU G 266 -32.33 53.91 -14.82
CA LEU G 266 -31.59 53.06 -13.93
C LEU G 266 -32.38 52.76 -12.69
N ARG G 267 -33.33 51.79 -12.80
CA ARG G 267 -34.16 51.42 -11.69
C ARG G 267 -34.45 49.96 -11.72
N ALA G 268 -35.21 49.49 -10.69
CA ALA G 268 -35.65 48.12 -10.64
C ALA G 268 -37.16 48.16 -10.61
N VAL G 269 -37.79 47.47 -11.58
CA VAL G 269 -39.22 47.53 -11.71
C VAL G 269 -39.87 46.35 -11.02
N ASP G 270 -41.06 46.62 -10.46
CA ASP G 270 -41.97 45.63 -9.94
C ASP G 270 -41.30 44.63 -9.05
N CYS G 271 -40.31 45.03 -8.24
CA CYS G 271 -39.73 44.05 -7.35
C CYS G 271 -40.85 43.70 -6.40
N SER G 272 -40.86 42.46 -5.87
CA SER G 272 -41.89 42.13 -4.92
C SER G 272 -41.23 42.04 -3.57
N TYR G 273 -41.24 43.15 -2.81
CA TYR G 273 -40.55 43.10 -1.56
C TYR G 273 -41.29 43.94 -0.55
N GLY G 274 -41.49 43.38 0.66
CA GLY G 274 -42.03 44.13 1.77
C GLY G 274 -43.49 44.42 1.59
N ASN G 275 -44.06 45.13 2.58
CA ASN G 275 -45.45 45.50 2.57
C ASN G 275 -45.51 46.99 2.67
N ILE G 276 -46.58 47.59 2.09
CA ILE G 276 -46.73 49.02 2.16
C ILE G 276 -47.82 49.40 3.09
N PRO G 277 -47.40 49.92 4.21
CA PRO G 277 -48.35 50.35 5.19
C PRO G 277 -49.17 51.48 4.69
N ILE G 278 -50.44 51.21 4.34
CA ILE G 278 -51.33 52.21 3.87
C ILE G 278 -51.84 52.90 5.10
N SER G 279 -52.21 54.20 5.00
CA SER G 279 -52.81 54.89 6.11
C SER G 279 -53.71 55.91 5.49
N ILE G 280 -54.94 56.05 6.01
CA ILE G 280 -55.85 56.96 5.38
C ILE G 280 -56.49 57.81 6.43
N ASP G 281 -57.20 58.87 6.00
CA ASP G 281 -57.96 59.70 6.88
C ASP G 281 -59.25 59.92 6.17
N ILE G 282 -60.25 59.05 6.41
CA ILE G 282 -61.47 59.19 5.66
C ILE G 282 -62.48 60.00 6.40
N PRO G 283 -63.20 60.78 5.65
CA PRO G 283 -64.24 61.61 6.20
C PRO G 283 -65.48 60.80 6.46
N ASN G 284 -66.35 61.29 7.34
CA ASN G 284 -67.58 60.64 7.67
C ASN G 284 -68.37 60.58 6.42
N ALA G 285 -68.10 61.52 5.49
CA ALA G 285 -68.79 61.59 4.23
C ALA G 285 -68.54 60.34 3.44
N ALA G 286 -67.30 59.81 3.52
CA ALA G 286 -66.87 58.65 2.77
C ALA G 286 -67.69 57.45 3.15
N PHE G 287 -68.03 57.37 4.45
CA PHE G 287 -68.74 56.31 5.10
C PHE G 287 -70.14 56.30 4.59
N ILE G 288 -70.45 57.23 3.68
CA ILE G 288 -71.71 57.39 2.97
C ILE G 288 -72.49 56.12 2.93
N ARG G 289 -73.83 56.25 2.89
CA ARG G 289 -74.64 55.09 2.98
C ARG G 289 -74.38 54.48 4.33
N THR G 290 -74.76 55.23 5.39
CA THR G 290 -74.59 54.82 6.75
C THR G 290 -75.81 54.05 7.16
N LEU H 1 -81.50 45.11 -0.18
CA LEU H 1 -81.31 44.12 0.82
C LEU H 1 -81.30 42.79 0.15
N VAL H 2 -80.44 41.89 0.67
CA VAL H 2 -80.32 40.56 0.14
C VAL H 2 -80.65 39.64 1.26
N SER H 3 -81.37 38.54 0.97
CA SER H 3 -81.74 37.68 2.05
C SER H 3 -81.36 36.27 1.71
N THR H 4 -81.02 35.52 2.77
CA THR H 4 -80.67 34.14 2.91
C THR H 4 -79.31 33.86 2.33
N VAL H 5 -79.05 34.26 1.06
CA VAL H 5 -77.84 34.07 0.30
C VAL H 5 -77.10 32.78 0.56
N LYS H 6 -76.92 31.96 -0.51
CA LYS H 6 -76.22 30.70 -0.36
C LYS H 6 -75.09 30.68 -1.35
N CYS H 7 -73.98 29.99 -0.98
CA CYS H 7 -72.82 29.96 -1.83
C CYS H 7 -72.67 28.60 -2.44
N GLU H 8 -72.56 28.54 -3.78
CA GLU H 8 -72.34 27.29 -4.46
C GLU H 8 -71.13 27.45 -5.32
N VAL H 9 -70.05 26.72 -4.98
CA VAL H 9 -68.78 26.81 -5.64
C VAL H 9 -68.82 25.89 -6.83
N SER H 10 -67.80 25.97 -7.72
CA SER H 10 -67.78 25.16 -8.90
C SER H 10 -66.40 24.62 -9.08
N GLU H 11 -65.38 25.49 -9.17
CA GLU H 11 -64.05 25.01 -9.42
C GLU H 11 -63.11 25.41 -8.33
N CYS H 12 -61.98 24.69 -8.23
CA CYS H 12 -60.97 25.01 -7.26
C CYS H 12 -59.64 24.57 -7.78
N THR H 13 -58.64 25.47 -7.73
CA THR H 13 -57.32 25.15 -8.19
C THR H 13 -56.34 25.79 -7.25
N TYR H 14 -55.28 25.04 -6.91
CA TYR H 14 -54.26 25.45 -5.97
C TYR H 14 -53.58 26.66 -6.49
N SER H 15 -53.44 26.78 -7.83
CA SER H 15 -52.69 27.80 -8.49
C SER H 15 -52.93 29.14 -7.87
N ALA H 16 -51.82 29.82 -7.55
CA ALA H 16 -51.92 31.11 -6.96
C ALA H 16 -52.45 32.01 -8.02
N ASP H 17 -53.10 33.10 -7.59
CA ASP H 17 -53.72 34.02 -8.49
C ASP H 17 -54.90 33.48 -9.26
N PHE H 18 -56.01 33.35 -8.51
CA PHE H 18 -57.36 33.12 -8.96
C PHE H 18 -57.57 31.88 -9.78
N GLY H 19 -58.76 31.27 -9.56
CA GLY H 19 -59.23 30.08 -10.19
C GLY H 19 -60.55 29.77 -9.53
N GLY H 20 -61.24 28.70 -9.95
CA GLY H 20 -62.46 28.33 -9.28
C GLY H 20 -63.54 29.30 -9.66
N MET H 21 -64.83 28.91 -9.41
CA MET H 21 -65.93 29.79 -9.73
C MET H 21 -66.93 29.77 -8.60
N ALA H 22 -66.93 30.82 -7.76
CA ALA H 22 -67.92 30.88 -6.72
C ALA H 22 -69.13 31.55 -7.27
N THR H 23 -70.35 31.10 -6.87
CA THR H 23 -71.50 31.80 -7.35
C THR H 23 -72.49 31.91 -6.23
N LEU H 24 -72.72 33.15 -5.76
CA LEU H 24 -73.65 33.38 -4.68
C LEU H 24 -75.03 33.35 -5.26
N GLN H 25 -76.07 33.24 -4.40
CA GLN H 25 -77.44 33.26 -4.86
C GLN H 25 -78.28 33.89 -3.79
N TYR H 26 -79.31 34.67 -4.19
CA TYR H 26 -80.10 35.33 -3.19
C TYR H 26 -81.38 35.83 -3.80
N VAL H 27 -82.17 36.53 -2.95
CA VAL H 27 -83.37 37.23 -3.33
C VAL H 27 -83.17 38.61 -2.75
N SER H 28 -83.53 39.67 -3.50
CA SER H 28 -83.26 40.98 -2.97
C SER H 28 -84.34 41.94 -3.38
N ASP H 29 -84.25 43.20 -2.89
CA ASP H 29 -85.24 44.19 -3.19
C ASP H 29 -84.61 45.48 -3.65
N ARG H 30 -85.26 46.13 -4.65
CA ARG H 30 -84.96 47.43 -5.22
C ARG H 30 -83.68 47.35 -6.02
N GLU H 31 -82.67 46.71 -5.41
CA GLU H 31 -81.38 46.44 -5.96
C GLU H 31 -80.59 47.64 -6.39
N GLY H 32 -79.26 47.53 -6.17
CA GLY H 32 -78.26 48.51 -6.49
C GLY H 32 -76.97 47.77 -6.66
N GLN H 33 -75.83 48.49 -6.56
CA GLN H 33 -74.54 47.89 -6.74
C GLN H 33 -74.10 47.31 -5.43
N CYS H 34 -73.87 45.97 -5.37
CA CYS H 34 -73.44 45.38 -4.13
C CYS H 34 -71.97 45.08 -4.15
N PRO H 35 -71.39 45.34 -3.02
CA PRO H 35 -69.98 45.08 -2.81
C PRO H 35 -69.75 43.63 -2.53
N VAL H 36 -68.48 43.18 -2.51
CA VAL H 36 -68.17 41.80 -2.27
C VAL H 36 -66.90 41.74 -1.48
N HIS H 37 -66.67 40.63 -0.73
CA HIS H 37 -65.46 40.56 0.03
C HIS H 37 -65.20 39.12 0.42
N SER H 38 -64.39 38.93 1.48
CA SER H 38 -64.05 37.66 2.06
C SER H 38 -63.47 37.99 3.42
N HIS H 39 -64.28 37.81 4.47
CA HIS H 39 -63.97 38.14 5.83
C HIS H 39 -63.01 37.17 6.43
N SER H 40 -62.87 35.98 5.83
CA SER H 40 -62.03 34.92 6.33
C SER H 40 -60.61 35.39 6.46
N SER H 41 -59.71 34.45 6.82
CA SER H 41 -58.32 34.77 6.95
C SER H 41 -57.65 34.94 5.62
N THR H 42 -57.59 33.85 4.83
CA THR H 42 -56.95 33.83 3.54
C THR H 42 -58.07 33.82 2.54
N ALA H 43 -57.92 33.00 1.48
CA ALA H 43 -58.93 32.82 0.47
C ALA H 43 -59.57 34.12 0.02
N THR H 44 -59.04 34.72 -1.06
CA THR H 44 -59.59 35.95 -1.58
C THR H 44 -60.28 35.74 -2.89
N LEU H 45 -60.76 36.85 -3.48
CA LEU H 45 -61.43 36.80 -4.74
C LEU H 45 -61.30 38.11 -5.44
N GLN H 46 -60.97 38.08 -6.75
CA GLN H 46 -60.81 39.31 -7.46
C GLN H 46 -62.14 39.77 -7.93
N GLU H 47 -62.78 40.60 -7.09
CA GLU H 47 -64.02 41.23 -7.43
C GLU H 47 -64.53 41.94 -6.22
N SER H 48 -64.48 43.28 -6.30
CA SER H 48 -64.91 44.17 -5.27
C SER H 48 -66.40 44.35 -5.29
N THR H 49 -67.04 44.30 -6.47
CA THR H 49 -68.45 44.57 -6.48
C THR H 49 -69.15 43.79 -7.57
N VAL H 50 -70.50 43.68 -7.42
CA VAL H 50 -71.38 43.04 -8.36
C VAL H 50 -72.70 43.71 -8.17
N HIS H 51 -73.58 43.71 -9.22
CA HIS H 51 -74.83 44.41 -9.16
C HIS H 51 -75.99 43.46 -9.40
N VAL H 52 -77.01 43.59 -8.54
CA VAL H 52 -78.27 42.92 -8.33
C VAL H 52 -79.54 43.46 -8.97
N LEU H 53 -79.56 44.61 -9.66
CA LEU H 53 -80.79 45.27 -10.03
C LEU H 53 -81.74 44.41 -10.82
N GLU H 54 -81.21 43.41 -11.56
CA GLU H 54 -81.94 42.52 -12.42
C GLU H 54 -82.90 41.65 -11.65
N LYS H 55 -82.70 41.48 -10.32
CA LYS H 55 -83.51 40.60 -9.52
C LYS H 55 -83.18 39.17 -9.84
N GLY H 56 -81.88 38.83 -9.78
CA GLY H 56 -81.42 37.49 -10.05
C GLY H 56 -80.29 37.16 -9.09
N ALA H 57 -79.57 36.06 -9.38
CA ALA H 57 -78.45 35.60 -8.60
C ALA H 57 -77.19 36.22 -9.14
N VAL H 58 -76.06 36.04 -8.42
CA VAL H 58 -74.81 36.65 -8.80
C VAL H 58 -73.83 35.56 -9.15
N THR H 59 -72.67 35.93 -9.75
CA THR H 59 -71.59 35.02 -10.04
C THR H 59 -70.33 35.68 -9.61
N VAL H 60 -69.28 34.90 -9.29
CA VAL H 60 -68.06 35.53 -8.88
C VAL H 60 -66.88 34.66 -9.21
N HIS H 61 -65.66 35.18 -8.98
CA HIS H 61 -64.43 34.50 -9.24
C HIS H 61 -63.55 34.67 -8.03
N PHE H 62 -62.68 33.67 -7.74
CA PHE H 62 -61.88 33.77 -6.54
C PHE H 62 -60.53 33.15 -6.78
N SER H 63 -59.71 33.05 -5.69
CA SER H 63 -58.38 32.49 -5.74
C SER H 63 -58.25 31.51 -4.61
N THR H 64 -56.99 31.20 -4.20
CA THR H 64 -56.63 30.39 -3.06
C THR H 64 -56.06 29.09 -3.53
N ALA H 65 -55.04 28.56 -2.82
CA ALA H 65 -54.48 27.25 -3.07
C ALA H 65 -55.24 26.10 -2.44
N SER H 66 -55.56 26.24 -1.14
CA SER H 66 -55.98 25.18 -0.23
C SER H 66 -56.81 24.12 -0.87
N PRO H 67 -56.48 22.91 -0.48
CA PRO H 67 -57.09 21.71 -0.98
C PRO H 67 -58.57 21.79 -0.81
N GLN H 68 -59.05 22.40 0.28
CA GLN H 68 -60.45 22.61 0.45
C GLN H 68 -60.61 23.47 1.65
N ALA H 69 -60.98 24.74 1.44
CA ALA H 69 -61.10 25.65 2.55
C ALA H 69 -62.41 26.34 2.46
N ASN H 70 -62.88 26.91 3.59
CA ASN H 70 -64.13 27.60 3.63
C ASN H 70 -63.83 29.04 3.91
N PHE H 71 -64.69 29.96 3.42
CA PHE H 71 -64.49 31.35 3.68
C PHE H 71 -65.79 32.08 3.69
N ILE H 72 -65.90 33.17 4.46
CA ILE H 72 -67.16 33.85 4.53
C ILE H 72 -67.13 34.96 3.53
N VAL H 73 -68.14 34.94 2.62
CA VAL H 73 -68.19 35.91 1.56
C VAL H 73 -69.43 36.73 1.74
N SER H 74 -69.26 38.05 1.87
CA SER H 74 -70.38 38.93 2.05
C SER H 74 -70.85 39.41 0.71
N LEU H 75 -72.13 39.83 0.66
CA LEU H 75 -72.71 40.41 -0.52
C LEU H 75 -73.51 41.58 -0.05
N CYS H 76 -72.87 42.77 -0.06
CA CYS H 76 -73.42 44.02 0.40
C CYS H 76 -73.37 44.10 1.89
N GLY H 77 -73.69 43.01 2.60
CA GLY H 77 -73.88 43.14 4.02
C GLY H 77 -74.36 41.80 4.46
N LYS H 78 -75.07 41.08 3.58
CA LYS H 78 -75.45 39.73 3.87
C LYS H 78 -74.16 38.95 3.91
N LYS H 79 -74.21 37.65 4.30
CA LYS H 79 -72.99 36.88 4.35
C LYS H 79 -73.29 35.43 4.08
N THR H 80 -72.25 34.56 4.19
CA THR H 80 -72.43 33.14 4.01
C THR H 80 -71.08 32.48 4.13
N THR H 81 -71.04 31.14 3.98
CA THR H 81 -69.77 30.45 4.02
C THR H 81 -69.68 29.59 2.78
N CYS H 82 -68.50 29.56 2.14
CA CYS H 82 -68.32 28.81 0.92
C CYS H 82 -67.28 27.76 1.18
N ASN H 83 -67.24 26.70 0.33
CA ASN H 83 -66.24 25.66 0.45
C ASN H 83 -66.40 24.72 -0.71
N ALA H 84 -65.35 23.92 -1.02
CA ALA H 84 -65.45 22.97 -2.09
C ALA H 84 -64.18 22.16 -2.18
N GLU H 85 -64.22 21.07 -2.98
CA GLU H 85 -63.12 20.17 -3.23
C GLU H 85 -62.15 20.87 -4.13
N CYS H 86 -60.89 20.38 -4.20
CA CYS H 86 -59.98 21.10 -5.04
C CYS H 86 -59.24 20.17 -5.94
N LYS H 87 -58.31 20.72 -6.75
CA LYS H 87 -57.54 19.94 -7.68
C LYS H 87 -56.33 20.76 -8.03
N PRO H 88 -55.25 20.10 -8.39
CA PRO H 88 -54.07 20.82 -8.78
C PRO H 88 -54.23 21.35 -10.17
N PRO H 89 -53.47 22.34 -10.52
CA PRO H 89 -53.56 22.89 -11.84
C PRO H 89 -52.79 22.03 -12.79
N TRP I 1 34.14 -43.91 -10.80
CA TRP I 1 32.98 -44.07 -9.87
C TRP I 1 33.21 -45.14 -8.81
N LEU I 2 33.94 -46.20 -9.16
CA LEU I 2 34.22 -47.28 -8.22
C LEU I 2 35.16 -46.86 -7.10
N PHE I 3 36.02 -45.88 -7.39
CA PHE I 3 36.97 -45.37 -6.40
C PHE I 3 36.32 -44.31 -5.51
N ALA I 4 35.11 -43.88 -5.90
CA ALA I 4 34.36 -42.89 -5.15
C ALA I 4 33.20 -43.55 -4.41
N LEU I 5 33.05 -44.86 -4.60
CA LEU I 5 31.99 -45.62 -3.95
C LEU I 5 32.56 -46.65 -2.98
N PHE I 6 33.81 -47.03 -3.18
CA PHE I 6 34.49 -47.96 -2.28
C PHE I 6 35.20 -47.14 -1.22
N GLY I 7 35.55 -45.91 -1.60
CA GLY I 7 36.19 -44.99 -0.68
C GLY I 7 35.09 -44.17 -0.01
N GLY I 8 33.91 -44.19 -0.62
CA GLY I 8 32.77 -43.47 -0.07
C GLY I 8 31.87 -44.41 0.71
N ALA I 9 32.29 -45.66 0.78
CA ALA I 9 31.57 -46.71 1.49
C ALA I 9 32.18 -46.90 2.88
N SER I 10 33.45 -46.51 3.05
CA SER I 10 34.11 -46.63 4.34
C SER I 10 33.73 -45.46 5.27
N SER I 11 33.30 -44.35 4.67
CA SER I 11 32.89 -43.17 5.42
C SER I 11 31.45 -43.36 5.87
N LEU I 12 30.78 -44.33 5.25
CA LEU I 12 29.40 -44.66 5.57
C LEU I 12 29.36 -45.72 6.66
N LEU I 13 30.55 -46.09 7.15
CA LEU I 13 30.66 -47.07 8.21
C LEU I 13 30.38 -46.43 9.58
N ILE I 14 30.63 -45.13 9.68
CA ILE I 14 30.37 -44.39 10.92
C ILE I 14 28.89 -43.97 10.91
N ILE I 15 28.28 -44.03 9.73
CA ILE I 15 26.87 -43.71 9.55
C ILE I 15 26.12 -45.03 9.40
N GLY I 16 26.86 -46.12 9.55
CA GLY I 16 26.28 -47.44 9.43
C GLY I 16 26.40 -48.21 10.73
N LEU I 17 27.58 -48.13 11.35
CA LEU I 17 27.82 -48.81 12.62
C LEU I 17 27.26 -48.02 13.79
N MET I 18 27.43 -46.70 13.79
CA MET I 18 26.90 -45.89 14.88
C MET I 18 25.37 -45.90 14.88
N ILE I 19 24.79 -46.21 13.74
CA ILE I 19 23.34 -46.30 13.64
C ILE I 19 22.92 -47.70 14.07
N PHE I 20 23.74 -48.70 13.71
CA PHE I 20 23.46 -50.08 14.10
C PHE I 20 23.82 -50.30 15.56
N ALA I 21 24.35 -49.26 16.20
CA ALA I 21 24.72 -49.32 17.61
C ALA I 21 23.70 -48.50 18.39
N CYS I 22 23.23 -47.42 17.77
CA CYS I 22 22.24 -46.53 18.37
C CYS I 22 20.82 -47.08 18.22
N SER I 23 20.61 -47.94 17.24
CA SER I 23 19.30 -48.55 17.02
C SER I 23 19.22 -49.87 17.77
N MET I 24 20.33 -50.28 18.36
CA MET I 24 20.39 -51.51 19.13
C MET I 24 20.51 -51.24 20.63
N MET I 25 20.80 -49.98 20.97
CA MET I 25 20.95 -49.58 22.37
C MET I 25 19.73 -48.80 22.86
N LEU I 26 18.93 -48.32 21.90
CA LEU I 26 17.72 -47.57 22.23
C LEU I 26 16.51 -48.50 22.24
N THR I 27 16.64 -49.62 21.54
CA THR I 27 15.57 -50.61 21.46
C THR I 27 15.66 -51.60 22.64
N SER I 28 16.87 -51.82 23.14
CA SER I 28 17.08 -52.73 24.26
C SER I 28 16.80 -52.08 25.62
N THR I 29 16.73 -50.75 25.63
CA THR I 29 16.46 -50.00 26.85
C THR I 29 14.96 -49.64 26.95
N ARG I 30 14.30 -49.54 25.80
CA ARG I 30 12.89 -49.19 25.76
C ARG I 30 11.90 -50.37 25.84
N ARG I 31 12.37 -51.57 25.51
CA ARG I 31 11.52 -52.76 25.55
C ARG I 31 11.28 -53.32 26.96
N HIS J 1 44.17 -35.76 -5.67
CA HIS J 1 44.07 -37.13 -5.09
C HIS J 1 44.54 -37.22 -3.64
N PRO J 2 45.70 -36.60 -3.30
CA PRO J 2 46.19 -36.68 -1.93
C PRO J 2 45.24 -36.01 -0.91
N VAL J 3 44.26 -35.27 -1.42
CA VAL J 3 43.29 -34.60 -0.58
C VAL J 3 42.08 -35.52 -0.39
N TYR J 4 41.81 -36.34 -1.41
CA TYR J 4 40.70 -37.27 -1.38
C TYR J 4 41.08 -38.59 -0.70
N THR J 5 42.36 -38.94 -0.78
CA THR J 5 42.86 -40.17 -0.18
C THR J 5 43.08 -40.00 1.32
N ILE J 6 43.44 -38.79 1.75
CA ILE J 6 43.66 -38.52 3.16
C ILE J 6 42.35 -38.24 3.91
N LEU J 7 41.42 -37.57 3.25
CA LEU J 7 40.13 -37.26 3.87
C LEU J 7 39.23 -38.48 4.02
N ALA J 8 39.31 -39.39 3.07
CA ALA J 8 38.51 -40.62 3.10
C ALA J 8 38.99 -41.52 4.23
N VAL J 9 40.31 -41.73 4.29
CA VAL J 9 40.92 -42.58 5.31
C VAL J 9 40.90 -41.87 6.68
N ALA J 10 40.63 -40.57 6.68
CA ALA J 10 40.57 -39.80 7.91
C ALA J 10 39.32 -40.18 8.70
N SER J 11 38.21 -40.34 7.97
CA SER J 11 36.93 -40.70 8.55
C SER J 11 36.68 -42.20 8.37
N ALA J 12 37.72 -42.94 7.98
CA ALA J 12 37.61 -44.38 7.77
C ALA J 12 38.19 -45.10 8.99
N THR J 13 39.32 -44.61 9.47
CA THR J 13 39.95 -45.17 10.65
C THR J 13 39.11 -44.72 11.84
N VAL J 14 38.60 -43.50 11.75
CA VAL J 14 37.75 -42.93 12.81
C VAL J 14 36.34 -43.54 12.72
N ALA J 15 36.02 -44.12 11.56
CA ALA J 15 34.72 -44.76 11.34
C ALA J 15 34.71 -46.13 11.99
N MET J 16 35.77 -46.89 11.75
CA MET J 16 35.88 -48.23 12.30
C MET J 16 36.40 -48.23 13.73
N MET J 17 36.76 -47.05 14.25
CA MET J 17 37.21 -46.95 15.63
C MET J 17 36.05 -46.51 16.48
N ILE J 18 35.50 -45.33 16.19
CA ILE J 18 34.36 -44.81 16.93
C ILE J 18 33.13 -45.68 16.68
N GLY J 19 33.06 -46.26 15.48
CA GLY J 19 31.94 -47.11 15.13
C GLY J 19 32.00 -48.45 15.84
N VAL J 20 33.20 -48.99 15.99
CA VAL J 20 33.39 -50.27 16.67
C VAL J 20 33.53 -50.09 18.19
N THR J 21 34.03 -48.93 18.62
CA THR J 21 34.18 -48.65 20.04
C THR J 21 32.80 -48.46 20.66
N VAL J 22 31.91 -47.79 19.94
CA VAL J 22 30.56 -47.55 20.42
C VAL J 22 29.72 -48.82 20.26
N ALA J 23 30.10 -49.67 19.30
CA ALA J 23 29.40 -50.92 19.05
C ALA J 23 29.83 -52.05 19.98
N VAL J 24 31.04 -51.93 20.52
CA VAL J 24 31.57 -52.93 21.43
C VAL J 24 31.37 -52.52 22.90
N LEU J 25 31.64 -51.25 23.20
CA LEU J 25 31.47 -50.76 24.56
C LEU J 25 30.00 -50.78 24.95
N CYS J 26 29.13 -50.44 24.01
CA CYS J 26 27.69 -50.45 24.28
C CYS J 26 27.16 -51.87 24.29
N ALA J 27 27.80 -52.75 23.53
CA ALA J 27 27.41 -54.16 23.46
C ALA J 27 27.89 -54.87 24.72
N CYS J 28 29.03 -54.42 25.24
CA CYS J 28 29.59 -54.98 26.46
C CYS J 28 28.80 -54.49 27.66
N LEU J 29 28.48 -53.20 27.67
CA LEU J 29 27.69 -52.61 28.75
C LEU J 29 26.27 -53.16 28.74
N ALA J 30 25.79 -53.51 27.55
CA ALA J 30 24.45 -54.06 27.40
C ALA J 30 24.43 -55.51 27.89
N ARG J 31 25.56 -56.19 27.72
CA ARG J 31 25.69 -57.57 28.15
C ARG J 31 26.12 -57.67 29.61
N ARG J 32 26.76 -56.60 30.12
CA ARG J 32 27.19 -56.56 31.51
C ARG J 32 26.09 -56.03 32.43
N GLU J 33 25.36 -55.01 32.00
CA GLU J 33 24.27 -54.47 32.83
C GLU J 33 22.99 -55.29 32.65
N CYS J 34 23.14 -56.48 32.06
CA CYS J 34 22.03 -57.39 31.84
C CYS J 34 22.31 -58.76 32.44
N LEU J 35 23.55 -59.22 32.34
CA LEU J 35 23.96 -60.51 32.90
C LEU J 35 24.09 -60.44 34.41
N THR J 36 24.39 -59.25 34.91
CA THR J 36 24.53 -59.02 36.35
C THR J 36 23.16 -58.95 37.05
N TRP K 1 22.69 35.81 24.99
CA TRP K 1 23.24 34.93 26.07
C TRP K 1 22.30 34.80 27.27
N LEU K 2 21.57 35.87 27.59
CA LEU K 2 20.65 35.84 28.72
C LEU K 2 19.44 34.94 28.47
N PHE K 3 19.08 34.76 27.21
CA PHE K 3 17.95 33.92 26.84
C PHE K 3 18.38 32.45 26.72
N ALA K 4 19.69 32.23 26.77
CA ALA K 4 20.26 30.90 26.69
C ALA K 4 20.78 30.46 28.06
N LEU K 5 20.65 31.35 29.05
CA LEU K 5 21.10 31.07 30.41
C LEU K 5 19.92 31.04 31.39
N PHE K 6 18.83 31.70 31.01
CA PHE K 6 17.62 31.73 31.83
C PHE K 6 16.75 30.58 31.36
N GLY K 7 16.91 30.21 30.09
CA GLY K 7 16.19 29.10 29.51
C GLY K 7 17.04 27.86 29.69
N GLY K 8 18.33 28.06 29.96
CA GLY K 8 19.25 26.96 30.18
C GLY K 8 19.45 26.71 31.66
N ALA K 9 18.74 27.50 32.46
CA ALA K 9 18.78 27.41 33.92
C ALA K 9 17.59 26.59 34.42
N SER K 10 16.53 26.51 33.63
CA SER K 10 15.35 25.73 34.00
C SER K 10 15.57 24.24 33.72
N SER K 11 16.46 23.94 32.78
CA SER K 11 16.79 22.57 32.41
C SER K 11 17.79 22.01 33.42
N LEU K 12 18.40 22.92 34.17
CA LEU K 12 19.36 22.55 35.20
C LEU K 12 18.65 22.33 36.53
N LEU K 13 17.33 22.44 36.49
CA LEU K 13 16.51 22.23 37.68
C LEU K 13 16.32 20.74 37.94
N ILE K 14 16.37 19.93 36.88
CA ILE K 14 16.23 18.48 37.00
C ILE K 14 17.62 17.92 37.34
N ILE K 15 18.65 18.73 37.13
CA ILE K 15 20.03 18.35 37.44
C ILE K 15 20.42 19.07 38.72
N GLY K 16 19.45 19.78 39.30
CA GLY K 16 19.67 20.53 40.52
C GLY K 16 18.79 20.01 41.63
N LEU K 17 17.53 19.75 41.33
CA LEU K 17 16.59 19.22 42.31
C LEU K 17 16.75 17.73 42.51
N MET K 18 16.93 16.99 41.42
CA MET K 18 17.11 15.54 41.53
C MET K 18 18.41 15.20 42.23
N ILE K 19 19.36 16.14 42.21
CA ILE K 19 20.63 15.94 42.89
C ILE K 19 20.45 16.35 44.36
N PHE K 20 19.66 17.40 44.58
CA PHE K 20 19.38 17.86 45.95
C PHE K 20 18.37 16.94 46.62
N ALA K 21 17.89 15.95 45.87
CA ALA K 21 16.94 14.98 46.40
C ALA K 21 17.67 13.66 46.58
N CYS K 22 18.62 13.39 45.69
CA CYS K 22 19.42 12.18 45.74
C CYS K 22 20.58 12.30 46.73
N SER K 23 20.98 13.53 47.04
CA SER K 23 22.06 13.76 48.00
C SER K 23 21.48 13.94 49.38
N MET K 24 20.16 13.98 49.47
CA MET K 24 19.46 14.14 50.73
C MET K 24 18.76 12.84 51.15
N MET K 25 18.66 11.90 50.21
CA MET K 25 18.02 10.61 50.48
C MET K 25 19.05 9.50 50.66
N LEU K 26 20.28 9.77 50.22
CA LEU K 26 21.36 8.80 50.35
C LEU K 26 22.17 9.08 51.60
N THR K 27 22.10 10.31 52.09
CA THR K 27 22.81 10.72 53.30
C THR K 27 21.97 10.41 54.54
N SER K 28 20.65 10.44 54.40
CA SER K 28 19.74 10.15 55.52
C SER K 28 19.55 8.66 55.77
N THR K 29 19.93 7.85 54.78
CA THR K 29 19.82 6.39 54.88
C THR K 29 21.14 5.77 55.34
N ARG K 30 22.25 6.44 55.03
CA ARG K 30 23.58 5.95 55.39
C ARG K 30 24.09 6.37 56.77
N ARG K 31 23.54 7.45 57.33
CA ARG K 31 23.96 7.93 58.65
C ARG K 31 23.41 7.12 59.82
N HIS L 1 13.79 29.26 16.56
CA HIS L 1 13.29 29.61 17.92
C HIS L 1 12.20 28.65 18.43
N PRO L 2 11.22 28.28 17.59
CA PRO L 2 10.18 27.37 18.06
C PRO L 2 10.70 25.98 18.43
N VAL L 3 11.96 25.71 18.09
CA VAL L 3 12.60 24.44 18.39
C VAL L 3 13.33 24.57 19.73
N TYR L 4 13.81 25.78 20.02
CA TYR L 4 14.52 26.07 21.26
C TYR L 4 13.56 26.42 22.39
N THR L 5 12.40 26.97 22.04
CA THR L 5 11.40 27.35 23.02
C THR L 5 10.60 26.14 23.49
N ILE L 6 10.40 25.17 22.60
CA ILE L 6 9.65 23.97 22.93
C ILE L 6 10.51 22.94 23.65
N LEU L 7 11.78 22.83 23.26
CA LEU L 7 12.69 21.88 23.89
C LEU L 7 13.09 22.29 25.31
N ALA L 8 13.23 23.58 25.53
CA ALA L 8 13.59 24.11 26.85
C ALA L 8 12.45 23.88 27.84
N VAL L 9 11.25 24.26 27.42
CA VAL L 9 10.06 24.10 28.26
C VAL L 9 9.64 22.63 28.36
N ALA L 10 10.20 21.79 27.49
CA ALA L 10 9.90 20.37 27.50
C ALA L 10 10.54 19.71 28.71
N SER L 11 11.77 20.12 29.00
CA SER L 11 12.54 19.59 30.11
C SER L 11 12.47 20.57 31.30
N ALA L 12 11.55 21.54 31.21
CA ALA L 12 11.37 22.54 32.27
C ALA L 12 10.18 22.15 33.12
N THR L 13 9.10 21.74 32.45
CA THR L 13 7.89 21.31 33.13
C THR L 13 8.21 19.94 33.72
N VAL L 14 8.98 19.16 32.97
CA VAL L 14 9.40 17.82 33.40
C VAL L 14 10.51 17.93 34.46
N ALA L 15 11.14 19.09 34.53
CA ALA L 15 12.20 19.35 35.50
C ALA L 15 11.59 19.66 36.85
N MET L 16 10.60 20.54 36.85
CA MET L 16 9.92 20.94 38.07
C MET L 16 8.84 19.94 38.49
N MET L 17 8.59 18.93 37.66
CA MET L 17 7.62 17.91 38.01
C MET L 17 8.36 16.72 38.59
N ILE L 18 9.25 16.13 37.80
CA ILE L 18 10.03 14.99 38.26
C ILE L 18 10.99 15.43 39.37
N GLY L 19 11.45 16.68 39.29
CA GLY L 19 12.34 17.21 40.29
C GLY L 19 11.65 17.46 41.61
N VAL L 20 10.41 17.94 41.56
CA VAL L 20 9.63 18.22 42.77
C VAL L 20 8.88 16.97 43.25
N THR L 21 8.56 16.07 42.33
CA THR L 21 7.86 14.83 42.70
C THR L 21 8.83 13.92 43.47
N VAL L 22 10.08 13.88 43.02
CA VAL L 22 11.10 13.07 43.68
C VAL L 22 11.57 13.76 44.96
N ALA L 23 11.47 15.09 44.99
CA ALA L 23 11.88 15.87 46.15
C ALA L 23 10.80 15.92 47.24
N VAL L 24 9.55 15.70 46.85
CA VAL L 24 8.45 15.72 47.80
C VAL L 24 8.07 14.29 48.24
N LEU L 25 8.01 13.37 47.29
CA LEU L 25 7.69 11.98 47.61
C LEU L 25 8.77 11.37 48.48
N CYS L 26 10.03 11.69 48.18
CA CYS L 26 11.15 11.16 48.96
C CYS L 26 11.25 11.88 50.29
N ALA L 27 10.81 13.14 50.33
CA ALA L 27 10.83 13.93 51.55
C ALA L 27 9.69 13.50 52.45
N CYS L 28 8.59 13.08 51.83
CA CYS L 28 7.42 12.61 52.56
C CYS L 28 7.69 11.21 53.10
N LEU L 29 8.29 10.37 52.26
CA LEU L 29 8.63 9.01 52.65
C LEU L 29 9.73 9.02 53.72
N ALA L 30 10.60 10.03 53.66
CA ALA L 30 11.68 10.18 54.63
C ALA L 30 11.12 10.66 55.96
N ARG L 31 10.04 11.45 55.90
CA ARG L 31 9.40 11.97 57.09
C ARG L 31 8.35 10.99 57.63
N ARG L 32 7.86 10.11 56.76
CA ARG L 32 6.88 9.11 57.17
C ARG L 32 7.54 7.83 57.70
N GLU L 33 8.62 7.40 57.04
CA GLU L 33 9.34 6.20 57.49
C GLU L 33 10.30 6.53 58.63
N CYS L 34 10.14 7.72 59.20
CA CYS L 34 10.98 8.18 60.30
C CYS L 34 10.13 8.60 61.50
N LEU L 35 8.99 9.23 61.23
CA LEU L 35 8.08 9.67 62.30
C LEU L 35 7.31 8.48 62.87
N THR L 36 7.12 7.45 62.06
CA THR L 36 6.42 6.23 62.46
C THR L 36 7.31 5.35 63.36
N TRP M 1 -0.74 -40.13 -18.15
CA TRP M 1 -1.48 -41.04 -17.22
C TRP M 1 -0.79 -41.19 -15.86
N LEU M 2 0.54 -41.16 -15.86
CA LEU M 2 1.30 -41.30 -14.62
C LEU M 2 1.16 -40.08 -13.70
N PHE M 3 0.90 -38.92 -14.30
CA PHE M 3 0.73 -37.69 -13.53
C PHE M 3 -0.71 -37.56 -13.04
N ALA M 4 -1.57 -38.42 -13.54
CA ALA M 4 -2.98 -38.44 -13.15
C ALA M 4 -3.27 -39.62 -12.23
N LEU M 5 -2.24 -40.43 -11.98
CA LEU M 5 -2.37 -41.60 -11.10
C LEU M 5 -1.52 -41.45 -9.85
N PHE M 6 -0.49 -40.61 -9.92
CA PHE M 6 0.38 -40.35 -8.78
C PHE M 6 -0.20 -39.15 -8.05
N GLY M 7 -0.90 -38.31 -8.81
CA GLY M 7 -1.54 -37.14 -8.24
C GLY M 7 -2.96 -37.55 -7.86
N GLY M 8 -3.42 -38.66 -8.43
CA GLY M 8 -4.75 -39.18 -8.14
C GLY M 8 -4.68 -40.26 -7.09
N ALA M 9 -3.47 -40.52 -6.61
CA ALA M 9 -3.21 -41.53 -5.59
C ALA M 9 -3.11 -40.87 -4.23
N SER M 10 -2.79 -39.57 -4.21
CA SER M 10 -2.70 -38.82 -2.95
C SER M 10 -4.09 -38.41 -2.45
N SER M 11 -5.05 -38.32 -3.38
CA SER M 11 -6.42 -37.95 -3.04
C SER M 11 -7.15 -39.18 -2.55
N LEU M 12 -6.56 -40.34 -2.82
CA LEU M 12 -7.12 -41.63 -2.40
C LEU M 12 -6.58 -41.99 -1.01
N LEU M 13 -5.79 -41.08 -0.45
CA LEU M 13 -5.23 -41.29 0.88
C LEU M 13 -6.27 -40.96 1.96
N ILE M 14 -7.21 -40.09 1.64
CA ILE M 14 -8.27 -39.72 2.58
C ILE M 14 -9.39 -40.75 2.43
N ILE M 15 -9.34 -41.52 1.34
CA ILE M 15 -10.31 -42.59 1.07
C ILE M 15 -9.61 -43.91 1.36
N GLY M 16 -8.38 -43.81 1.85
CA GLY M 16 -7.60 -44.97 2.18
C GLY M 16 -7.27 -45.03 3.65
N LEU M 17 -6.88 -43.88 4.20
CA LEU M 17 -6.54 -43.79 5.62
C LEU M 17 -7.80 -43.67 6.49
N MET M 18 -8.76 -42.85 6.05
CA MET M 18 -10.00 -42.70 6.82
C MET M 18 -10.79 -44.00 6.83
N ILE M 19 -10.55 -44.86 5.85
CA ILE M 19 -11.22 -46.15 5.80
C ILE M 19 -10.42 -47.13 6.66
N PHE M 20 -9.11 -47.00 6.66
CA PHE M 20 -8.25 -47.86 7.47
C PHE M 20 -8.29 -47.41 8.93
N ALA M 21 -9.00 -46.31 9.18
CA ALA M 21 -9.14 -45.79 10.53
C ALA M 21 -10.56 -46.11 11.01
N CYS M 22 -11.51 -46.07 10.07
CA CYS M 22 -12.91 -46.36 10.37
C CYS M 22 -13.18 -47.86 10.41
N SER M 23 -12.32 -48.65 9.75
CA SER M 23 -12.48 -50.10 9.75
C SER M 23 -11.68 -50.70 10.90
N MET M 24 -10.92 -49.85 11.58
CA MET M 24 -10.10 -50.28 12.71
C MET M 24 -10.66 -49.78 14.03
N MET M 25 -11.61 -48.84 13.95
CA MET M 25 -12.23 -48.27 15.14
C MET M 25 -13.64 -48.83 15.35
N LEU M 26 -14.19 -49.43 14.30
CA LEU M 26 -15.52 -50.03 14.38
C LEU M 26 -15.42 -51.51 14.69
N THR M 27 -14.26 -52.09 14.39
CA THR M 27 -14.02 -53.50 14.66
C THR M 27 -13.50 -53.71 16.08
N SER M 28 -12.80 -52.71 16.62
CA SER M 28 -12.28 -52.80 17.97
C SER M 28 -13.32 -52.46 19.05
N THR M 29 -14.43 -51.85 18.64
CA THR M 29 -15.51 -51.49 19.54
C THR M 29 -16.60 -52.55 19.53
N ARG M 30 -16.73 -53.27 18.41
CA ARG M 30 -17.75 -54.30 18.27
C ARG M 30 -17.35 -55.71 18.73
N ARG M 31 -16.05 -55.98 18.81
CA ARG M 31 -15.56 -57.29 19.23
C ARG M 31 -15.62 -57.52 20.75
N HIS N 1 -3.35 -26.65 -16.01
CA HIS N 1 -2.47 -27.32 -15.01
C HIS N 1 -2.53 -26.70 -13.62
N PRO N 2 -2.51 -25.36 -13.51
CA PRO N 2 -2.57 -24.74 -12.18
C PRO N 2 -3.88 -25.02 -11.43
N VAL N 3 -4.86 -25.57 -12.15
CA VAL N 3 -6.14 -25.91 -11.56
C VAL N 3 -6.10 -27.36 -11.09
N TYR N 4 -5.31 -28.18 -11.78
CA TYR N 4 -5.15 -29.59 -11.43
C TYR N 4 -4.07 -29.80 -10.37
N THR N 5 -3.09 -28.91 -10.34
CA THR N 5 -2.00 -28.98 -9.38
C THR N 5 -2.44 -28.46 -8.01
N ILE N 6 -3.33 -27.47 -8.00
CA ILE N 6 -3.82 -26.88 -6.76
C ILE N 6 -4.94 -27.73 -6.13
N LEU N 7 -5.80 -28.30 -6.97
CA LEU N 7 -6.90 -29.12 -6.48
C LEU N 7 -6.44 -30.47 -5.92
N ALA N 8 -5.40 -31.03 -6.53
CA ALA N 8 -4.85 -32.31 -6.09
C ALA N 8 -4.17 -32.16 -4.74
N VAL N 9 -3.32 -31.14 -4.63
CA VAL N 9 -2.60 -30.87 -3.39
C VAL N 9 -3.54 -30.28 -2.33
N ALA N 10 -4.74 -29.87 -2.75
CA ALA N 10 -5.73 -29.32 -1.82
C ALA N 10 -6.29 -30.43 -0.95
N SER N 11 -6.56 -31.56 -1.59
CA SER N 11 -7.10 -32.73 -0.92
C SER N 11 -5.99 -33.73 -0.60
N ALA N 12 -4.74 -33.29 -0.73
CA ALA N 12 -3.57 -34.13 -0.45
C ALA N 12 -3.03 -33.79 0.92
N THR N 13 -2.95 -32.50 1.22
CA THR N 13 -2.49 -32.04 2.51
C THR N 13 -3.62 -32.32 3.50
N VAL N 14 -4.85 -32.14 3.02
CA VAL N 14 -6.04 -32.40 3.83
C VAL N 14 -6.28 -33.91 3.96
N ALA N 15 -5.66 -34.69 3.06
CA ALA N 15 -5.79 -36.14 3.06
C ALA N 15 -4.88 -36.72 4.12
N MET N 16 -3.63 -36.25 4.13
CA MET N 16 -2.64 -36.73 5.09
C MET N 16 -2.77 -36.02 6.44
N MET N 17 -3.65 -35.05 6.55
CA MET N 17 -3.87 -34.36 7.81
C MET N 17 -5.09 -34.98 8.48
N ILE N 18 -6.23 -34.90 7.83
CA ILE N 18 -7.46 -35.48 8.37
C ILE N 18 -7.34 -37.00 8.42
N GLY N 19 -6.60 -37.57 7.47
CA GLY N 19 -6.40 -39.01 7.42
C GLY N 19 -5.50 -39.50 8.53
N VAL N 20 -4.46 -38.72 8.85
CA VAL N 20 -3.52 -39.09 9.91
C VAL N 20 -4.01 -38.60 11.28
N THR N 21 -4.79 -37.52 11.30
CA THR N 21 -5.32 -37.00 12.55
C THR N 21 -6.38 -37.96 13.10
N VAL N 22 -7.19 -38.51 12.20
CA VAL N 22 -8.23 -39.46 12.58
C VAL N 22 -7.61 -40.83 12.85
N ALA N 23 -6.47 -41.09 12.21
CA ALA N 23 -5.78 -42.37 12.38
C ALA N 23 -4.88 -42.40 13.62
N VAL N 24 -4.49 -41.22 14.10
CA VAL N 24 -3.65 -41.11 15.29
C VAL N 24 -4.48 -40.81 16.52
N LEU N 25 -5.44 -39.90 16.40
CA LEU N 25 -6.30 -39.55 17.53
C LEU N 25 -7.17 -40.74 17.92
N CYS N 26 -7.66 -41.48 16.93
CA CYS N 26 -8.48 -42.64 17.20
C CYS N 26 -7.62 -43.81 17.67
N ALA N 27 -6.37 -43.84 17.23
CA ALA N 27 -5.44 -44.90 17.62
C ALA N 27 -4.95 -44.62 19.04
N CYS N 28 -4.85 -43.34 19.38
CA CYS N 28 -4.42 -42.92 20.71
C CYS N 28 -5.57 -43.13 21.69
N LEU N 29 -6.78 -42.77 21.28
CA LEU N 29 -7.97 -42.94 22.12
C LEU N 29 -8.27 -44.42 22.29
N ALA N 30 -7.93 -45.22 21.28
CA ALA N 30 -8.15 -46.66 21.33
C ALA N 30 -7.13 -47.30 22.26
N ARG N 31 -5.94 -46.72 22.32
CA ARG N 31 -4.88 -47.23 23.18
C ARG N 31 -4.97 -46.64 24.59
N ARG N 32 -5.64 -45.49 24.72
CA ARG N 32 -5.81 -44.85 26.02
C ARG N 32 -7.07 -45.36 26.73
N GLU N 33 -8.16 -45.54 25.99
CA GLU N 33 -9.40 -46.04 26.59
C GLU N 33 -9.37 -47.57 26.71
N CYS N 34 -8.18 -48.15 26.54
CA CYS N 34 -7.98 -49.59 26.63
C CYS N 34 -6.89 -49.93 27.65
N LEU N 35 -5.84 -49.12 27.68
CA LEU N 35 -4.74 -49.33 28.63
C LEU N 35 -5.14 -48.91 30.04
N THR N 36 -6.07 -47.97 30.13
CA THR N 36 -6.57 -47.47 31.41
C THR N 36 -7.54 -48.47 32.06
N TRP O 1 -60.78 15.45 8.93
CA TRP O 1 -61.09 15.49 10.40
C TRP O 1 -61.14 14.10 11.03
N LEU O 2 -61.62 13.12 10.28
CA LEU O 2 -61.72 11.75 10.80
C LEU O 2 -60.36 11.09 11.00
N PHE O 3 -59.37 11.53 10.22
CA PHE O 3 -58.01 10.99 10.33
C PHE O 3 -57.23 11.71 11.43
N ALA O 4 -57.80 12.79 11.94
CA ALA O 4 -57.19 13.58 13.01
C ALA O 4 -57.92 13.33 14.32
N LEU O 5 -58.97 12.51 14.28
CA LEU O 5 -59.75 12.18 15.47
C LEU O 5 -59.63 10.70 15.81
N PHE O 6 -59.28 9.88 14.82
CA PHE O 6 -59.09 8.45 15.04
C PHE O 6 -57.62 8.24 15.36
N GLY O 7 -56.79 9.15 14.85
CA GLY O 7 -55.37 9.11 15.11
C GLY O 7 -55.10 9.96 16.35
N GLY O 8 -56.07 10.80 16.69
CA GLY O 8 -55.96 11.67 17.85
C GLY O 8 -56.70 11.06 19.02
N ALA O 9 -57.27 9.88 18.79
CA ALA O 9 -58.01 9.15 19.80
C ALA O 9 -57.12 8.08 20.44
N SER O 10 -56.07 7.67 19.71
CA SER O 10 -55.13 6.67 20.23
C SER O 10 -54.12 7.32 21.18
N SER O 11 -53.90 8.63 21.02
CA SER O 11 -52.97 9.37 21.87
C SER O 11 -53.69 9.74 23.16
N LEU O 12 -55.01 9.64 23.14
CA LEU O 12 -55.84 9.93 24.30
C LEU O 12 -56.03 8.67 25.13
N LEU O 13 -55.38 7.58 24.70
CA LEU O 13 -55.44 6.32 25.41
C LEU O 13 -54.50 6.34 26.62
N ILE O 14 -53.44 7.13 26.54
CA ILE O 14 -52.48 7.25 27.65
C ILE O 14 -53.02 8.31 28.62
N ILE O 15 -53.99 9.08 28.15
CA ILE O 15 -54.66 10.11 28.96
C ILE O 15 -56.03 9.57 29.34
N GLY O 16 -56.27 8.32 28.95
CA GLY O 16 -57.53 7.68 29.25
C GLY O 16 -57.34 6.46 30.13
N LEU O 17 -56.33 5.66 29.81
CA LEU O 17 -56.00 4.47 30.58
C LEU O 17 -55.22 4.80 31.84
N MET O 18 -54.25 5.71 31.73
CA MET O 18 -53.45 6.10 32.90
C MET O 18 -54.31 6.83 33.91
N ILE O 19 -55.41 7.42 33.45
CA ILE O 19 -56.33 8.11 34.35
C ILE O 19 -57.29 7.07 34.94
N PHE O 20 -57.67 6.09 34.13
CA PHE O 20 -58.56 5.03 34.59
C PHE O 20 -57.77 4.03 35.45
N ALA O 21 -56.48 4.25 35.57
CA ALA O 21 -55.62 3.40 36.38
C ALA O 21 -55.25 4.17 37.64
N CYS O 22 -55.10 5.48 37.50
CA CYS O 22 -54.76 6.36 38.61
C CYS O 22 -55.98 6.72 39.44
N SER O 23 -57.17 6.62 38.83
CA SER O 23 -58.41 6.92 39.55
C SER O 23 -58.97 5.65 40.17
N MET O 24 -58.33 4.52 39.86
CA MET O 24 -58.74 3.23 40.39
C MET O 24 -57.74 2.72 41.42
N MET O 25 -56.57 3.35 41.49
CA MET O 25 -55.53 2.94 42.43
C MET O 25 -55.46 3.92 43.62
N LEU O 26 -56.05 5.09 43.45
CA LEU O 26 -56.06 6.10 44.50
C LEU O 26 -57.35 6.01 45.29
N THR O 27 -58.37 5.43 44.69
CA THR O 27 -59.67 5.25 45.34
C THR O 27 -59.69 3.95 46.15
N SER O 28 -58.92 2.96 45.72
CA SER O 28 -58.86 1.68 46.42
C SER O 28 -57.91 1.69 47.62
N THR O 29 -57.06 2.71 47.68
CA THR O 29 -56.09 2.87 48.77
C THR O 29 -56.65 3.82 49.85
N ARG O 30 -57.51 4.74 49.43
CA ARG O 30 -58.09 5.72 50.34
C ARG O 30 -59.38 5.30 51.05
N ARG O 31 -60.09 4.31 50.49
CA ARG O 31 -61.34 3.83 51.08
C ARG O 31 -61.15 2.91 52.29
N HIS P 1 -47.22 14.26 6.11
CA HIS P 1 -47.91 13.02 6.61
C HIS P 1 -46.99 12.07 7.37
N PRO P 2 -45.77 11.81 6.86
CA PRO P 2 -44.86 10.89 7.56
C PRO P 2 -44.44 11.41 8.94
N VAL P 3 -44.75 12.67 9.22
CA VAL P 3 -44.43 13.28 10.51
C VAL P 3 -45.63 13.11 11.45
N TYR P 4 -46.82 13.09 10.86
CA TYR P 4 -48.05 12.93 11.62
C TYR P 4 -48.39 11.46 11.87
N THR P 5 -47.94 10.60 10.95
CA THR P 5 -48.18 9.17 11.05
C THR P 5 -47.21 8.51 12.04
N ILE P 6 -45.99 9.05 12.12
CA ILE P 6 -44.98 8.51 13.02
C ILE P 6 -45.16 9.02 14.45
N LEU P 7 -45.56 10.29 14.59
CA LEU P 7 -45.76 10.88 15.91
C LEU P 7 -47.00 10.34 16.62
N ALA P 8 -48.05 10.05 15.85
CA ALA P 8 -49.28 9.51 16.40
C ALA P 8 -49.06 8.10 16.92
N VAL P 9 -48.44 7.27 16.08
CA VAL P 9 -48.16 5.88 16.44
C VAL P 9 -47.02 5.80 17.47
N ALA P 10 -46.31 6.91 17.66
CA ALA P 10 -45.22 6.95 18.62
C ALA P 10 -45.78 6.94 20.04
N SER P 11 -46.86 7.70 20.23
CA SER P 11 -47.53 7.82 21.52
C SER P 11 -48.76 6.90 21.54
N ALA P 12 -48.86 6.01 20.56
CA ALA P 12 -49.99 5.07 20.47
C ALA P 12 -49.55 3.71 20.99
N THR P 13 -48.35 3.30 20.60
CA THR P 13 -47.79 2.04 21.06
C THR P 13 -47.38 2.27 22.51
N VAL P 14 -46.88 3.46 22.79
CA VAL P 14 -46.46 3.84 24.13
C VAL P 14 -47.70 4.13 25.01
N ALA P 15 -48.84 4.36 24.36
CA ALA P 15 -50.09 4.64 25.06
C ALA P 15 -50.69 3.34 25.54
N MET P 16 -50.74 2.35 24.66
CA MET P 16 -51.29 1.05 24.99
C MET P 16 -50.28 0.15 25.71
N MET P 17 -49.05 0.62 25.86
CA MET P 17 -48.05 -0.15 26.58
C MET P 17 -47.98 0.38 28.01
N ILE P 18 -47.64 1.66 28.15
CA ILE P 18 -47.56 2.28 29.47
C ILE P 18 -48.96 2.35 30.09
N GLY P 19 -49.97 2.49 29.25
CA GLY P 19 -51.34 2.57 29.72
C GLY P 19 -51.85 1.23 30.21
N VAL P 20 -51.46 0.15 29.52
CA VAL P 20 -51.88 -1.20 29.90
C VAL P 20 -50.93 -1.80 30.94
N THR P 21 -49.67 -1.38 30.93
CA THR P 21 -48.69 -1.88 31.89
C THR P 21 -49.02 -1.33 33.28
N VAL P 22 -49.43 -0.06 33.33
CA VAL P 22 -49.79 0.57 34.59
C VAL P 22 -51.18 0.10 35.02
N ALA P 23 -52.01 -0.29 34.06
CA ALA P 23 -53.36 -0.75 34.33
C ALA P 23 -53.40 -2.22 34.72
N VAL P 24 -52.39 -2.98 34.33
CA VAL P 24 -52.32 -4.40 34.66
C VAL P 24 -51.43 -4.65 35.87
N LEU P 25 -50.28 -3.97 35.93
CA LEU P 25 -49.38 -4.12 37.06
C LEU P 25 -50.02 -3.60 38.33
N CYS P 26 -50.74 -2.48 38.21
CA CYS P 26 -51.41 -1.90 39.37
C CYS P 26 -52.65 -2.70 39.72
N ALA P 27 -53.26 -3.33 38.73
CA ALA P 27 -54.45 -4.15 38.94
C ALA P 27 -54.04 -5.48 39.55
N CYS P 28 -52.85 -5.94 39.18
CA CYS P 28 -52.31 -7.19 39.70
C CYS P 28 -51.82 -6.97 41.13
N LEU P 29 -51.14 -5.85 41.36
CA LEU P 29 -50.65 -5.51 42.69
C LEU P 29 -51.81 -5.21 43.63
N ALA P 30 -52.90 -4.68 43.07
CA ALA P 30 -54.10 -4.37 43.85
C ALA P 30 -54.83 -5.66 44.21
N ARG P 31 -54.73 -6.65 43.33
CA ARG P 31 -55.37 -7.95 43.55
C ARG P 31 -54.46 -8.88 44.36
N ARG P 32 -53.15 -8.62 44.32
CA ARG P 32 -52.20 -9.43 45.07
C ARG P 32 -52.01 -8.91 46.50
N GLU P 33 -51.94 -7.59 46.66
CA GLU P 33 -51.78 -7.01 48.00
C GLU P 33 -53.13 -6.92 48.72
N CYS P 34 -54.13 -7.61 48.18
CA CYS P 34 -55.47 -7.64 48.75
C CYS P 34 -55.93 -9.06 49.01
N LEU P 35 -55.59 -9.97 48.10
CA LEU P 35 -55.96 -11.38 48.24
C LEU P 35 -55.08 -12.08 49.28
N THR P 36 -53.87 -11.57 49.47
CA THR P 36 -52.93 -12.10 50.43
C THR P 36 -53.30 -11.69 51.88
N ARG Q 1 29.78 -58.94 56.18
CA ARG Q 1 29.49 -59.06 54.74
C ARG Q 1 28.99 -57.73 54.23
N LEU Q 2 28.92 -56.76 55.14
CA LEU Q 2 28.46 -55.42 54.84
C LEU Q 2 29.57 -54.58 55.39
N PHE Q 3 29.95 -53.57 54.61
CA PHE Q 3 31.02 -52.66 54.93
C PHE Q 3 30.57 -51.24 54.74
N ASP Q 4 31.09 -50.35 55.58
CA ASP Q 4 30.77 -48.93 55.51
C ASP Q 4 31.45 -48.23 54.33
N VAL Q 5 30.77 -47.25 53.77
CA VAL Q 5 31.35 -46.42 52.74
C VAL Q 5 31.39 -45.07 53.47
N LYS Q 6 32.60 -44.53 53.64
CA LYS Q 6 32.79 -43.27 54.35
C LYS Q 6 33.12 -42.06 53.48
N ASN Q 7 32.68 -40.89 53.93
CA ASN Q 7 32.97 -39.67 53.19
C ASN Q 7 34.36 -39.20 53.62
N GLU Q 8 34.84 -38.05 53.14
CA GLU Q 8 36.17 -37.59 53.53
C GLU Q 8 36.25 -37.26 55.01
N ASP Q 9 35.09 -36.99 55.60
CA ASP Q 9 35.02 -36.65 57.01
C ASP Q 9 34.87 -37.90 57.87
N GLY Q 10 34.95 -39.06 57.24
CA GLY Q 10 34.82 -40.30 57.97
C GLY Q 10 33.41 -40.78 58.27
N ASP Q 11 32.43 -39.95 57.97
CA ASP Q 11 31.04 -40.32 58.23
C ASP Q 11 30.51 -41.37 57.25
N VAL Q 12 29.65 -42.27 57.74
CA VAL Q 12 29.06 -43.34 56.94
C VAL Q 12 27.93 -42.80 56.07
N ILE Q 13 28.15 -42.83 54.76
CA ILE Q 13 27.18 -42.34 53.79
C ILE Q 13 26.54 -43.46 52.95
N GLY Q 14 26.85 -44.70 53.28
CA GLY Q 14 26.33 -45.82 52.52
C GLY Q 14 27.03 -47.11 52.87
N HIS Q 15 26.67 -48.19 52.16
CA HIS Q 15 27.22 -49.53 52.42
C HIS Q 15 27.52 -50.32 51.15
N ALA Q 16 28.49 -51.23 51.30
CA ALA Q 16 28.95 -52.12 50.27
C ALA Q 16 28.60 -53.50 50.82
N LEU Q 17 28.37 -54.44 49.93
CA LEU Q 17 27.92 -55.78 50.31
C LEU Q 17 28.68 -56.87 49.58
N ALA Q 18 29.02 -57.93 50.30
CA ALA Q 18 29.73 -59.08 49.74
C ALA Q 18 28.61 -60.05 49.46
N MET Q 19 28.34 -60.30 48.19
CA MET Q 19 27.26 -61.20 47.83
C MET Q 19 27.54 -61.83 46.48
N GLU Q 20 27.22 -63.11 46.35
CA GLU Q 20 27.42 -63.86 45.10
C GLU Q 20 28.77 -63.66 44.39
N GLY Q 21 29.87 -63.71 45.14
CA GLY Q 21 31.17 -63.58 44.54
C GLY Q 21 31.71 -62.19 44.34
N LYS Q 22 30.92 -61.17 44.65
CA LYS Q 22 31.43 -59.82 44.48
C LYS Q 22 31.04 -58.80 45.53
N VAL Q 23 31.79 -57.70 45.53
CA VAL Q 23 31.53 -56.58 46.40
C VAL Q 23 30.65 -55.68 45.52
N MET Q 24 29.60 -55.11 46.08
CA MET Q 24 28.77 -54.24 45.28
C MET Q 24 28.26 -53.13 46.17
N LYS Q 25 28.12 -51.94 45.58
CA LYS Q 25 27.63 -50.78 46.29
C LYS Q 25 26.87 -49.91 45.31
N PRO Q 26 25.96 -49.07 45.83
CA PRO Q 26 25.19 -48.19 44.95
C PRO Q 26 26.17 -47.16 44.40
N LEU Q 27 26.08 -46.85 43.12
CA LEU Q 27 27.01 -45.90 42.51
C LEU Q 27 26.87 -44.46 43.04
N HIS Q 28 25.66 -44.07 43.40
CA HIS Q 28 25.46 -42.72 43.88
C HIS Q 28 26.12 -42.43 45.23
N VAL Q 29 26.53 -43.49 45.92
CA VAL Q 29 27.21 -43.35 47.21
C VAL Q 29 28.70 -43.10 46.91
N LYS Q 30 29.10 -41.83 46.90
CA LYS Q 30 30.48 -41.45 46.59
C LYS Q 30 31.39 -41.37 47.81
N GLY Q 31 32.10 -42.46 48.10
CA GLY Q 31 32.99 -42.50 49.24
C GLY Q 31 33.96 -43.67 49.20
N THR Q 32 34.61 -43.97 50.32
CA THR Q 32 35.58 -45.04 50.39
C THR Q 32 35.08 -46.18 51.22
N ILE Q 33 35.27 -47.39 50.71
CA ILE Q 33 34.86 -48.59 51.43
C ILE Q 33 35.82 -48.79 52.62
N ASP Q 34 35.24 -48.82 53.81
CA ASP Q 34 35.99 -48.99 55.06
C ASP Q 34 36.59 -50.40 55.17
N HIS Q 35 37.57 -50.68 54.33
CA HIS Q 35 38.24 -51.98 54.34
C HIS Q 35 39.57 -51.89 53.58
N PRO Q 36 40.66 -52.40 54.19
CA PRO Q 36 41.98 -52.36 53.54
C PRO Q 36 42.07 -52.99 52.14
N VAL Q 37 41.39 -54.11 51.93
CA VAL Q 37 41.44 -54.77 50.62
C VAL Q 37 40.45 -54.19 49.62
N LEU Q 38 39.16 -54.21 49.99
CA LEU Q 38 38.08 -53.73 49.11
C LEU Q 38 38.24 -52.30 48.64
N SER Q 39 38.94 -51.48 49.41
CA SER Q 39 39.15 -50.10 48.98
C SER Q 39 40.16 -50.00 47.81
N LYS Q 40 40.96 -51.04 47.60
CA LYS Q 40 41.97 -51.03 46.57
C LYS Q 40 41.54 -51.75 45.27
N LEU Q 41 40.28 -52.14 45.19
CA LEU Q 41 39.76 -52.84 44.00
C LEU Q 41 39.24 -51.81 43.02
N LYS Q 42 39.31 -52.12 41.73
CA LYS Q 42 38.79 -51.19 40.71
C LYS Q 42 37.37 -51.68 40.38
N PHE Q 43 36.41 -50.80 40.53
CA PHE Q 43 35.02 -51.14 40.30
C PHE Q 43 34.54 -50.91 38.87
N THR Q 44 33.58 -51.72 38.47
CA THR Q 44 32.95 -51.67 37.17
C THR Q 44 31.53 -51.19 37.41
N LYS Q 45 31.19 -50.07 36.77
CA LYS Q 45 29.86 -49.47 36.89
C LYS Q 45 28.75 -50.22 36.15
N SER Q 46 27.58 -50.23 36.75
CA SER Q 46 26.40 -50.86 36.17
C SER Q 46 25.34 -49.77 36.36
N SER Q 47 25.67 -48.63 35.76
CA SER Q 47 24.91 -47.38 35.78
C SER Q 47 23.40 -47.44 35.66
N ALA Q 48 22.88 -48.27 34.76
CA ALA Q 48 21.43 -48.38 34.56
C ALA Q 48 20.75 -48.85 35.85
N TYR Q 49 21.55 -49.48 36.73
CA TYR Q 49 21.05 -50.01 37.99
C TYR Q 49 21.57 -49.30 39.22
N ASP Q 50 22.26 -48.18 39.01
CA ASP Q 50 22.85 -47.41 40.10
C ASP Q 50 23.74 -48.29 40.98
N MET Q 51 24.43 -49.24 40.38
CA MET Q 51 25.32 -50.13 41.11
C MET Q 51 26.73 -50.05 40.56
N GLU Q 52 27.68 -50.51 41.37
CA GLU Q 52 29.10 -50.56 41.07
C GLU Q 52 29.61 -51.85 41.71
N PHE Q 53 30.39 -52.66 40.99
CA PHE Q 53 30.86 -53.95 41.54
C PHE Q 53 32.33 -54.32 41.28
N ALA Q 54 32.82 -55.26 42.07
CA ALA Q 54 34.18 -55.77 41.95
C ALA Q 54 34.18 -57.21 42.46
N GLN Q 55 35.09 -58.03 41.94
CA GLN Q 55 35.17 -59.42 42.37
C GLN Q 55 35.73 -59.47 43.76
N LEU Q 56 35.14 -60.32 44.59
CA LEU Q 56 35.59 -60.47 45.98
C LEU Q 56 36.90 -61.24 46.05
N PRO Q 57 37.80 -60.82 46.95
CA PRO Q 57 39.06 -61.56 47.06
C PRO Q 57 38.71 -63.03 47.44
N VAL Q 58 39.60 -63.97 47.17
CA VAL Q 58 39.33 -65.38 47.47
C VAL Q 58 38.84 -65.67 48.90
N ASN Q 59 39.45 -65.03 49.90
CA ASN Q 59 39.06 -65.25 51.29
C ASN Q 59 37.63 -64.81 51.67
N MET Q 60 37.10 -63.82 50.96
CA MET Q 60 35.76 -63.33 51.26
C MET Q 60 34.63 -64.04 50.53
N ARG Q 61 34.98 -64.80 49.50
CA ARG Q 61 33.99 -65.51 48.71
C ARG Q 61 33.25 -66.58 49.49
N SER Q 62 33.88 -67.04 50.57
CA SER Q 62 33.33 -68.10 51.40
C SER Q 62 31.96 -67.80 52.00
N GLU Q 63 31.90 -66.85 52.92
CA GLU Q 63 30.63 -66.53 53.55
C GLU Q 63 29.89 -65.33 52.98
N ALA Q 64 30.09 -65.05 51.70
CA ALA Q 64 29.41 -63.92 51.07
C ALA Q 64 27.89 -64.22 51.12
N PHE Q 65 27.06 -63.19 51.05
CA PHE Q 65 25.61 -63.38 51.10
C PHE Q 65 25.12 -64.16 49.90
N THR Q 66 24.05 -64.92 50.11
CA THR Q 66 23.41 -65.68 49.04
C THR Q 66 22.17 -64.87 48.60
N TYR Q 67 21.96 -64.74 47.29
CA TYR Q 67 20.81 -64.01 46.80
C TYR Q 67 19.72 -64.96 46.28
N THR Q 68 18.45 -64.60 46.49
CA THR Q 68 17.33 -65.39 45.97
C THR Q 68 16.30 -64.46 45.32
N SER Q 69 15.85 -64.86 44.13
CA SER Q 69 14.84 -64.13 43.38
C SER Q 69 13.46 -64.56 43.84
N GLU Q 70 13.39 -65.64 44.60
CA GLU Q 70 12.11 -66.12 45.10
C GLU Q 70 11.83 -65.40 46.41
N HIS Q 71 10.88 -64.49 46.37
CA HIS Q 71 10.49 -63.71 47.53
C HIS Q 71 9.04 -63.26 47.42
N PRO Q 72 8.10 -64.17 47.73
CA PRO Q 72 6.65 -63.91 47.69
C PRO Q 72 6.21 -62.83 48.66
N GLU Q 73 4.98 -62.35 48.48
CA GLU Q 73 4.44 -61.30 49.32
C GLU Q 73 4.52 -61.69 50.78
N GLY Q 74 4.79 -60.72 51.62
CA GLY Q 74 4.90 -60.99 53.03
C GLY Q 74 5.83 -60.02 53.73
N PHE Q 75 6.38 -60.46 54.83
CA PHE Q 75 7.25 -59.65 55.64
C PHE Q 75 8.70 -60.10 55.63
N TYR Q 76 9.55 -59.13 55.34
CA TYR Q 76 10.98 -59.32 55.29
C TYR Q 76 11.59 -58.46 56.39
N ASN Q 77 12.91 -58.36 56.42
CA ASN Q 77 13.58 -57.57 57.45
C ASN Q 77 14.85 -56.94 56.91
N TRP Q 78 15.22 -55.82 57.51
CA TRP Q 78 16.46 -55.15 57.16
C TRP Q 78 16.93 -54.55 58.47
N HIS Q 79 18.04 -53.87 58.43
CA HIS Q 79 18.61 -53.31 59.62
C HIS Q 79 17.66 -52.54 60.56
N HIS Q 80 16.72 -51.78 59.99
CA HIS Q 80 15.81 -50.95 60.80
C HIS Q 80 14.43 -51.51 61.18
N GLY Q 81 14.19 -52.78 60.88
CA GLY Q 81 12.90 -53.36 61.24
C GLY Q 81 12.28 -54.22 60.17
N ALA Q 82 10.97 -54.39 60.30
CA ALA Q 82 10.18 -55.18 59.37
C ALA Q 82 10.03 -54.45 58.07
N VAL Q 83 9.96 -55.23 57.00
CA VAL Q 83 9.80 -54.68 55.66
C VAL Q 83 8.67 -55.48 55.05
N GLN Q 84 7.73 -54.79 54.44
CA GLN Q 84 6.60 -55.46 53.82
C GLN Q 84 6.82 -55.49 52.32
N TYR Q 85 6.50 -56.62 51.71
CA TYR Q 85 6.62 -56.75 50.27
C TYR Q 85 5.24 -57.13 49.77
N SER Q 86 4.62 -56.25 48.98
CA SER Q 86 3.29 -56.49 48.45
C SER Q 86 3.09 -55.71 47.17
N GLY Q 87 2.33 -56.28 46.23
CA GLY Q 87 2.08 -55.61 44.96
C GLY Q 87 3.38 -55.21 44.29
N GLY Q 88 4.39 -56.08 44.39
CA GLY Q 88 5.69 -55.79 43.80
C GLY Q 88 6.50 -54.67 44.45
N ARG Q 89 6.12 -54.25 45.65
CA ARG Q 89 6.84 -53.16 46.30
C ARG Q 89 7.23 -53.47 47.75
N PHE Q 90 8.43 -53.02 48.12
CA PHE Q 90 8.95 -53.18 49.48
C PHE Q 90 8.67 -51.85 50.22
N THR Q 91 7.89 -51.89 51.29
CA THR Q 91 7.59 -50.68 52.07
C THR Q 91 7.99 -50.84 53.52
N ILE Q 92 8.34 -49.71 54.11
CA ILE Q 92 8.74 -49.64 55.52
C ILE Q 92 7.95 -48.47 56.11
N PRO Q 93 7.93 -48.36 57.46
CA PRO Q 93 7.21 -47.26 58.10
C PRO Q 93 7.88 -45.93 57.75
N ARG Q 94 7.10 -44.85 57.77
CA ARG Q 94 7.63 -43.51 57.46
C ARG Q 94 8.53 -43.04 58.59
N GLY Q 95 9.59 -42.33 58.25
CA GLY Q 95 10.52 -41.83 59.24
C GLY Q 95 11.45 -42.84 59.84
N VAL Q 96 11.70 -43.93 59.13
CA VAL Q 96 12.58 -44.99 59.62
C VAL Q 96 13.89 -45.08 58.83
N GLY Q 97 13.80 -44.99 57.50
CA GLY Q 97 15.00 -45.08 56.67
C GLY Q 97 15.46 -43.74 56.14
N GLY Q 98 16.77 -43.59 55.95
CA GLY Q 98 17.29 -42.34 55.46
C GLY Q 98 18.76 -42.36 55.07
N ARG Q 99 19.41 -41.19 55.21
CA ARG Q 99 20.81 -41.03 54.85
C ARG Q 99 21.69 -42.08 55.45
N GLY Q 100 22.50 -42.68 54.57
CA GLY Q 100 23.43 -43.71 54.98
C GLY Q 100 22.94 -45.12 54.79
N ASP Q 101 21.64 -45.27 54.58
CA ASP Q 101 21.02 -46.59 54.41
C ASP Q 101 21.12 -47.20 53.03
N SER Q 102 21.62 -46.45 52.06
CA SER Q 102 21.76 -47.02 50.72
C SER Q 102 22.89 -48.05 50.72
N GLY Q 103 22.59 -49.25 50.22
CA GLY Q 103 23.58 -50.31 50.18
C GLY Q 103 23.17 -51.47 51.08
N ARG Q 104 22.24 -51.20 52.01
CA ARG Q 104 21.75 -52.19 52.97
C ARG Q 104 20.87 -53.21 52.27
N PRO Q 105 20.98 -54.49 52.66
CA PRO Q 105 20.16 -55.56 52.06
C PRO Q 105 18.81 -55.76 52.74
N ILE Q 106 17.88 -56.34 52.01
CA ILE Q 106 16.59 -56.70 52.57
C ILE Q 106 16.76 -58.21 52.65
N MET Q 107 16.54 -58.76 53.84
CA MET Q 107 16.72 -60.18 54.11
C MET Q 107 15.43 -60.91 54.30
N ASP Q 108 15.47 -62.21 54.03
CA ASP Q 108 14.31 -63.07 54.21
C ASP Q 108 14.55 -63.91 55.50
N ASN Q 109 13.59 -64.77 55.85
CA ASN Q 109 13.70 -65.61 57.05
C ASN Q 109 14.78 -66.66 57.06
N SER Q 110 15.53 -66.81 55.97
CA SER Q 110 16.60 -67.81 55.95
C SER Q 110 17.99 -67.20 55.84
N GLY Q 111 18.11 -65.88 56.02
CA GLY Q 111 19.41 -65.26 55.93
C GLY Q 111 19.92 -64.99 54.51
N ARG Q 112 19.01 -65.06 53.54
CA ARG Q 112 19.31 -64.79 52.13
C ARG Q 112 18.91 -63.37 51.80
N VAL Q 113 19.60 -62.78 50.81
CA VAL Q 113 19.32 -61.41 50.36
C VAL Q 113 18.27 -61.41 49.24
N VAL Q 114 17.27 -60.56 49.44
CA VAL Q 114 16.11 -60.43 48.55
C VAL Q 114 16.12 -59.13 47.71
N ALA Q 115 16.90 -58.15 48.14
CA ALA Q 115 16.95 -56.89 47.45
C ALA Q 115 17.99 -56.00 48.10
N ILE Q 116 18.38 -54.96 47.37
CA ILE Q 116 19.33 -53.97 47.84
C ILE Q 116 18.62 -52.60 47.78
N VAL Q 117 18.60 -51.91 48.92
CA VAL Q 117 18.01 -50.57 49.07
C VAL Q 117 18.90 -49.46 48.46
N LEU Q 118 18.30 -48.65 47.59
CA LEU Q 118 19.00 -47.55 46.94
C LEU Q 118 18.55 -46.23 47.54
N GLY Q 119 17.30 -46.23 48.00
CA GLY Q 119 16.70 -45.05 48.61
C GLY Q 119 15.23 -45.32 48.83
N GLY Q 120 14.44 -44.25 48.98
CA GLY Q 120 13.03 -44.44 49.23
C GLY Q 120 12.16 -43.26 48.87
N ALA Q 121 10.87 -43.50 48.83
CA ALA Q 121 9.88 -42.49 48.51
C ALA Q 121 8.86 -42.40 49.64
N ASP Q 122 9.00 -41.31 50.39
CA ASP Q 122 8.10 -40.98 51.48
C ASP Q 122 6.72 -40.73 50.83
N GLU Q 123 5.78 -41.64 51.07
CA GLU Q 123 4.44 -41.53 50.52
C GLU Q 123 3.46 -41.14 51.64
N GLY Q 124 3.92 -40.24 52.51
CA GLY Q 124 3.09 -39.79 53.61
C GLY Q 124 2.87 -40.84 54.69
N THR Q 125 2.13 -41.89 54.37
CA THR Q 125 1.83 -42.92 55.36
C THR Q 125 2.93 -43.98 55.51
N ARG Q 126 3.49 -44.42 54.38
CA ARG Q 126 4.55 -45.41 54.36
C ARG Q 126 5.62 -44.92 53.44
N THR Q 127 6.79 -45.55 53.52
CA THR Q 127 7.92 -45.21 52.68
C THR Q 127 8.19 -46.38 51.69
N ALA Q 128 8.04 -46.10 50.40
CA ALA Q 128 8.26 -47.10 49.36
C ALA Q 128 9.74 -47.11 48.99
N LEU Q 129 10.35 -48.28 48.89
CA LEU Q 129 11.78 -48.34 48.61
C LEU Q 129 12.16 -48.50 47.15
N SER Q 130 13.28 -47.89 46.78
CA SER Q 130 13.87 -48.01 45.46
C SER Q 130 14.87 -49.15 45.71
N VAL Q 131 14.76 -50.24 44.96
CA VAL Q 131 15.59 -51.41 45.18
C VAL Q 131 16.20 -52.06 43.95
N VAL Q 132 17.29 -52.78 44.16
CA VAL Q 132 17.92 -53.53 43.08
C VAL Q 132 17.63 -54.97 43.41
N THR Q 133 17.12 -55.72 42.43
CA THR Q 133 16.82 -57.13 42.59
C THR Q 133 17.33 -57.82 41.32
N TRP Q 134 17.16 -59.13 41.29
CA TRP Q 134 17.55 -59.98 40.16
C TRP Q 134 16.42 -60.98 39.92
N ASN Q 135 16.16 -61.32 38.67
CA ASN Q 135 15.10 -62.32 38.41
C ASN Q 135 15.65 -63.75 38.40
N SER Q 136 14.81 -64.72 38.05
CA SER Q 136 15.24 -66.12 38.05
C SER Q 136 16.48 -66.40 37.20
N LYS Q 137 16.57 -65.70 36.08
CA LYS Q 137 17.70 -65.88 35.17
C LYS Q 137 18.93 -65.10 35.63
N GLY Q 138 18.80 -64.34 36.71
CA GLY Q 138 19.92 -63.58 37.23
C GLY Q 138 20.09 -62.23 36.58
N LYS Q 139 19.04 -61.76 35.92
CA LYS Q 139 19.06 -60.44 35.27
C LYS Q 139 18.78 -59.32 36.29
N THR Q 140 19.59 -58.25 36.21
CA THR Q 140 19.45 -57.12 37.11
C THR Q 140 18.17 -56.32 36.81
N ILE Q 141 17.51 -55.88 37.88
CA ILE Q 141 16.29 -55.09 37.80
C ILE Q 141 16.44 -53.95 38.81
N LYS Q 142 15.96 -52.77 38.46
CA LYS Q 142 15.98 -51.63 39.36
C LYS Q 142 14.57 -51.06 39.39
N THR Q 143 13.94 -51.10 40.55
CA THR Q 143 12.58 -50.58 40.70
C THR Q 143 12.62 -49.31 41.50
N THR Q 144 12.05 -48.24 40.94
CA THR Q 144 12.04 -46.95 41.62
C THR Q 144 10.67 -46.29 41.70
N PRO Q 145 10.15 -46.08 42.91
CA PRO Q 145 8.84 -45.44 43.09
C PRO Q 145 8.97 -43.94 42.79
N GLU Q 146 7.88 -43.29 42.36
CA GLU Q 146 7.93 -41.85 42.11
C GLU Q 146 8.13 -41.16 43.46
N GLY Q 147 8.94 -40.12 43.50
CA GLY Q 147 9.15 -39.43 44.75
C GLY Q 147 10.36 -39.98 45.47
N THR Q 148 11.06 -40.90 44.81
CA THR Q 148 12.24 -41.50 45.41
C THR Q 148 13.38 -40.53 45.56
N GLU Q 149 13.99 -40.58 46.73
CA GLU Q 149 15.13 -39.76 47.06
C GLU Q 149 16.26 -40.77 47.34
N GLU Q 150 17.35 -40.67 46.59
CA GLU Q 150 18.48 -41.57 46.77
C GLU Q 150 19.21 -41.19 48.04
N TRP Q 151 19.00 -41.98 49.09
CA TRP Q 151 19.60 -41.72 50.40
C TRP Q 151 21.10 -41.45 50.37
N ARG R 1 -5.14 -10.01 71.63
CA ARG R 1 -4.35 -8.84 71.18
C ARG R 1 -3.38 -9.29 70.11
N LEU R 2 -3.45 -10.57 69.79
CA LEU R 2 -2.60 -11.18 68.78
C LEU R 2 -3.60 -11.87 67.90
N PHE R 3 -3.39 -11.74 66.60
CA PHE R 3 -4.25 -12.29 65.59
C PHE R 3 -3.44 -13.04 64.57
N ASP R 4 -4.02 -14.11 64.03
CA ASP R 4 -3.37 -14.92 63.01
C ASP R 4 -3.35 -14.24 61.64
N VAL R 5 -2.28 -14.48 60.89
CA VAL R 5 -2.21 -14.01 59.54
C VAL R 5 -2.21 -15.34 58.78
N LYS R 6 -3.21 -15.55 57.93
CA LYS R 6 -3.36 -16.80 57.18
C LYS R 6 -3.02 -16.71 55.69
N ASN R 7 -2.53 -17.81 55.16
CA ASN R 7 -2.21 -17.86 53.73
C ASN R 7 -3.51 -18.19 52.98
N GLU R 8 -3.46 -18.35 51.67
CA GLU R 8 -4.70 -18.66 50.93
C GLU R 8 -5.26 -20.02 51.32
N ASP R 9 -4.40 -20.87 51.84
CA ASP R 9 -4.81 -22.21 52.24
C ASP R 9 -5.30 -22.23 53.69
N GLY R 10 -5.40 -21.04 54.29
CA GLY R 10 -5.87 -20.95 55.65
C GLY R 10 -4.84 -21.21 56.73
N ASP R 11 -3.65 -21.63 56.36
CA ASP R 11 -2.61 -21.91 57.33
C ASP R 11 -2.00 -20.64 57.94
N VAL R 12 -1.65 -20.69 59.22
CA VAL R 12 -1.07 -19.56 59.94
C VAL R 12 0.40 -19.39 59.59
N ILE R 13 0.71 -18.29 58.93
CA ILE R 13 2.07 -17.99 58.49
C ILE R 13 2.69 -16.80 59.25
N GLY R 14 2.00 -16.30 60.28
CA GLY R 14 2.49 -15.16 61.02
C GLY R 14 1.42 -14.57 61.91
N HIS R 15 1.76 -13.47 62.59
CA HIS R 15 0.85 -12.81 63.53
C HIS R 15 0.89 -11.29 63.46
N ALA R 16 -0.24 -10.70 63.85
CA ALA R 16 -0.46 -9.27 63.89
C ALA R 16 -0.71 -9.02 65.38
N LEU R 17 -0.38 -7.81 65.82
CA LEU R 17 -0.44 -7.45 67.23
C LEU R 17 -1.09 -6.10 67.44
N ALA R 18 -1.94 -6.01 68.48
CA ALA R 18 -2.62 -4.77 68.83
C ALA R 18 -1.75 -4.22 69.93
N MET R 19 -1.07 -3.12 69.66
CA MET R 19 -0.18 -2.54 70.66
C MET R 19 -0.06 -1.04 70.42
N GLU R 20 -0.04 -0.28 71.50
CA GLU R 20 0.10 1.18 71.44
C GLU R 20 -0.77 1.91 70.41
N GLY R 21 -2.06 1.55 70.34
CA GLY R 21 -2.95 2.22 69.43
C GLY R 21 -3.02 1.70 68.02
N LYS R 22 -2.20 0.71 67.68
CA LYS R 22 -2.26 0.19 66.34
C LYS R 22 -2.09 -1.30 66.16
N VAL R 23 -2.48 -1.77 64.98
CA VAL R 23 -2.32 -3.16 64.59
C VAL R 23 -0.99 -3.12 63.85
N MET R 24 -0.13 -4.11 64.08
CA MET R 24 1.12 -4.12 63.38
C MET R 24 1.50 -5.56 63.11
N LYS R 25 2.14 -5.79 61.97
CA LYS R 25 2.56 -7.11 61.57
C LYS R 25 3.85 -6.97 60.75
N PRO R 26 4.65 -8.04 60.70
CA PRO R 26 5.89 -7.99 59.92
C PRO R 26 5.47 -7.93 58.44
N LEU R 27 6.12 -7.10 57.65
CA LEU R 27 5.76 -6.96 56.25
C LEU R 27 6.02 -8.23 55.41
N HIS R 28 7.05 -8.98 55.77
CA HIS R 28 7.36 -10.17 55.00
C HIS R 28 6.32 -11.27 55.11
N VAL R 29 5.43 -11.15 56.08
CA VAL R 29 4.36 -12.12 56.29
C VAL R 29 3.22 -11.73 55.34
N LYS R 30 3.16 -12.37 54.17
CA LYS R 30 2.15 -12.04 53.17
C LYS R 30 0.88 -12.89 53.28
N GLY R 31 -0.11 -12.37 53.98
CA GLY R 31 -1.37 -13.09 54.17
C GLY R 31 -2.49 -12.20 54.68
N THR R 32 -3.58 -12.81 55.15
CA THR R 32 -4.74 -12.06 55.63
C THR R 32 -4.87 -12.18 57.12
N ILE R 33 -5.14 -11.05 57.76
CA ILE R 33 -5.34 -11.03 59.21
C ILE R 33 -6.70 -11.68 59.51
N ASP R 34 -6.66 -12.73 60.31
CA ASP R 34 -7.84 -13.48 60.71
C ASP R 34 -8.77 -12.67 61.63
N HIS R 35 -9.38 -11.64 61.06
CA HIS R 35 -10.29 -10.78 61.82
C HIS R 35 -11.15 -9.96 60.86
N PRO R 36 -12.48 -9.93 61.08
CA PRO R 36 -13.40 -9.18 60.22
C PRO R 36 -13.08 -7.69 60.05
N VAL R 37 -12.66 -7.01 61.11
CA VAL R 37 -12.35 -5.58 61.01
C VAL R 37 -10.94 -5.31 60.51
N LEU R 38 -9.95 -5.84 61.22
CA LEU R 38 -8.53 -5.63 60.90
C LEU R 38 -8.15 -6.03 59.48
N SER R 39 -8.87 -6.97 58.89
CA SER R 39 -8.56 -7.36 57.52
C SER R 39 -8.98 -6.28 56.49
N LYS R 40 -9.87 -5.38 56.89
CA LYS R 40 -10.35 -4.33 56.01
C LYS R 40 -9.64 -2.99 56.15
N LEU R 41 -8.58 -2.94 56.94
CA LEU R 41 -7.83 -1.70 57.17
C LEU R 41 -6.73 -1.61 56.13
N LYS R 42 -6.37 -0.38 55.75
CA LYS R 42 -5.28 -0.20 54.78
C LYS R 42 -4.02 0.07 55.58
N PHE R 43 -3.00 -0.75 55.36
CA PHE R 43 -1.76 -0.64 56.10
C PHE R 43 -0.72 0.27 55.46
N THR R 44 0.09 0.86 56.31
CA THR R 44 1.17 1.75 55.93
C THR R 44 2.47 1.01 56.24
N LYS R 45 3.28 0.81 55.22
CA LYS R 45 4.57 0.12 55.33
C LYS R 45 5.66 0.91 56.05
N SER R 46 6.46 0.20 56.83
CA SER R 46 7.59 0.80 57.54
C SER R 46 8.70 -0.18 57.19
N SER R 47 8.93 -0.28 55.88
CA SER R 47 9.89 -1.16 55.22
C SER R 47 11.28 -1.32 55.83
N ALA R 48 11.88 -0.23 56.29
CA ALA R 48 13.22 -0.31 56.89
C ALA R 48 13.21 -1.20 58.13
N TYR R 49 12.02 -1.40 58.69
CA TYR R 49 11.84 -2.20 59.89
C TYR R 49 11.07 -3.48 59.67
N ASP R 50 10.80 -3.82 58.41
CA ASP R 50 10.03 -5.01 58.05
C ASP R 50 8.69 -5.04 58.78
N MET R 51 8.09 -3.88 58.96
CA MET R 51 6.79 -3.79 59.64
C MET R 51 5.78 -3.11 58.75
N GLU R 52 4.51 -3.31 59.10
CA GLU R 52 3.34 -2.77 58.41
C GLU R 52 2.33 -2.45 59.52
N PHE R 53 1.73 -1.26 59.51
CA PHE R 53 0.78 -0.88 60.59
C PHE R 53 -0.50 -0.16 60.16
N ALA R 54 -1.47 -0.17 61.06
CA ALA R 54 -2.76 0.48 60.84
C ALA R 54 -3.29 0.89 62.21
N GLN R 55 -4.11 1.95 62.25
CA GLN R 55 -4.67 2.41 63.51
C GLN R 55 -5.72 1.43 63.96
N LEU R 56 -5.73 1.13 65.25
CA LEU R 56 -6.71 0.20 65.81
C LEU R 56 -8.09 0.82 65.91
N PRO R 57 -9.13 0.05 65.63
CA PRO R 57 -10.48 0.63 65.75
C PRO R 57 -10.66 1.07 67.21
N VAL R 58 -11.57 2.00 67.48
CA VAL R 58 -11.78 2.51 68.84
C VAL R 58 -11.97 1.43 69.91
N ASN R 59 -12.76 0.39 69.62
CA ASN R 59 -13.00 -0.68 70.59
C ASN R 59 -11.77 -1.53 71.00
N MET R 60 -10.79 -1.61 70.11
CA MET R 60 -9.59 -2.38 70.41
C MET R 60 -8.47 -1.63 71.10
N ARG R 61 -8.57 -0.31 71.10
CA ARG R 61 -7.54 0.53 71.70
C ARG R 61 -7.44 0.36 73.20
N SER R 62 -8.54 -0.12 73.79
CA SER R 62 -8.63 -0.31 75.23
C SER R 62 -7.56 -1.21 75.83
N GLU R 63 -7.64 -2.50 75.54
CA GLU R 63 -6.69 -3.44 76.09
C GLU R 63 -5.51 -3.81 75.18
N ALA R 64 -5.12 -2.91 74.29
CA ALA R 64 -4.01 -3.17 73.39
C ALA R 64 -2.75 -3.34 74.27
N PHE R 65 -1.74 -4.04 73.77
CA PHE R 65 -0.51 -4.25 74.54
C PHE R 65 0.20 -2.95 74.82
N THR R 66 0.90 -2.90 75.95
CA THR R 66 1.70 -1.74 76.33
C THR R 66 3.16 -2.09 76.00
N TYR R 67 3.89 -1.17 75.38
CA TYR R 67 5.29 -1.40 75.06
C TYR R 67 6.23 -0.67 76.03
N THR R 68 7.36 -1.29 76.35
CA THR R 68 8.37 -0.65 77.20
C THR R 68 9.76 -0.85 76.60
N SER R 69 10.53 0.23 76.56
CA SER R 69 11.90 0.22 76.05
C SER R 69 12.84 -0.18 77.17
N GLU R 70 12.34 -0.20 78.40
CA GLU R 70 13.18 -0.59 79.52
C GLU R 70 13.08 -2.10 79.67
N HIS R 71 14.17 -2.77 79.31
CA HIS R 71 14.25 -4.22 79.39
C HIS R 71 15.69 -4.67 79.58
N PRO R 72 16.19 -4.59 80.83
CA PRO R 72 17.55 -4.99 81.20
C PRO R 72 17.84 -6.47 80.97
N GLU R 73 19.11 -6.83 81.01
CA GLU R 73 19.51 -8.21 80.79
C GLU R 73 18.79 -9.13 81.73
N GLY R 74 18.45 -10.31 81.22
CA GLY R 74 17.73 -11.27 82.03
C GLY R 74 16.88 -12.18 81.20
N PHE R 75 15.84 -12.72 81.84
CA PHE R 75 14.95 -13.65 81.19
C PHE R 75 13.57 -13.10 80.95
N TYR R 76 13.14 -13.25 79.72
CA TYR R 76 11.85 -12.81 79.26
C TYR R 76 11.07 -14.06 78.82
N ASN R 77 9.91 -13.87 78.21
CA ASN R 77 9.11 -15.00 77.79
C ASN R 77 8.34 -14.69 76.51
N TRP R 78 8.04 -15.72 75.76
CA TRP R 78 7.24 -15.57 74.55
C TRP R 78 6.46 -16.86 74.49
N HIS R 79 5.64 -16.99 73.48
CA HIS R 79 4.82 -18.16 73.33
C HIS R 79 5.48 -19.54 73.54
N HIS R 80 6.71 -19.70 73.08
CA HIS R 80 7.41 -20.99 73.16
C HIS R 80 8.35 -21.25 74.34
N GLY R 81 8.38 -20.35 75.31
CA GLY R 81 9.24 -20.56 76.46
C GLY R 81 10.01 -19.33 76.90
N ALA R 82 11.09 -19.61 77.63
CA ALA R 82 11.96 -18.58 78.17
C ALA R 82 12.77 -17.98 77.06
N VAL R 83 13.07 -16.69 77.20
CA VAL R 83 13.85 -15.96 76.23
C VAL R 83 14.91 -15.24 77.06
N GLN R 84 16.16 -15.33 76.62
CA GLN R 84 17.24 -14.67 77.33
C GLN R 84 17.62 -13.42 76.58
N TYR R 85 17.87 -12.35 77.32
CA TYR R 85 18.29 -11.10 76.74
C TYR R 85 19.64 -10.75 77.36
N SER R 86 20.69 -10.75 76.56
CA SER R 86 22.03 -10.46 77.07
C SER R 86 22.89 -9.90 75.94
N GLY R 87 23.79 -8.98 76.27
CA GLY R 87 24.67 -8.39 75.27
C GLY R 87 23.87 -7.83 74.12
N GLY R 88 22.73 -7.22 74.43
CA GLY R 88 21.87 -6.64 73.40
C GLY R 88 21.16 -7.65 72.49
N ARG R 89 21.13 -8.92 72.85
CA ARG R 89 20.49 -9.91 72.00
C ARG R 89 19.52 -10.81 72.74
N PHE R 90 18.41 -11.14 72.07
CA PHE R 90 17.39 -12.03 72.60
C PHE R 90 17.66 -13.42 71.98
N THR R 91 17.92 -14.41 72.83
CA THR R 91 18.18 -15.78 72.36
C THR R 91 17.21 -16.77 72.96
N ILE R 92 16.95 -17.82 72.21
CA ILE R 92 16.06 -18.90 72.62
C ILE R 92 16.82 -20.20 72.29
N PRO R 93 16.33 -21.34 72.83
CA PRO R 93 16.98 -22.62 72.55
C PRO R 93 16.84 -22.95 71.06
N ARG R 94 17.79 -23.75 70.53
CA ARG R 94 17.77 -24.14 69.12
C ARG R 94 16.63 -25.13 68.90
N GLY R 95 15.99 -25.06 67.74
CA GLY R 95 14.90 -25.95 67.42
C GLY R 95 13.59 -25.67 68.11
N VAL R 96 13.38 -24.43 68.54
CA VAL R 96 12.16 -24.06 69.25
C VAL R 96 11.29 -23.10 68.42
N GLY R 97 11.91 -22.11 67.77
CA GLY R 97 11.13 -21.16 66.98
C GLY R 97 11.25 -21.40 65.49
N GLY R 98 10.20 -21.07 64.75
CA GLY R 98 10.22 -21.27 63.31
C GLY R 98 9.06 -20.68 62.55
N ARG R 99 8.71 -21.31 61.43
CA ARG R 99 7.64 -20.84 60.56
C ARG R 99 6.36 -20.53 61.31
N GLY R 100 5.85 -19.33 61.05
CA GLY R 100 4.61 -18.90 61.66
C GLY R 100 4.79 -18.05 62.89
N ASP R 101 5.99 -18.06 63.45
CA ASP R 101 6.29 -17.30 64.66
C ASP R 101 6.60 -15.83 64.48
N SER R 102 6.70 -15.37 63.24
CA SER R 102 6.97 -13.95 63.02
C SER R 102 5.71 -13.13 63.37
N GLY R 103 5.89 -12.12 64.21
CA GLY R 103 4.79 -11.30 64.64
C GLY R 103 4.52 -11.45 66.13
N ARG R 104 5.04 -12.54 66.72
CA ARG R 104 4.87 -12.83 68.14
C ARG R 104 5.68 -11.88 68.98
N PRO R 105 5.12 -11.45 70.13
CA PRO R 105 5.83 -10.52 71.04
C PRO R 105 6.72 -11.22 72.06
N ILE R 106 7.70 -10.49 72.57
CA ILE R 106 8.54 -11.00 73.64
C ILE R 106 8.00 -10.18 74.79
N MET R 107 7.59 -10.86 75.86
CA MET R 107 6.99 -10.24 77.04
C MET R 107 7.89 -10.24 78.23
N ASP R 108 7.66 -9.27 79.12
CA ASP R 108 8.40 -9.17 80.36
C ASP R 108 7.50 -9.67 81.51
N ASN R 109 8.00 -9.66 82.74
CA ASN R 109 7.25 -10.13 83.90
C ASN R 109 6.02 -9.32 84.30
N SER R 110 5.74 -8.22 83.60
CA SER R 110 4.56 -7.43 83.95
C SER R 110 3.51 -7.41 82.84
N GLY R 111 3.65 -8.27 81.85
CA GLY R 111 2.67 -8.29 80.77
C GLY R 111 2.85 -7.22 79.71
N ARG R 112 4.02 -6.58 79.69
CA ARG R 112 4.36 -5.53 78.71
C ARG R 112 5.18 -6.16 77.60
N VAL R 113 5.09 -5.56 76.40
CA VAL R 113 5.85 -6.02 75.23
C VAL R 113 7.21 -5.34 75.15
N VAL R 114 8.23 -6.16 74.99
CA VAL R 114 9.63 -5.77 74.95
C VAL R 114 10.27 -5.82 73.54
N ALA R 115 9.64 -6.57 72.64
CA ALA R 115 10.17 -6.72 71.31
C ALA R 115 9.20 -7.53 70.48
N ILE R 116 9.38 -7.46 69.16
CA ILE R 116 8.60 -8.20 68.20
C ILE R 116 9.57 -9.07 67.38
N VAL R 117 9.32 -10.38 67.36
CA VAL R 117 10.10 -11.37 66.62
C VAL R 117 9.81 -11.33 65.09
N LEU R 118 10.87 -11.21 64.30
CA LEU R 118 10.76 -11.17 62.86
C LEU R 118 11.26 -12.49 62.27
N GLY R 119 12.18 -13.10 62.99
CA GLY R 119 12.76 -14.37 62.58
C GLY R 119 13.93 -14.70 63.50
N GLY R 120 14.82 -15.57 63.05
CA GLY R 120 15.93 -15.94 63.89
C GLY R 120 17.13 -16.50 63.15
N ALA R 121 18.24 -16.59 63.86
CA ALA R 121 19.48 -17.10 63.32
C ALA R 121 19.97 -18.26 64.18
N ASP R 122 19.82 -19.45 63.60
CA ASP R 122 20.27 -20.69 64.21
C ASP R 122 21.81 -20.58 64.28
N GLU R 123 22.33 -20.45 65.50
CA GLU R 123 23.77 -20.34 65.71
C GLU R 123 24.29 -21.63 66.32
N GLY R 124 23.76 -22.75 65.81
CA GLY R 124 24.18 -24.05 66.29
C GLY R 124 23.72 -24.37 67.71
N THR R 125 24.24 -23.67 68.70
CA THR R 125 23.87 -23.94 70.08
C THR R 125 22.59 -23.25 70.53
N ARG R 126 22.43 -21.98 70.15
CA ARG R 126 21.25 -21.19 70.49
C ARG R 126 20.76 -20.52 69.22
N THR R 127 19.55 -20.01 69.29
CA THR R 127 18.96 -19.29 68.17
C THR R 127 18.83 -17.79 68.54
N ALA R 128 19.52 -16.94 67.79
CA ALA R 128 19.49 -15.50 68.01
C ALA R 128 18.31 -14.90 67.24
N LEU R 129 17.54 -14.04 67.88
CA LEU R 129 16.36 -13.49 67.21
C LEU R 129 16.55 -12.16 66.52
N SER R 130 15.83 -11.99 65.41
CA SER R 130 15.79 -10.74 64.66
C SER R 130 14.54 -10.10 65.26
N VAL R 131 14.67 -8.91 65.82
CA VAL R 131 13.57 -8.26 66.51
C VAL R 131 13.35 -6.79 66.22
N VAL R 132 12.12 -6.32 66.43
CA VAL R 132 11.81 -4.91 66.26
C VAL R 132 11.60 -4.43 67.68
N THR R 133 12.24 -3.33 68.03
CA THR R 133 12.11 -2.71 69.34
C THR R 133 11.99 -1.21 69.11
N TRP R 134 11.84 -0.47 70.20
CA TRP R 134 11.73 0.99 70.20
C TRP R 134 12.58 1.52 71.33
N ASN R 135 13.23 2.66 71.15
CA ASN R 135 14.03 3.22 72.25
C ASN R 135 13.20 4.15 73.16
N SER R 136 13.85 4.81 74.10
CA SER R 136 13.14 5.68 75.03
C SER R 136 12.30 6.77 74.35
N LYS R 137 12.81 7.30 73.26
CA LYS R 137 12.12 8.34 72.52
C LYS R 137 11.04 7.78 71.60
N GLY R 138 10.92 6.46 71.55
CA GLY R 138 9.91 5.85 70.73
C GLY R 138 10.33 5.63 69.29
N LYS R 139 11.63 5.68 69.05
CA LYS R 139 12.17 5.46 67.71
C LYS R 139 12.29 3.96 67.40
N THR R 140 11.86 3.59 66.19
CA THR R 140 11.91 2.19 65.76
C THR R 140 13.35 1.73 65.52
N ILE R 141 13.63 0.49 65.92
CA ILE R 141 14.93 -0.14 65.77
C ILE R 141 14.67 -1.56 65.26
N LYS R 142 15.53 -2.03 64.38
CA LYS R 142 15.43 -3.39 63.87
C LYS R 142 16.80 -4.02 64.03
N THR R 143 16.91 -5.06 64.83
CA THR R 143 18.18 -5.72 65.05
C THR R 143 18.14 -7.09 64.39
N THR R 144 19.12 -7.35 63.53
CA THR R 144 19.18 -8.63 62.82
C THR R 144 20.52 -9.33 62.89
N PRO R 145 20.56 -10.53 63.51
CA PRO R 145 21.82 -11.29 63.61
C PRO R 145 22.17 -11.87 62.24
N GLU R 146 23.47 -12.12 61.97
CA GLU R 146 23.86 -12.73 60.70
C GLU R 146 23.32 -14.15 60.70
N GLY R 147 22.83 -14.61 59.55
CA GLY R 147 22.32 -15.96 59.49
C GLY R 147 20.84 -15.98 59.76
N THR R 148 20.25 -14.79 59.89
CA THR R 148 18.82 -14.71 60.16
C THR R 148 17.98 -15.14 58.99
N GLU R 149 16.97 -15.93 59.31
CA GLU R 149 16.02 -16.43 58.35
C GLU R 149 14.67 -15.87 58.80
N GLU R 150 14.02 -15.11 57.94
CA GLU R 150 12.72 -14.51 58.26
C GLU R 150 11.67 -15.60 58.24
N TRP R 151 11.27 -16.04 59.43
CA TRP R 151 10.29 -17.11 59.58
C TRP R 151 9.02 -16.95 58.73
N ARG S 1 -10.29 -44.59 51.72
CA ARG S 1 -9.92 -44.99 50.36
C ARG S 1 -11.13 -44.90 49.47
N LEU S 2 -12.24 -44.48 50.06
CA LEU S 2 -13.52 -44.33 49.37
C LEU S 2 -13.91 -42.93 49.74
N PHE S 3 -14.38 -42.20 48.74
CA PHE S 3 -14.78 -40.83 48.87
C PHE S 3 -16.14 -40.62 48.26
N ASP S 4 -16.91 -39.71 48.85
CA ASP S 4 -18.25 -39.39 48.37
C ASP S 4 -18.23 -38.55 47.09
N VAL S 5 -19.20 -38.77 46.24
CA VAL S 5 -19.38 -37.95 45.06
C VAL S 5 -20.71 -37.28 45.39
N LYS S 6 -20.70 -35.95 45.48
CA LYS S 6 -21.90 -35.18 45.84
C LYS S 6 -22.54 -34.42 44.68
N ASN S 7 -23.85 -34.27 44.75
CA ASN S 7 -24.58 -33.53 43.73
C ASN S 7 -24.49 -32.04 44.11
N GLU S 8 -25.13 -31.16 43.36
CA GLU S 8 -25.06 -29.72 43.70
C GLU S 8 -25.72 -29.42 45.03
N ASP S 9 -26.61 -30.31 45.45
CA ASP S 9 -27.33 -30.12 46.70
C ASP S 9 -26.56 -30.75 47.86
N GLY S 10 -25.36 -31.23 47.57
CA GLY S 10 -24.56 -31.85 48.62
C GLY S 10 -24.85 -33.28 48.93
N ASP S 11 -25.90 -33.85 48.35
CA ASP S 11 -26.26 -35.23 48.62
C ASP S 11 -25.32 -36.23 47.93
N VAL S 12 -25.06 -37.35 48.59
CA VAL S 12 -24.18 -38.40 48.08
C VAL S 12 -24.88 -39.24 47.02
N ILE S 13 -24.40 -39.13 45.79
CA ILE S 13 -24.98 -39.85 44.66
C ILE S 13 -24.06 -40.97 44.12
N GLY S 14 -22.95 -41.21 44.81
CA GLY S 14 -22.01 -42.22 44.35
C GLY S 14 -20.69 -42.12 45.08
N HIS S 15 -19.74 -42.95 44.69
CA HIS S 15 -18.42 -43.03 45.34
C HIS S 15 -17.26 -43.19 44.36
N ALA S 16 -16.11 -42.71 44.81
CA ALA S 16 -14.85 -42.75 44.11
C ALA S 16 -13.98 -43.63 44.99
N LEU S 17 -13.01 -44.31 44.40
CA LEU S 17 -12.18 -45.26 45.09
C LEU S 17 -10.71 -45.10 44.74
N ALA S 18 -9.85 -45.21 45.76
CA ALA S 18 -8.41 -45.11 45.58
C ALA S 18 -7.98 -46.55 45.51
N MET S 19 -7.53 -46.99 44.35
CA MET S 19 -7.13 -48.38 44.17
C MET S 19 -6.10 -48.48 43.07
N GLU S 20 -5.09 -49.33 43.29
CA GLU S 20 -4.03 -49.56 42.31
C GLU S 20 -3.41 -48.31 41.65
N GLY S 21 -3.10 -47.30 42.47
CA GLY S 21 -2.48 -46.11 41.95
C GLY S 21 -3.38 -45.03 41.40
N LYS S 22 -4.68 -45.28 41.37
CA LYS S 22 -5.57 -44.23 40.87
C LYS S 22 -6.91 -44.08 41.57
N VAL S 23 -7.52 -42.93 41.31
CA VAL S 23 -8.85 -42.61 41.81
C VAL S 23 -9.74 -43.07 40.66
N MET S 24 -10.84 -43.73 40.97
CA MET S 24 -11.73 -44.14 39.90
C MET S 24 -13.14 -44.05 40.41
N LYS S 25 -14.06 -43.71 39.51
CA LYS S 25 -15.47 -43.60 39.84
C LYS S 25 -16.27 -43.97 38.61
N PRO S 26 -17.53 -44.39 38.80
CA PRO S 26 -18.38 -44.75 37.67
C PRO S 26 -18.69 -43.44 36.92
N LEU S 27 -18.62 -43.48 35.60
CA LEU S 27 -18.86 -42.26 34.82
C LEU S 27 -20.30 -41.73 34.93
N HIS S 28 -21.27 -42.63 35.09
CA HIS S 28 -22.64 -42.19 35.15
C HIS S 28 -22.98 -41.38 36.41
N VAL S 29 -22.08 -41.43 37.38
CA VAL S 29 -22.27 -40.68 38.63
C VAL S 29 -21.75 -39.25 38.37
N LYS S 30 -22.66 -38.34 38.05
CA LYS S 30 -22.29 -36.95 37.72
C LYS S 30 -22.31 -36.02 38.94
N GLY S 31 -21.15 -35.85 39.57
CA GLY S 31 -21.05 -35.00 40.74
C GLY S 31 -19.61 -34.64 41.08
N THR S 32 -19.39 -34.11 42.28
CA THR S 32 -18.07 -33.69 42.71
C THR S 32 -17.53 -34.60 43.79
N ILE S 33 -16.27 -34.99 43.66
CA ILE S 33 -15.62 -35.83 44.64
C ILE S 33 -15.37 -34.97 45.89
N ASP S 34 -15.92 -35.44 47.02
CA ASP S 34 -15.81 -34.76 48.30
C ASP S 34 -14.36 -34.82 48.85
N HIS S 35 -13.46 -34.11 48.19
CA HIS S 35 -12.06 -34.08 48.60
C HIS S 35 -11.36 -32.90 47.93
N PRO S 36 -10.60 -32.10 48.73
CA PRO S 36 -9.89 -30.94 48.19
C PRO S 36 -8.91 -31.23 47.04
N VAL S 37 -8.19 -32.34 47.09
CA VAL S 37 -7.25 -32.66 46.02
C VAL S 37 -7.89 -33.37 44.84
N LEU S 38 -8.54 -34.50 45.10
CA LEU S 38 -9.17 -35.32 44.07
C LEU S 38 -10.20 -34.59 43.23
N SER S 39 -10.81 -33.54 43.78
CA SER S 39 -11.79 -32.78 42.99
C SER S 39 -11.12 -31.91 41.92
N LYS S 40 -9.81 -31.66 42.07
CA LYS S 40 -9.09 -30.82 41.13
C LYS S 40 -8.30 -31.59 40.07
N LEU S 41 -8.48 -32.90 40.01
CA LEU S 41 -7.79 -33.74 39.03
C LEU S 41 -8.63 -33.83 37.77
N LYS S 42 -7.98 -33.99 36.62
CA LYS S 42 -8.71 -34.11 35.36
C LYS S 42 -8.81 -35.61 35.08
N PHE S 43 -10.04 -36.09 34.92
CA PHE S 43 -10.28 -37.50 34.69
C PHE S 43 -10.29 -37.92 33.23
N THR S 44 -9.89 -39.16 33.00
CA THR S 44 -9.85 -39.78 31.70
C THR S 44 -10.95 -40.84 31.70
N LYS S 45 -11.89 -40.70 30.76
CA LYS S 45 -13.01 -41.61 30.61
C LYS S 45 -12.65 -42.98 30.04
N SER S 46 -13.30 -44.01 30.55
CA SER S 46 -13.12 -45.38 30.08
C SER S 46 -14.56 -45.82 29.89
N SER S 47 -15.23 -45.09 29.01
CA SER S 47 -16.65 -45.22 28.64
C SER S 47 -17.21 -46.61 28.44
N ALA S 48 -16.47 -47.50 27.77
CA ALA S 48 -16.95 -48.86 27.52
C ALA S 48 -17.20 -49.59 28.84
N TYR S 49 -16.56 -49.09 29.90
CA TYR S 49 -16.68 -49.69 31.23
C TYR S 49 -17.41 -48.84 32.24
N ASP S 50 -18.00 -47.74 31.78
CA ASP S 50 -18.72 -46.80 32.66
C ASP S 50 -17.81 -46.34 33.80
N MET S 51 -16.54 -46.16 33.52
CA MET S 51 -15.59 -45.71 34.55
C MET S 51 -14.89 -44.45 34.08
N GLU S 52 -14.31 -43.75 35.05
CA GLU S 52 -13.57 -42.50 34.87
C GLU S 52 -12.42 -42.57 35.89
N PHE S 53 -11.18 -42.28 35.46
CA PHE S 53 -10.03 -42.37 36.38
C PHE S 53 -8.99 -41.25 36.33
N ALA S 54 -8.20 -41.15 37.39
CA ALA S 54 -7.14 -40.16 37.50
C ALA S 54 -6.05 -40.76 38.38
N GLN S 55 -4.80 -40.32 38.18
CA GLN S 55 -3.70 -40.85 38.98
C GLN S 55 -3.79 -40.27 40.37
N LEU S 56 -3.56 -41.11 41.36
CA LEU S 56 -3.61 -40.68 42.76
C LEU S 56 -2.41 -39.84 43.13
N PRO S 57 -2.62 -38.79 43.94
CA PRO S 57 -1.47 -37.98 44.33
C PRO S 57 -0.48 -38.91 45.09
N VAL S 58 0.79 -38.54 45.13
CA VAL S 58 1.80 -39.38 45.80
C VAL S 58 1.44 -39.86 47.22
N ASN S 59 0.88 -38.96 48.04
CA ASN S 59 0.52 -39.33 49.42
C ASN S 59 -0.60 -40.39 49.56
N MET S 60 -1.47 -40.48 48.57
CA MET S 60 -2.57 -41.46 48.62
C MET S 60 -2.24 -42.82 48.05
N ARG S 61 -1.15 -42.91 47.30
CA ARG S 61 -0.76 -44.16 46.66
C ARG S 61 -0.39 -45.23 47.66
N SER S 62 -0.02 -44.80 48.86
CA SER S 62 0.42 -45.70 49.93
C SER S 62 -0.59 -46.76 50.31
N GLU S 63 -1.69 -46.35 50.94
CA GLU S 63 -2.69 -47.31 51.36
C GLU S 63 -3.88 -47.49 50.44
N ALA S 64 -3.69 -47.26 49.15
CA ALA S 64 -4.76 -47.43 48.18
C ALA S 64 -5.19 -48.91 48.21
N PHE S 65 -6.41 -49.20 47.80
CA PHE S 65 -6.89 -50.59 47.80
C PHE S 65 -6.10 -51.45 46.85
N THR S 66 -5.98 -52.73 47.18
CA THR S 66 -5.31 -53.71 46.33
C THR S 66 -6.42 -54.49 45.59
N TYR S 67 -6.26 -54.70 44.29
CA TYR S 67 -7.25 -55.46 43.53
C TYR S 67 -6.76 -56.87 43.24
N THR S 68 -7.68 -57.84 43.24
CA THR S 68 -7.35 -59.23 42.89
C THR S 68 -8.41 -59.79 41.94
N SER S 69 -7.92 -60.45 40.88
CA SER S 69 -8.79 -61.07 39.89
C SER S 69 -9.14 -62.49 40.35
N GLU S 70 -8.47 -62.96 41.39
CA GLU S 70 -8.76 -64.29 41.91
C GLU S 70 -9.85 -64.15 42.95
N HIS S 71 -11.04 -64.60 42.59
CA HIS S 71 -12.20 -64.55 43.47
C HIS S 71 -13.18 -65.65 43.13
N PRO S 72 -12.90 -66.87 43.63
CA PRO S 72 -13.73 -68.07 43.41
C PRO S 72 -15.12 -67.94 44.01
N GLU S 73 -16.02 -68.84 43.62
CA GLU S 73 -17.39 -68.81 44.11
C GLU S 73 -17.42 -68.82 45.61
N GLY S 74 -18.37 -68.10 46.17
CA GLY S 74 -18.50 -68.03 47.60
C GLY S 74 -19.11 -66.73 48.06
N PHE S 75 -18.80 -66.36 49.29
CA PHE S 75 -19.34 -65.16 49.89
C PHE S 75 -18.32 -64.07 50.10
N TYR S 76 -18.70 -62.90 49.62
CA TYR S 76 -17.90 -61.70 49.71
C TYR S 76 -18.67 -60.70 50.57
N ASN S 77 -18.19 -59.47 50.66
CA ASN S 77 -18.86 -58.47 51.47
C ASN S 77 -18.72 -57.09 50.87
N TRP S 78 -19.66 -56.22 51.15
CA TRP S 78 -19.61 -54.85 50.72
C TRP S 78 -20.28 -54.09 51.83
N HIS S 79 -20.36 -52.79 51.68
CA HIS S 79 -20.94 -51.96 52.71
C HIS S 79 -22.27 -52.41 53.33
N HIS S 80 -23.17 -52.96 52.52
CA HIS S 80 -24.50 -53.37 53.00
C HIS S 80 -24.72 -54.82 53.42
N GLY S 81 -23.66 -55.62 53.48
CA GLY S 81 -23.82 -56.99 53.89
C GLY S 81 -23.06 -58.00 53.05
N ALA S 82 -23.52 -59.25 53.14
CA ALA S 82 -22.92 -60.35 52.42
C ALA S 82 -23.26 -60.25 50.97
N VAL S 83 -22.32 -60.72 50.14
CA VAL S 83 -22.49 -60.70 48.70
C VAL S 83 -22.13 -62.12 48.27
N GLN S 84 -22.96 -62.71 47.42
CA GLN S 84 -22.70 -64.05 46.94
C GLN S 84 -22.17 -63.95 45.53
N TYR S 85 -21.17 -64.76 45.23
CA TYR S 85 -20.60 -64.82 43.90
C TYR S 85 -20.73 -66.25 43.42
N SER S 86 -21.53 -66.47 42.38
CA SER S 86 -21.77 -67.80 41.86
C SER S 86 -22.16 -67.73 40.39
N GLY S 87 -21.75 -68.71 39.61
CA GLY S 87 -22.08 -68.72 38.18
C GLY S 87 -21.67 -67.43 37.52
N GLY S 88 -20.51 -66.89 37.93
CA GLY S 88 -20.02 -65.64 37.37
C GLY S 88 -20.82 -64.38 37.73
N ARG S 89 -21.68 -64.46 38.73
CA ARG S 89 -22.48 -63.29 39.12
C ARG S 89 -22.45 -63.00 40.61
N PHE S 90 -22.41 -61.70 40.93
CA PHE S 90 -22.43 -61.22 42.31
C PHE S 90 -23.89 -60.84 42.62
N THR S 91 -24.49 -61.48 43.61
CA THR S 91 -25.88 -61.19 44.01
C THR S 91 -25.96 -60.79 45.46
N ILE S 92 -26.96 -59.96 45.74
CA ILE S 92 -27.23 -59.48 47.09
C ILE S 92 -28.74 -59.64 47.29
N PRO S 93 -29.21 -59.52 48.55
CA PRO S 93 -30.65 -59.66 48.81
C PRO S 93 -31.41 -58.50 48.15
N ARG S 94 -32.68 -58.72 47.82
CA ARG S 94 -33.50 -57.69 47.19
C ARG S 94 -33.83 -56.60 48.21
N GLY S 95 -33.87 -55.36 47.75
CA GLY S 95 -34.19 -54.25 48.62
C GLY S 95 -33.07 -53.81 49.55
N VAL S 96 -31.83 -54.11 49.17
CA VAL S 96 -30.69 -53.75 50.00
C VAL S 96 -29.81 -52.67 49.36
N GLY S 97 -29.56 -52.79 48.04
CA GLY S 97 -28.73 -51.80 47.37
C GLY S 97 -29.52 -50.84 46.51
N GLY S 98 -29.04 -49.61 46.38
CA GLY S 98 -29.75 -48.63 45.59
C GLY S 98 -28.98 -47.33 45.32
N ARG S 99 -29.74 -46.25 45.17
CA ARG S 99 -29.18 -44.93 44.88
C ARG S 99 -28.04 -44.56 45.81
N GLY S 100 -26.94 -44.16 45.19
CA GLY S 100 -25.77 -43.73 45.93
C GLY S 100 -24.71 -44.80 46.09
N ASP S 101 -25.10 -46.05 45.85
CA ASP S 101 -24.19 -47.19 46.02
C ASP S 101 -23.24 -47.45 44.87
N SER S 102 -23.39 -46.74 43.76
CA SER S 102 -22.48 -46.95 42.64
C SER S 102 -21.09 -46.38 43.01
N GLY S 103 -20.06 -47.21 42.84
CA GLY S 103 -18.72 -46.79 43.17
C GLY S 103 -18.16 -47.61 44.32
N ARG S 104 -19.04 -48.25 45.07
CA ARG S 104 -18.67 -49.07 46.24
C ARG S 104 -18.00 -50.35 45.79
N PRO S 105 -16.95 -50.78 46.53
CA PRO S 105 -16.23 -52.03 46.19
C PRO S 105 -16.83 -53.28 46.81
N ILE S 106 -16.53 -54.42 46.20
CA ILE S 106 -16.95 -55.69 46.76
C ILE S 106 -15.61 -56.19 47.26
N MET S 107 -15.56 -56.55 48.54
CA MET S 107 -14.33 -57.00 49.21
C MET S 107 -14.32 -58.46 49.51
N ASP S 108 -13.12 -59.00 49.60
CA ASP S 108 -12.93 -60.41 49.94
C ASP S 108 -12.47 -60.48 51.43
N ASN S 109 -12.24 -61.69 51.94
CA ASN S 109 -11.83 -61.88 53.32
C ASN S 109 -10.45 -61.38 53.69
N SER S 110 -9.70 -60.83 52.74
CA SER S 110 -8.38 -60.31 53.08
C SER S 110 -8.26 -58.80 52.89
N GLY S 111 -9.38 -58.11 52.72
CA GLY S 111 -9.31 -56.66 52.54
C GLY S 111 -8.94 -56.20 51.14
N ARG S 112 -9.01 -57.11 50.17
CA ARG S 112 -8.71 -56.80 48.75
C ARG S 112 -10.02 -56.55 48.01
N VAL S 113 -9.94 -55.75 46.96
CA VAL S 113 -11.11 -55.43 46.13
C VAL S 113 -11.26 -56.44 44.99
N VAL S 114 -12.48 -56.97 44.87
CA VAL S 114 -12.85 -57.99 43.91
C VAL S 114 -13.72 -57.48 42.75
N ALA S 115 -14.34 -56.33 42.93
CA ALA S 115 -15.20 -55.77 41.92
C ALA S 115 -15.69 -54.41 42.38
N ILE S 116 -16.21 -53.65 41.41
CA ILE S 116 -16.78 -52.35 41.65
C ILE S 116 -18.24 -52.39 41.17
N VAL S 117 -19.16 -52.03 42.06
CA VAL S 117 -20.61 -51.97 41.79
C VAL S 117 -21.00 -50.72 40.96
N LEU S 118 -21.71 -50.95 39.86
CA LEU S 118 -22.17 -49.89 38.99
C LEU S 118 -23.65 -49.69 39.16
N GLY S 119 -24.33 -50.78 39.52
CA GLY S 119 -25.77 -50.76 39.74
C GLY S 119 -26.25 -52.19 39.93
N GLY S 120 -27.54 -52.42 39.73
CA GLY S 120 -28.06 -53.76 39.91
C GLY S 120 -29.36 -54.05 39.19
N ALA S 121 -29.70 -55.32 39.13
CA ALA S 121 -30.91 -55.78 38.48
C ALA S 121 -31.74 -56.59 39.47
N ASP S 122 -32.82 -55.94 39.89
CA ASP S 122 -33.80 -56.53 40.79
C ASP S 122 -34.43 -57.71 40.01
N GLU S 123 -34.13 -58.93 40.43
CA GLU S 123 -34.66 -60.13 39.77
C GLU S 123 -35.72 -60.76 40.67
N GLY S 124 -36.53 -59.90 41.29
CA GLY S 124 -37.58 -60.38 42.16
C GLY S 124 -37.09 -60.97 43.47
N THR S 125 -36.42 -62.11 43.40
CA THR S 125 -35.94 -62.76 44.62
C THR S 125 -34.60 -62.23 45.13
N ARG S 126 -33.67 -62.00 44.20
CA ARG S 126 -32.35 -61.48 44.54
C ARG S 126 -32.05 -60.35 43.59
N THR S 127 -31.03 -59.57 43.92
CA THR S 127 -30.59 -58.47 43.09
C THR S 127 -29.19 -58.80 42.49
N ALA S 128 -29.14 -58.89 41.16
CA ALA S 128 -27.90 -59.19 40.46
C ALA S 128 -27.14 -57.89 40.21
N LEU S 129 -25.84 -57.87 40.48
CA LEU S 129 -25.09 -56.62 40.32
C LEU S 129 -24.38 -56.45 38.99
N SER S 130 -24.32 -55.18 38.55
CA SER S 130 -23.58 -54.80 37.35
C SER S 130 -22.25 -54.39 37.98
N VAL S 131 -21.16 -55.00 37.54
CA VAL S 131 -19.86 -54.75 38.15
C VAL S 131 -18.70 -54.57 37.19
N VAL S 132 -17.65 -53.89 37.66
CA VAL S 132 -16.44 -53.71 36.87
C VAL S 132 -15.43 -54.59 37.57
N THR S 133 -14.74 -55.43 36.80
CA THR S 133 -13.70 -56.30 37.33
C THR S 133 -12.54 -56.22 36.34
N TRP S 134 -11.48 -56.96 36.65
CA TRP S 134 -10.27 -57.04 35.84
C TRP S 134 -9.85 -58.51 35.81
N ASN S 135 -9.31 -58.97 34.68
CA ASN S 135 -8.85 -60.37 34.65
C ASN S 135 -7.38 -60.51 35.06
N SER S 136 -6.81 -61.70 34.94
CA SER S 136 -5.42 -61.92 35.36
C SER S 136 -4.42 -60.99 34.71
N LYS S 137 -4.66 -60.66 33.44
CA LYS S 137 -3.76 -59.79 32.70
C LYS S 137 -4.02 -58.31 33.01
N GLY S 138 -5.03 -58.04 33.82
CA GLY S 138 -5.34 -56.67 34.17
C GLY S 138 -6.24 -55.97 33.20
N LYS S 139 -6.93 -56.75 32.36
CA LYS S 139 -7.85 -56.19 31.38
C LYS S 139 -9.22 -55.89 32.03
N THR S 140 -9.76 -54.71 31.71
CA THR S 140 -11.05 -54.29 32.25
C THR S 140 -12.19 -55.10 31.66
N ILE S 141 -13.16 -55.43 32.51
CA ILE S 141 -14.35 -56.19 32.14
C ILE S 141 -15.53 -55.49 32.80
N LYS S 142 -16.67 -55.45 32.10
CA LYS S 142 -17.89 -54.86 32.64
C LYS S 142 -18.98 -55.88 32.43
N THR S 143 -19.55 -56.39 33.51
CA THR S 143 -20.62 -57.37 33.41
C THR S 143 -21.93 -56.73 33.82
N THR S 144 -22.93 -56.82 32.96
CA THR S 144 -24.23 -56.22 33.24
C THR S 144 -25.41 -57.16 33.05
N PRO S 145 -26.16 -57.46 34.12
CA PRO S 145 -27.33 -58.35 34.03
C PRO S 145 -28.47 -57.59 33.33
N GLU S 146 -29.39 -58.31 32.67
CA GLU S 146 -30.52 -57.65 32.03
C GLU S 146 -31.40 -57.10 33.16
N GLY S 147 -31.95 -55.91 32.95
CA GLY S 147 -32.79 -55.34 33.97
C GLY S 147 -32.00 -54.45 34.89
N THR S 148 -30.73 -54.27 34.57
CA THR S 148 -29.86 -53.43 35.39
C THR S 148 -30.24 -51.97 35.34
N GLU S 149 -30.26 -51.37 36.52
CA GLU S 149 -30.56 -49.97 36.69
C GLU S 149 -29.28 -49.38 37.31
N GLU S 150 -28.68 -48.40 36.64
CA GLU S 150 -27.47 -47.76 37.13
C GLU S 150 -27.83 -46.87 38.29
N TRP S 151 -27.54 -47.33 39.50
CA TRP S 151 -27.87 -46.60 40.71
C TRP S 151 -27.44 -45.13 40.72
N ARG T 1 -37.77 -22.66 60.78
CA ARG T 1 -38.76 -21.92 59.99
C ARG T 1 -38.46 -20.45 60.05
N LEU T 2 -37.39 -20.12 60.76
CA LEU T 2 -36.94 -18.75 60.94
C LEU T 2 -35.51 -18.84 60.56
N PHE T 3 -35.07 -17.85 59.80
CA PHE T 3 -33.72 -17.78 59.28
C PHE T 3 -33.15 -16.40 59.54
N ASP T 4 -31.84 -16.34 59.78
CA ASP T 4 -31.16 -15.09 60.03
C ASP T 4 -30.95 -14.26 58.75
N VAL T 5 -31.00 -12.96 58.89
CA VAL T 5 -30.70 -12.07 57.79
C VAL T 5 -29.42 -11.41 58.32
N LYS T 6 -28.31 -11.58 57.61
CA LYS T 6 -27.02 -11.05 58.01
C LYS T 6 -26.53 -9.84 57.22
N ASN T 7 -25.77 -8.97 57.88
CA ASN T 7 -25.23 -7.81 57.22
C ASN T 7 -23.93 -8.24 56.54
N GLU T 8 -23.19 -7.33 55.91
CA GLU T 8 -21.94 -7.73 55.25
C GLU T 8 -20.90 -8.23 56.24
N ASP T 9 -21.05 -7.83 57.49
CA ASP T 9 -20.12 -8.21 58.53
C ASP T 9 -20.55 -9.52 59.20
N GLY T 10 -21.59 -10.14 58.65
CA GLY T 10 -22.07 -11.39 59.19
C GLY T 10 -22.99 -11.29 60.39
N ASP T 11 -23.17 -10.10 60.93
CA ASP T 11 -24.04 -9.92 62.09
C ASP T 11 -25.53 -10.02 61.74
N VAL T 12 -26.30 -10.59 62.66
CA VAL T 12 -27.75 -10.77 62.48
C VAL T 12 -28.50 -9.45 62.70
N ILE T 13 -29.09 -8.94 61.64
CA ILE T 13 -29.82 -7.69 61.69
C ILE T 13 -31.34 -7.86 61.50
N GLY T 14 -31.80 -9.11 61.46
CA GLY T 14 -33.20 -9.37 61.26
C GLY T 14 -33.46 -10.84 60.94
N HIS T 15 -34.72 -11.17 60.66
CA HIS T 15 -35.15 -12.55 60.39
C HIS T 15 -36.16 -12.67 59.26
N ALA T 16 -36.13 -13.84 58.63
CA ALA T 16 -37.00 -14.23 57.55
C ALA T 16 -37.78 -15.40 58.13
N LEU T 17 -38.98 -15.60 57.64
CA LEU T 17 -39.88 -16.61 58.17
C LEU T 17 -40.55 -17.42 57.06
N ALA T 18 -40.67 -18.73 57.28
CA ALA T 18 -41.30 -19.63 56.32
C ALA T 18 -42.69 -19.77 56.90
N MET T 19 -43.68 -19.24 56.19
CA MET T 19 -45.05 -19.28 56.68
C MET T 19 -46.02 -19.23 55.51
N GLU T 20 -47.09 -20.02 55.60
CA GLU T 20 -48.11 -20.07 54.56
C GLU T 20 -47.61 -20.15 53.09
N GLY T 21 -46.65 -21.02 52.84
CA GLY T 21 -46.16 -21.18 51.49
C GLY T 21 -45.07 -20.25 51.02
N LYS T 22 -44.69 -19.28 51.85
CA LYS T 22 -43.63 -18.39 51.43
C LYS T 22 -42.63 -17.94 52.48
N VAL T 23 -41.52 -17.41 51.98
CA VAL T 23 -40.48 -16.86 52.82
C VAL T 23 -40.86 -15.38 52.87
N MET T 24 -40.77 -14.77 54.04
CA MET T 24 -41.10 -13.36 54.12
C MET T 24 -40.20 -12.72 55.14
N LYS T 25 -39.83 -11.47 54.89
CA LYS T 25 -38.98 -10.72 55.77
C LYS T 25 -39.37 -9.25 55.69
N PRO T 26 -39.06 -8.48 56.72
CA PRO T 26 -39.38 -7.05 56.70
C PRO T 26 -38.46 -6.41 55.65
N LEU T 27 -39.00 -5.52 54.84
CA LEU T 27 -38.20 -4.89 53.79
C LEU T 27 -37.07 -3.99 54.33
N HIS T 28 -37.30 -3.36 55.46
CA HIS T 28 -36.28 -2.46 55.99
C HIS T 28 -35.02 -3.17 56.47
N VAL T 29 -35.10 -4.49 56.61
CA VAL T 29 -33.96 -5.29 57.03
C VAL T 29 -33.13 -5.59 55.76
N LYS T 30 -32.10 -4.79 55.53
CA LYS T 30 -31.26 -4.92 54.33
C LYS T 30 -30.04 -5.84 54.54
N GLY T 31 -30.20 -7.12 54.19
CA GLY T 31 -29.12 -8.08 54.35
C GLY T 31 -29.37 -9.36 53.57
N THR T 32 -28.60 -10.41 53.87
CA THR T 32 -28.71 -11.68 53.17
C THR T 32 -29.29 -12.74 54.07
N ILE T 33 -30.22 -13.51 53.52
CA ILE T 33 -30.84 -14.59 54.27
C ILE T 33 -29.80 -15.72 54.40
N ASP T 34 -29.51 -16.08 55.64
CA ASP T 34 -28.55 -17.12 55.97
C ASP T 34 -29.06 -18.52 55.56
N HIS T 35 -29.13 -18.75 54.26
CA HIS T 35 -29.60 -20.03 53.74
C HIS T 35 -29.20 -20.16 52.26
N PRO T 36 -28.61 -21.30 51.87
CA PRO T 36 -28.19 -21.52 50.48
C PRO T 36 -29.29 -21.37 49.41
N VAL T 37 -30.50 -21.84 49.71
CA VAL T 37 -31.59 -21.73 48.73
C VAL T 37 -32.30 -20.38 48.77
N LEU T 38 -32.83 -20.03 49.95
CA LEU T 38 -33.59 -18.78 50.13
C LEU T 38 -32.84 -17.53 49.75
N SER T 39 -31.51 -17.56 49.82
CA SER T 39 -30.73 -16.39 49.42
C SER T 39 -30.73 -16.17 47.90
N LYS T 40 -31.07 -17.21 47.13
CA LYS T 40 -31.06 -17.13 45.68
C LYS T 40 -32.44 -16.88 45.06
N LEU T 41 -33.43 -16.61 45.89
CA LEU T 41 -34.80 -16.34 45.41
C LEU T 41 -34.95 -14.86 45.14
N LYS T 42 -35.80 -14.49 44.18
CA LYS T 42 -36.03 -13.07 43.89
C LYS T 42 -37.29 -12.70 44.64
N PHE T 43 -37.19 -11.67 45.49
CA PHE T 43 -38.30 -11.24 46.29
C PHE T 43 -39.17 -10.17 45.66
N THR T 44 -40.44 -10.20 46.03
CA THR T 44 -41.44 -9.26 45.58
C THR T 44 -41.81 -8.40 46.78
N LYS T 45 -41.60 -7.09 46.64
CA LYS T 45 -41.89 -6.12 47.69
C LYS T 45 -43.38 -5.87 47.94
N SER T 46 -43.72 -5.68 49.21
CA SER T 46 -45.09 -5.37 49.61
C SER T 46 -44.85 -4.18 50.54
N SER T 47 -44.28 -3.15 49.93
CA SER T 47 -43.88 -1.88 50.56
C SER T 47 -44.82 -1.23 51.55
N ALA T 48 -46.12 -1.21 51.25
CA ALA T 48 -47.10 -0.59 52.16
C ALA T 48 -47.10 -1.29 53.52
N TYR T 49 -46.59 -2.53 53.53
CA TYR T 49 -46.53 -3.33 54.75
C TYR T 49 -45.13 -3.60 55.26
N ASP T 50 -44.14 -2.94 54.66
CA ASP T 50 -42.74 -3.12 55.04
C ASP T 50 -42.35 -4.60 54.98
N MET T 51 -42.89 -5.33 54.01
CA MET T 51 -42.58 -6.74 53.85
C MET T 51 -42.06 -7.02 52.46
N GLU T 52 -41.39 -8.15 52.33
CA GLU T 52 -40.79 -8.65 51.10
C GLU T 52 -40.99 -10.17 51.13
N PHE T 53 -41.48 -10.77 50.04
CA PHE T 53 -41.74 -12.22 50.03
C PHE T 53 -41.31 -13.01 48.78
N ALA T 54 -41.21 -14.32 48.94
CA ALA T 54 -40.85 -15.22 47.85
C ALA T 54 -41.51 -16.57 48.14
N GLN T 55 -41.81 -17.35 47.10
CA GLN T 55 -42.44 -18.64 47.29
C GLN T 55 -41.41 -19.60 47.86
N LEU T 56 -41.83 -20.40 48.82
CA LEU T 56 -40.95 -21.37 49.45
C LEU T 56 -40.68 -22.55 48.53
N PRO T 57 -39.44 -23.04 48.53
CA PRO T 57 -39.15 -24.21 47.67
C PRO T 57 -40.09 -25.36 48.14
N VAL T 58 -40.35 -26.33 47.26
CA VAL T 58 -41.24 -27.45 47.60
C VAL T 58 -40.94 -28.14 48.95
N ASN T 59 -39.66 -28.40 49.22
CA ASN T 59 -39.28 -29.07 50.47
C ASN T 59 -39.58 -28.31 51.78
N MET T 60 -39.61 -26.98 51.70
CA MET T 60 -39.90 -26.18 52.89
C MET T 60 -41.36 -25.90 53.17
N ARG T 61 -42.20 -26.14 52.17
CA ARG T 61 -43.62 -25.88 52.30
C ARG T 61 -44.30 -26.75 53.32
N SER T 62 -43.67 -27.89 53.60
CA SER T 62 -44.21 -28.88 54.53
C SER T 62 -44.47 -28.34 55.93
N GLU T 63 -43.40 -28.05 56.67
CA GLU T 63 -43.56 -27.57 58.02
C GLU T 63 -43.51 -26.05 58.22
N ALA T 64 -43.89 -25.31 57.19
CA ALA T 64 -43.88 -23.84 57.29
C ALA T 64 -44.89 -23.45 58.39
N PHE T 65 -44.71 -22.27 58.98
CA PHE T 65 -45.62 -21.84 60.04
C PHE T 65 -47.03 -21.65 59.53
N THR T 66 -48.00 -21.87 60.42
CA THR T 66 -49.41 -21.67 60.10
C THR T 66 -49.81 -20.31 60.71
N TYR T 67 -50.53 -19.49 59.95
CA TYR T 67 -50.97 -18.20 60.47
C TYR T 67 -52.45 -18.22 60.85
N THR T 68 -52.82 -17.50 61.91
CA THR T 68 -54.21 -17.39 62.32
C THR T 68 -54.54 -15.92 62.65
N SER T 69 -55.68 -15.46 62.13
CA SER T 69 -56.16 -14.11 62.35
C SER T 69 -56.97 -14.08 63.65
N GLU T 70 -57.29 -15.25 64.19
CA GLU T 70 -58.03 -15.30 65.43
C GLU T 70 -57.04 -15.27 66.58
N HIS T 71 -57.00 -14.14 67.27
CA HIS T 71 -56.09 -13.95 68.39
C HIS T 71 -56.67 -12.94 69.36
N PRO T 72 -57.61 -13.38 70.22
CA PRO T 72 -58.27 -12.55 71.23
C PRO T 72 -57.30 -12.00 72.28
N GLU T 73 -57.78 -11.02 73.04
CA GLU T 73 -56.95 -10.40 74.07
C GLU T 73 -56.39 -11.44 75.01
N GLY T 74 -55.17 -11.21 75.43
CA GLY T 74 -54.52 -12.14 76.33
C GLY T 74 -53.02 -12.13 76.19
N PHE T 75 -52.41 -13.24 76.55
CA PHE T 75 -50.97 -13.37 76.52
C PHE T 75 -50.47 -14.33 75.46
N TYR T 76 -49.53 -13.81 74.69
CA TYR T 76 -48.90 -14.54 73.62
C TYR T 76 -47.42 -14.67 73.99
N ASN T 77 -46.60 -15.17 73.06
CA ASN T 77 -45.19 -15.34 73.33
C ASN T 77 -44.36 -15.14 72.09
N TRP T 78 -43.11 -14.73 72.27
CA TRP T 78 -42.19 -14.57 71.17
C TRP T 78 -40.85 -14.95 71.76
N HIS T 79 -39.82 -14.88 70.97
CA HIS T 79 -38.51 -15.26 71.42
C HIS T 79 -38.04 -14.72 72.78
N HIS T 80 -38.38 -13.47 73.10
CA HIS T 80 -37.92 -12.84 74.34
C HIS T 80 -38.85 -12.86 75.57
N GLY T 81 -39.95 -13.59 75.49
CA GLY T 81 -40.84 -13.66 76.63
C GLY T 81 -42.30 -13.53 76.30
N ALA T 82 -43.07 -13.17 77.31
CA ALA T 82 -44.51 -13.00 77.21
C ALA T 82 -44.82 -11.75 76.44
N VAL T 83 -45.92 -11.80 75.71
CA VAL T 83 -46.37 -10.66 74.91
C VAL T 83 -47.83 -10.50 75.27
N GLN T 84 -48.24 -9.27 75.54
CA GLN T 84 -49.62 -9.01 75.89
C GLN T 84 -50.31 -8.40 74.69
N TYR T 85 -51.54 -8.83 74.44
CA TYR T 85 -52.32 -8.30 73.36
C TYR T 85 -53.60 -7.76 73.98
N SER T 86 -53.80 -6.44 73.91
CA SER T 86 -54.96 -5.80 74.49
C SER T 86 -55.25 -4.50 73.76
N GLY T 87 -56.54 -4.16 73.63
CA GLY T 87 -56.92 -2.93 72.96
C GLY T 87 -56.30 -2.84 71.57
N GLY T 88 -56.24 -3.99 70.89
CA GLY T 88 -55.65 -4.04 69.56
C GLY T 88 -54.14 -3.85 69.48
N ARG T 89 -53.44 -3.93 70.60
CA ARG T 89 -52.00 -3.73 70.59
C ARG T 89 -51.22 -4.81 71.30
N PHE T 90 -50.06 -5.17 70.73
CA PHE T 90 -49.16 -6.16 71.29
C PHE T 90 -48.07 -5.39 72.05
N THR T 91 -47.96 -5.60 73.36
CA THR T 91 -46.94 -4.92 74.17
C THR T 91 -46.04 -5.92 74.87
N ILE T 92 -44.81 -5.49 75.09
CA ILE T 92 -43.80 -6.28 75.78
C ILE T 92 -43.16 -5.33 76.81
N PRO T 93 -42.39 -5.89 77.77
CA PRO T 93 -41.74 -5.06 78.78
C PRO T 93 -40.71 -4.15 78.11
N ARG T 94 -40.43 -3.00 78.73
CA ARG T 94 -39.45 -2.05 78.19
C ARG T 94 -38.05 -2.63 78.35
N GLY T 95 -37.18 -2.37 77.39
CA GLY T 95 -35.82 -2.84 77.44
C GLY T 95 -35.64 -4.32 77.14
N VAL T 96 -36.58 -4.91 76.42
CA VAL T 96 -36.51 -6.33 76.09
C VAL T 96 -36.27 -6.57 74.59
N GLY T 97 -36.96 -5.82 73.73
CA GLY T 97 -36.80 -6.01 72.30
C GLY T 97 -35.96 -4.92 71.65
N GLY T 98 -35.24 -5.26 70.60
CA GLY T 98 -34.41 -4.29 69.92
C GLY T 98 -33.81 -4.74 68.61
N ARG T 99 -32.65 -4.19 68.29
CA ARG T 99 -31.94 -4.47 67.03
C ARG T 99 -31.82 -5.96 66.77
N GLY T 100 -32.22 -6.34 65.56
CA GLY T 100 -32.15 -7.71 65.13
C GLY T 100 -33.43 -8.49 65.29
N ASP T 101 -34.36 -7.95 66.07
CA ASP T 101 -35.63 -8.63 66.34
C ASP T 101 -36.70 -8.46 65.29
N SER T 102 -36.46 -7.64 64.28
CA SER T 102 -37.46 -7.48 63.22
C SER T 102 -37.50 -8.76 62.36
N GLY T 103 -38.70 -9.31 62.18
CA GLY T 103 -38.85 -10.52 61.42
C GLY T 103 -39.35 -11.66 62.28
N ARG T 104 -39.19 -11.51 63.60
CA ARG T 104 -39.59 -12.53 64.57
C ARG T 104 -41.10 -12.59 64.69
N PRO T 105 -41.65 -13.82 64.83
CA PRO T 105 -43.11 -13.99 64.95
C PRO T 105 -43.63 -13.90 66.38
N ILE T 106 -44.91 -13.60 66.51
CA ILE T 106 -45.55 -13.60 67.81
C ILE T 106 -46.37 -14.86 67.68
N MET T 107 -46.22 -15.77 68.65
CA MET T 107 -46.90 -17.06 68.64
C MET T 107 -47.98 -17.17 69.68
N ASP T 108 -48.94 -18.05 69.40
CA ASP T 108 -50.02 -18.31 70.32
C ASP T 108 -49.75 -19.67 71.01
N ASN T 109 -50.65 -20.09 71.90
CA ASN T 109 -50.48 -21.35 72.64
C ASN T 109 -50.56 -22.63 71.82
N SER T 110 -50.81 -22.53 70.52
CA SER T 110 -50.87 -23.74 69.70
C SER T 110 -49.76 -23.81 68.64
N GLY T 111 -48.77 -22.95 68.75
CA GLY T 111 -47.70 -22.98 67.77
C GLY T 111 -48.00 -22.30 66.44
N ARG T 112 -49.06 -21.48 66.41
CA ARG T 112 -49.47 -20.74 65.21
C ARG T 112 -48.95 -19.31 65.33
N VAL T 113 -48.71 -18.68 64.18
CA VAL T 113 -48.23 -17.30 64.12
C VAL T 113 -49.41 -16.31 64.09
N VAL T 114 -49.32 -15.33 64.99
CA VAL T 114 -50.33 -14.31 65.20
C VAL T 114 -49.95 -12.91 64.66
N ALA T 115 -48.66 -12.70 64.45
CA ALA T 115 -48.19 -11.42 63.98
C ALA T 115 -46.70 -11.50 63.73
N ILE T 116 -46.20 -10.51 62.99
CA ILE T 116 -44.79 -10.38 62.68
C ILE T 116 -44.34 -9.02 63.19
N VAL T 117 -43.29 -9.01 64.03
CA VAL T 117 -42.69 -7.81 64.61
C VAL T 117 -41.81 -7.04 63.60
N LEU T 118 -42.07 -5.75 63.46
CA LEU T 118 -41.34 -4.89 62.54
C LEU T 118 -40.42 -3.98 63.35
N GLY T 119 -40.86 -3.67 64.56
CA GLY T 119 -40.12 -2.81 65.46
C GLY T 119 -40.98 -2.50 66.66
N GLY T 120 -40.65 -1.42 67.37
CA GLY T 120 -41.43 -1.08 68.55
C GLY T 120 -41.34 0.37 68.97
N ALA T 121 -42.23 0.75 69.86
CA ALA T 121 -42.30 2.09 70.39
C ALA T 121 -42.21 2.05 71.91
N ASP T 122 -41.04 2.46 72.38
CA ASP T 122 -40.74 2.57 73.80
C ASP T 122 -41.69 3.66 74.35
N GLU T 123 -42.66 3.25 75.15
CA GLU T 123 -43.63 4.17 75.73
C GLU T 123 -43.33 4.34 77.21
N GLY T 124 -42.04 4.42 77.53
CA GLY T 124 -41.61 4.58 78.91
C GLY T 124 -41.84 3.35 79.78
N THR T 125 -43.09 3.01 80.05
CA THR T 125 -43.39 1.88 80.90
C THR T 125 -43.39 0.53 80.17
N ARG T 126 -43.97 0.50 78.98
CA ARG T 126 -44.03 -0.70 78.17
C ARG T 126 -43.59 -0.34 76.77
N THR T 127 -43.31 -1.36 75.96
CA THR T 127 -42.93 -1.17 74.58
C THR T 127 -44.05 -1.71 73.66
N ALA T 128 -44.64 -0.80 72.87
CA ALA T 128 -45.70 -1.16 71.95
C ALA T 128 -45.08 -1.62 70.62
N LEU T 129 -45.56 -2.73 70.08
CA LEU T 129 -44.95 -3.24 68.85
C LEU T 129 -45.62 -2.83 67.56
N SER T 130 -44.80 -2.66 66.52
CA SER T 130 -45.26 -2.37 65.18
C SER T 130 -45.30 -3.77 64.59
N VAL T 131 -46.46 -4.19 64.09
CA VAL T 131 -46.62 -5.56 63.61
C VAL T 131 -47.37 -5.72 62.29
N VAL T 132 -47.11 -6.84 61.62
CA VAL T 132 -47.82 -7.15 60.38
C VAL T 132 -48.73 -8.29 60.77
N THR T 133 -50.01 -8.17 60.41
CA THR T 133 -51.00 -9.21 60.68
C THR T 133 -51.82 -9.34 59.41
N TRP T 134 -52.79 -10.26 59.45
CA TRP T 134 -53.71 -10.53 58.36
C TRP T 134 -55.10 -10.69 58.95
N ASN T 135 -56.13 -10.25 58.26
CA ASN T 135 -57.50 -10.44 58.79
C ASN T 135 -58.12 -11.76 58.33
N SER T 136 -59.39 -11.98 58.65
CA SER T 136 -60.05 -13.24 58.28
C SER T 136 -60.00 -13.56 56.79
N LYS T 137 -60.09 -12.53 55.96
CA LYS T 137 -60.06 -12.70 54.53
C LYS T 137 -58.64 -12.85 53.99
N GLY T 138 -57.66 -12.73 54.87
CA GLY T 138 -56.27 -12.87 54.46
C GLY T 138 -55.65 -11.60 53.95
N LYS T 139 -56.28 -10.46 54.25
CA LYS T 139 -55.77 -9.17 53.85
C LYS T 139 -54.66 -8.68 54.80
N THR T 140 -53.58 -8.17 54.21
CA THR T 140 -52.45 -7.66 54.98
C THR T 140 -52.80 -6.38 55.72
N ILE T 141 -52.30 -6.27 56.96
CA ILE T 141 -52.52 -5.11 57.81
C ILE T 141 -51.16 -4.79 58.45
N LYS T 142 -50.87 -3.51 58.61
CA LYS T 142 -49.65 -3.08 59.26
C LYS T 142 -50.05 -2.06 60.32
N THR T 143 -49.81 -2.38 61.58
CA THR T 143 -50.15 -1.48 62.67
C THR T 143 -48.89 -0.90 63.25
N THR T 144 -48.82 0.43 63.33
CA THR T 144 -47.63 1.09 63.85
C THR T 144 -47.92 2.15 64.91
N PRO T 145 -47.43 1.94 66.15
CA PRO T 145 -47.65 2.90 67.24
C PRO T 145 -46.78 4.13 67.00
N GLU T 146 -47.19 5.30 67.51
CA GLU T 146 -46.36 6.51 67.36
C GLU T 146 -45.10 6.29 68.19
N GLY T 147 -43.97 6.73 67.67
CA GLY T 147 -42.74 6.57 68.42
C GLY T 147 -42.05 5.29 68.03
N THR T 148 -42.59 4.60 67.03
CA THR T 148 -42.01 3.34 66.58
C THR T 148 -40.68 3.53 65.90
N GLU T 149 -39.75 2.67 66.29
CA GLU T 149 -38.42 2.66 65.73
C GLU T 149 -38.29 1.27 65.07
N GLU T 150 -38.02 1.24 63.78
CA GLU T 150 -37.87 -0.02 63.05
C GLU T 150 -36.55 -0.64 63.43
N TRP T 151 -36.63 -1.66 64.28
CA TRP T 151 -35.43 -2.34 64.77
C TRP T 151 -34.43 -2.76 63.68
#